data_5QJ2
#
_entry.id   5QJ2
#
_cell.length_a   143.817
_cell.length_b   150.949
_cell.length_c   233.104
_cell.angle_alpha   90.000
_cell.angle_beta   90.000
_cell.angle_gamma   90.000
#
_symmetry.space_group_name_H-M   'C 2 2 21'
#
loop_
_entity.id
_entity.type
_entity.pdbx_description
1 polymer Myeloperoxidase
2 polymer Myeloperoxidase
3 non-polymer 2-acetamido-2-deoxy-beta-D-glucopyranose
4 non-polymer alpha-L-fucopyranose
5 non-polymer 'PROTOPORPHYRIN IX CONTAINING FE'
6 non-polymer beta-D-mannopyranose
7 non-polymer alpha-D-mannopyranose
8 non-polymer 7-{[3-(1-methyl-1H-pyrazol-3-yl)phenyl]methoxy}-1H-[1,2,3]triazolo[4,5-b]pyridin-5-amine
9 non-polymer 'CALCIUM ION'
10 non-polymer 'CHLORIDE ION'
11 water water
#
loop_
_entity_poly.entity_id
_entity_poly.type
_entity_poly.pdbx_seq_one_letter_code
_entity_poly.pdbx_strand_id
1 'polypeptide(L)'
;CPEQDKYRTITGMCNNRRSPTLGASNRAFVRWLPAEYEDGFSLPYGWTPGVKRNGFPVALARAVSNEIVRFPTDQLTPDQ
ERSLMFMQWGQLLDHDLDFTPEPAA
;
A,D,F,H
2 'polypeptide(L)'
;AVNCETSCVQQPPCFPLKIPPNDPRIKNQADCIPFFRSCPACPGSNITIRNQINALTSFVDASMVYGSEEPLARNLRNMS
NQLGLLAVNQRFQDNGRALLPFDNLHDDPCLLTNRSARIPCFLAGDTRSSEMPELTSMHTLLLREHNRLATELKSLNPRW
DGERLYQEARKIVGAMVQIITYRDYLPLVLGPTAMRKYLPTYRSYNDSVDPRIANVFTNAFRYGHTLIQPFMFRLDNRYQ
PMEPNPRVPLSRVFFASWRVVLEGGIDPILRGLMATPAKLNRQNQIAVDEIRERLFEQVMRIGLDLPALNMQRSRDHGLP
GYNAWRRFCGLPQPETVGQLGTVLRNLKLARKLMEQYGTPNNIDIWMGGVSEPLKRKGRVGPLLACIIGTQFRKLRDGDR
FWWENEGVFSMQQRQALAQISLPRIICDNTGITTVSKNNIFMSNSYPRDFVNCSTLPALNLASWREA
;
B,E,G,I
#
# COMPACT_ATOMS: atom_id res chain seq x y z
N CYS A 1 1.73 29.70 -17.84
CA CYS A 1 1.62 31.06 -17.30
C CYS A 1 1.38 32.13 -18.38
N PRO A 2 0.29 32.93 -18.28
CA PRO A 2 0.05 33.98 -19.28
C PRO A 2 0.91 35.23 -19.01
N GLU A 3 1.52 35.79 -20.08
CA GLU A 3 2.39 36.98 -20.04
C GLU A 3 1.74 38.20 -19.36
N GLN A 4 0.42 38.42 -19.60
CA GLN A 4 -0.36 39.51 -19.02
C GLN A 4 -1.64 38.94 -18.37
N ASP A 5 -1.91 39.35 -17.09
CA ASP A 5 -3.08 38.88 -16.33
C ASP A 5 -3.68 39.95 -15.43
N LYS A 6 -5.02 40.13 -15.52
CA LYS A 6 -5.74 41.16 -14.79
C LYS A 6 -6.17 40.77 -13.38
N TYR A 7 -6.56 39.51 -13.19
CA TYR A 7 -7.03 39.04 -11.90
C TYR A 7 -6.27 37.82 -11.38
N ARG A 8 -6.69 37.36 -10.20
CA ARG A 8 -6.17 36.19 -9.54
C ARG A 8 -6.80 34.96 -10.15
N THR A 9 -6.10 33.84 -10.07
CA THR A 9 -6.68 32.57 -10.45
C THR A 9 -7.43 32.09 -9.20
N ILE A 10 -8.30 31.09 -9.39
CA ILE A 10 -9.04 30.49 -8.29
C ILE A 10 -8.13 29.58 -7.42
N THR A 11 -7.14 28.91 -8.04
CA THR A 11 -6.28 27.99 -7.28
C THR A 11 -5.00 28.61 -6.69
N GLY A 12 -4.72 29.87 -6.98
CA GLY A 12 -3.53 30.56 -6.48
C GLY A 12 -2.37 30.39 -7.43
N MET A 13 -2.56 29.52 -8.42
CA MET A 13 -1.61 29.17 -9.47
C MET A 13 -1.27 30.43 -10.24
N CYS A 14 0.01 30.62 -10.60
CA CYS A 14 0.50 31.76 -11.40
C CYS A 14 0.69 33.08 -10.66
N ASN A 15 0.50 33.12 -9.32
CA ASN A 15 0.72 34.33 -8.52
C ASN A 15 2.23 34.64 -8.57
N ASN A 16 3.07 33.62 -8.33
CA ASN A 16 4.51 33.71 -8.55
C ASN A 16 4.65 33.16 -9.98
N ARG A 17 5.30 33.91 -10.86
CA ARG A 17 5.45 33.46 -12.25
C ARG A 17 6.60 32.47 -12.43
N ARG A 18 7.64 32.57 -11.58
CA ARG A 18 8.85 31.75 -11.59
C ARG A 18 8.63 30.34 -11.04
N SER A 19 7.90 30.24 -9.92
CA SER A 19 7.52 28.97 -9.29
C SER A 19 5.96 29.04 -9.24
N PRO A 20 5.28 28.75 -10.38
CA PRO A 20 3.81 28.97 -10.45
C PRO A 20 2.84 28.29 -9.50
N THR A 21 3.30 27.32 -8.66
CA THR A 21 2.47 26.59 -7.66
C THR A 21 2.76 27.10 -6.24
N LEU A 22 3.45 28.26 -6.13
CA LEU A 22 3.81 28.86 -4.85
C LEU A 22 2.64 29.69 -4.33
N GLY A 23 2.07 29.22 -3.22
CA GLY A 23 0.89 29.81 -2.62
C GLY A 23 -0.40 29.19 -3.16
N ALA A 24 -0.29 28.41 -4.25
CA ALA A 24 -1.38 27.72 -4.92
C ALA A 24 -1.96 26.58 -4.09
N SER A 25 -3.17 26.16 -4.43
CA SER A 25 -3.89 25.15 -3.66
C SER A 25 -3.49 23.73 -3.94
N ASN A 26 -3.80 22.84 -2.96
CA ASN A 26 -3.54 21.40 -2.99
C ASN A 26 -2.06 21.06 -3.22
N ARG A 27 -1.18 21.84 -2.57
CA ARG A 27 0.27 21.67 -2.62
C ARG A 27 0.84 21.60 -1.19
N ALA A 28 2.03 20.95 -1.03
CA ALA A 28 2.66 20.75 0.28
C ALA A 28 3.06 22.05 1.02
N PHE A 29 2.99 22.00 2.37
CA PHE A 29 3.34 23.12 3.24
C PHE A 29 4.82 23.37 3.16
N VAL A 30 5.22 24.64 3.22
CA VAL A 30 6.65 24.94 3.30
C VAL A 30 7.10 24.56 4.74
N ARG A 31 8.32 24.08 4.90
CA ARG A 31 8.80 23.77 6.23
C ARG A 31 9.87 24.75 6.61
N TRP A 32 9.72 25.45 7.75
CA TRP A 32 10.71 26.41 8.22
C TRP A 32 11.80 25.75 9.04
N LEU A 33 11.58 24.48 9.43
CA LEU A 33 12.52 23.66 10.18
C LEU A 33 12.31 22.20 9.75
N PRO A 34 13.33 21.30 9.80
CA PRO A 34 13.07 19.88 9.46
C PRO A 34 12.05 19.22 10.40
N ALA A 35 11.25 18.30 9.88
CA ALA A 35 10.26 17.59 10.69
C ALA A 35 10.88 16.68 11.75
N GLU A 36 10.17 16.42 12.85
CA GLU A 36 10.67 15.58 13.92
C GLU A 36 9.73 14.44 14.27
N TYR A 37 10.15 13.20 13.92
CA TYR A 37 9.42 11.95 14.06
C TYR A 37 10.26 10.84 14.70
N GLU A 38 9.57 9.92 15.40
CA GLU A 38 10.07 8.69 16.03
C GLU A 38 11.04 7.93 15.11
N ASP A 39 10.61 7.67 13.85
CA ASP A 39 11.43 6.97 12.86
C ASP A 39 12.28 7.95 12.06
N GLY A 40 11.99 9.24 12.22
CA GLY A 40 12.70 10.32 11.53
C GLY A 40 12.05 10.74 10.23
N PHE A 41 11.07 9.96 9.75
CA PHE A 41 10.42 10.27 8.47
C PHE A 41 8.87 10.20 8.41
N SER A 42 8.21 9.38 9.27
CA SER A 42 6.74 9.23 9.19
C SER A 42 5.96 9.16 10.49
N LEU A 43 6.41 8.26 11.39
CA LEU A 43 5.75 7.94 12.64
C LEU A 43 5.86 9.08 13.66
N PRO A 44 4.71 9.61 14.12
CA PRO A 44 4.75 10.72 15.08
C PRO A 44 5.25 10.33 16.46
N TYR A 45 5.82 11.28 17.19
CA TYR A 45 6.25 11.05 18.57
C TYR A 45 4.98 10.77 19.39
N GLY A 46 5.01 9.68 20.14
CA GLY A 46 3.88 9.16 20.87
C GLY A 46 3.43 7.83 20.30
N TRP A 47 3.65 7.62 18.95
CA TRP A 47 3.32 6.43 18.18
C TRP A 47 3.61 5.07 18.87
N THR A 48 4.91 4.75 19.09
CA THR A 48 5.36 3.49 19.69
C THR A 48 5.47 3.60 21.22
N PRO A 49 4.68 2.77 21.96
CA PRO A 49 4.80 2.79 23.42
C PRO A 49 6.21 2.37 23.78
N GLY A 50 6.83 3.13 24.66
CA GLY A 50 8.19 2.92 25.09
C GLY A 50 9.04 4.07 24.61
N VAL A 51 9.15 4.21 23.27
CA VAL A 51 9.94 5.23 22.61
C VAL A 51 9.76 6.61 23.20
N LYS A 52 10.88 7.14 23.67
CA LYS A 52 11.02 8.43 24.30
C LYS A 52 11.45 9.47 23.25
N ARG A 53 11.24 10.76 23.55
CA ARG A 53 11.56 11.90 22.71
C ARG A 53 12.64 12.76 23.38
N ASN A 54 13.82 12.92 22.71
CA ASN A 54 14.94 13.73 23.22
C ASN A 54 15.31 13.29 24.64
N GLY A 55 15.40 11.98 24.83
CA GLY A 55 15.68 11.36 26.12
C GLY A 55 14.52 11.29 27.09
N PHE A 56 13.38 11.96 26.81
CA PHE A 56 12.27 11.99 27.75
C PHE A 56 11.03 11.26 27.27
N PRO A 57 10.19 10.68 28.18
CA PRO A 57 8.96 10.02 27.71
C PRO A 57 8.00 11.00 27.04
N VAL A 58 7.18 10.48 26.13
CA VAL A 58 6.25 11.34 25.40
C VAL A 58 4.98 11.55 26.22
N ALA A 59 4.69 12.80 26.58
CA ALA A 59 3.52 13.14 27.36
C ALA A 59 2.22 13.12 26.52
N LEU A 60 1.19 12.38 26.99
CA LEU A 60 -0.14 12.32 26.38
C LEU A 60 -0.73 13.72 26.33
N ALA A 61 -1.22 14.15 25.14
CA ALA A 61 -1.81 15.47 24.88
C ALA A 61 -3.04 15.70 25.76
N ARG A 62 -3.84 14.63 25.98
CA ARG A 62 -5.03 14.66 26.83
C ARG A 62 -4.61 15.02 28.27
N ALA A 63 -3.52 14.37 28.79
CA ALA A 63 -2.90 14.63 30.10
C ALA A 63 -2.31 16.06 30.16
N VAL A 64 -1.61 16.51 29.12
CA VAL A 64 -1.08 17.87 29.07
C VAL A 64 -2.27 18.85 29.13
N SER A 65 -3.39 18.53 28.45
CA SER A 65 -4.61 19.34 28.48
C SER A 65 -5.21 19.36 29.92
N ASN A 66 -5.43 18.15 30.48
CA ASN A 66 -5.95 17.94 31.83
C ASN A 66 -5.16 18.72 32.88
N GLU A 67 -3.82 18.64 32.83
CA GLU A 67 -2.90 19.25 33.80
C GLU A 67 -2.45 20.70 33.58
N ILE A 68 -2.49 21.22 32.33
CA ILE A 68 -2.03 22.58 32.01
C ILE A 68 -3.12 23.48 31.36
N VAL A 69 -4.09 22.88 30.68
CA VAL A 69 -5.11 23.69 29.98
C VAL A 69 -6.39 23.87 30.78
N ARG A 70 -6.80 22.84 31.54
CA ARG A 70 -8.01 22.84 32.38
C ARG A 70 -7.97 23.89 33.53
N PHE A 71 -9.15 24.45 33.84
CA PHE A 71 -9.44 25.45 34.87
C PHE A 71 -10.98 25.52 35.09
N PRO A 72 -11.52 26.10 36.20
CA PRO A 72 -13.00 26.18 36.32
C PRO A 72 -13.53 27.38 35.53
N THR A 73 -14.48 27.11 34.60
CA THR A 73 -15.10 28.07 33.66
C THR A 73 -15.71 29.31 34.33
N ASP A 74 -16.16 29.18 35.59
CA ASP A 74 -16.73 30.28 36.36
C ASP A 74 -15.68 31.38 36.58
N GLN A 75 -14.39 30.99 36.68
CA GLN A 75 -13.23 31.86 36.91
C GLN A 75 -12.75 32.70 35.71
N LEU A 76 -13.23 32.40 34.49
CA LEU A 76 -12.90 33.06 33.23
C LEU A 76 -12.71 34.59 33.31
N THR A 77 -11.47 35.07 33.09
CA THR A 77 -11.15 36.51 33.08
C THR A 77 -11.55 37.09 31.71
N PRO A 78 -12.56 37.98 31.62
CA PRO A 78 -12.89 38.54 30.30
C PRO A 78 -11.88 39.61 29.91
N ASP A 79 -11.58 39.74 28.60
CA ASP A 79 -10.61 40.71 28.10
C ASP A 79 -11.29 42.05 28.02
N GLN A 80 -10.61 43.10 28.49
CA GLN A 80 -11.13 44.46 28.49
C GLN A 80 -10.92 45.11 27.14
N GLU A 81 -9.72 44.92 26.59
CA GLU A 81 -9.30 45.53 25.35
C GLU A 81 -9.59 44.72 24.09
N ARG A 82 -10.34 43.61 24.18
CA ARG A 82 -10.66 42.81 22.99
C ARG A 82 -12.09 42.30 22.95
N SER A 83 -12.72 42.38 21.76
CA SER A 83 -14.09 41.90 21.50
C SER A 83 -14.06 40.44 21.03
N LEU A 84 -15.19 39.72 21.14
CA LEU A 84 -15.29 38.34 20.63
C LEU A 84 -15.12 38.30 19.09
N MET A 85 -15.37 39.46 18.42
CA MET A 85 -15.20 39.65 16.98
C MET A 85 -13.71 39.47 16.62
N PHE A 86 -12.80 39.83 17.54
CA PHE A 86 -11.34 39.65 17.39
C PHE A 86 -11.01 38.18 17.23
N MET A 87 -11.58 37.30 18.10
CA MET A 87 -11.46 35.84 18.07
C MET A 87 -12.06 35.36 16.75
N GLN A 88 -13.25 35.87 16.41
CA GLN A 88 -13.95 35.47 15.21
C GLN A 88 -13.27 35.80 13.85
N TRP A 89 -12.59 36.95 13.74
CA TRP A 89 -11.91 37.28 12.47
C TRP A 89 -10.70 36.37 12.22
N GLY A 90 -10.00 36.02 13.29
CA GLY A 90 -8.84 35.13 13.25
C GLY A 90 -9.15 33.81 12.57
N GLN A 91 -10.30 33.21 12.95
CA GLN A 91 -10.81 31.95 12.40
C GLN A 91 -11.09 32.17 10.93
N LEU A 92 -11.90 33.21 10.59
CA LEU A 92 -12.25 33.58 9.20
C LEU A 92 -11.01 33.78 8.30
N LEU A 93 -9.96 34.42 8.84
CA LEU A 93 -8.70 34.68 8.13
C LEU A 93 -7.88 33.39 7.95
N ASP A 94 -7.88 32.52 8.99
CA ASP A 94 -7.20 31.24 9.01
C ASP A 94 -7.78 30.31 7.96
N HIS A 95 -9.09 30.45 7.72
CA HIS A 95 -9.84 29.64 6.77
C HIS A 95 -9.67 30.12 5.33
N ASP A 96 -9.00 31.26 5.18
CA ASP A 96 -8.57 31.85 3.92
C ASP A 96 -7.14 31.31 3.61
N LEU A 97 -6.42 30.82 4.65
CA LEU A 97 -5.03 30.40 4.52
C LEU A 97 -4.77 28.91 4.51
N ASP A 98 -5.31 28.16 5.46
CA ASP A 98 -4.99 26.75 5.56
C ASP A 98 -6.08 25.78 5.94
N PHE A 99 -5.99 24.59 5.34
CA PHE A 99 -6.88 23.46 5.59
C PHE A 99 -6.09 22.20 5.38
N THR A 100 -5.72 21.52 6.48
CA THR A 100 -4.95 20.30 6.33
C THR A 100 -5.93 19.14 6.09
N PRO A 101 -6.16 18.68 4.86
CA PRO A 101 -7.13 17.61 4.66
C PRO A 101 -6.78 16.28 5.34
N GLU A 102 -7.80 15.63 5.87
CA GLU A 102 -7.75 14.33 6.57
C GLU A 102 -8.42 13.30 5.63
N PRO A 103 -8.31 11.97 5.86
CA PRO A 103 -8.97 11.00 4.96
C PRO A 103 -10.49 11.18 4.71
N VAL B 2 -8.01 2.67 10.13
CA VAL B 2 -9.10 2.11 9.35
C VAL B 2 -10.38 2.96 9.48
N ASN B 3 -10.93 3.02 10.70
CA ASN B 3 -12.15 3.77 11.02
C ASN B 3 -11.92 4.46 12.37
N CYS B 4 -11.22 5.60 12.29
CA CYS B 4 -10.79 6.47 13.40
C CYS B 4 -11.94 6.93 14.24
N GLU B 5 -13.11 7.08 13.60
CA GLU B 5 -14.37 7.54 14.17
C GLU B 5 -14.92 6.69 15.32
N THR B 6 -14.93 5.36 15.16
CA THR B 6 -15.47 4.44 16.18
C THR B 6 -14.44 3.48 16.78
N SER B 7 -13.22 3.43 16.19
CA SER B 7 -12.18 2.50 16.66
C SER B 7 -11.00 3.16 17.31
N CYS B 8 -10.59 2.56 18.43
CA CYS B 8 -9.49 3.01 19.27
C CYS B 8 -8.20 2.24 19.05
N VAL B 9 -8.15 1.47 17.95
CA VAL B 9 -6.97 0.71 17.52
C VAL B 9 -6.05 1.65 16.75
N GLN B 10 -4.75 1.52 16.95
CA GLN B 10 -3.78 2.38 16.27
C GLN B 10 -3.19 1.74 14.98
N GLN B 11 -4.05 1.66 13.94
CA GLN B 11 -3.72 1.22 12.58
C GLN B 11 -3.84 2.47 11.71
N PRO B 12 -2.87 2.77 10.80
CA PRO B 12 -3.02 3.97 9.96
C PRO B 12 -4.34 3.98 9.15
N PRO B 13 -4.93 5.16 8.89
CA PRO B 13 -4.45 6.52 9.20
C PRO B 13 -4.86 7.03 10.58
N CYS B 14 -5.21 6.11 11.51
CA CYS B 14 -5.59 6.48 12.88
C CYS B 14 -4.36 6.75 13.74
N PHE B 15 -4.52 7.68 14.67
CA PHE B 15 -3.53 8.04 15.69
C PHE B 15 -4.36 8.48 16.93
N PRO B 16 -5.23 7.59 17.46
CA PRO B 16 -6.11 7.99 18.56
C PRO B 16 -5.43 8.42 19.84
N LEU B 17 -5.98 9.47 20.50
CA LEU B 17 -5.48 10.07 21.74
C LEU B 17 -5.93 9.22 22.93
N LYS B 18 -5.00 8.46 23.51
CA LYS B 18 -5.28 7.60 24.66
C LYS B 18 -5.59 8.40 25.93
N ILE B 19 -6.53 7.87 26.74
CA ILE B 19 -7.01 8.46 27.99
C ILE B 19 -6.02 8.21 29.16
N PRO B 20 -5.61 9.28 29.91
CA PRO B 20 -4.67 9.08 31.01
C PRO B 20 -5.37 8.52 32.24
N PRO B 21 -4.64 7.95 33.22
CA PRO B 21 -5.31 7.47 34.44
C PRO B 21 -5.96 8.63 35.18
N ASN B 22 -7.13 8.36 35.82
CA ASN B 22 -7.93 9.32 36.58
C ASN B 22 -8.25 10.60 35.76
N ASP B 23 -9.00 10.42 34.68
CA ASP B 23 -9.37 11.50 33.78
C ASP B 23 -10.60 12.19 34.34
N PRO B 24 -10.71 13.54 34.30
CA PRO B 24 -11.91 14.19 34.84
C PRO B 24 -13.22 13.79 34.15
N ARG B 25 -13.21 13.50 32.82
CA ARG B 25 -14.41 13.16 32.04
C ARG B 25 -14.59 11.68 31.62
N ILE B 26 -13.56 11.10 30.98
CA ILE B 26 -13.59 9.73 30.45
C ILE B 26 -13.10 8.71 31.49
N LYS B 27 -14.05 7.97 32.06
CA LYS B 27 -13.77 6.94 33.06
C LYS B 27 -13.44 5.62 32.41
N ASN B 28 -13.74 5.52 31.10
CA ASN B 28 -13.42 4.33 30.31
C ASN B 28 -12.00 4.49 29.76
N GLN B 29 -11.07 3.68 30.28
CA GLN B 29 -9.67 3.75 29.86
C GLN B 29 -9.41 3.12 28.48
N ALA B 30 -10.22 2.11 28.10
CA ALA B 30 -10.16 1.41 26.80
C ALA B 30 -10.53 2.36 25.65
N ASP B 31 -11.46 3.29 25.94
CA ASP B 31 -11.95 4.32 25.03
C ASP B 31 -10.83 5.34 24.81
N CYS B 32 -10.98 6.22 23.80
CA CYS B 32 -10.00 7.25 23.45
C CYS B 32 -10.63 8.36 22.57
N ILE B 33 -9.89 9.46 22.37
CA ILE B 33 -10.38 10.57 21.55
C ILE B 33 -10.08 10.25 20.07
N PRO B 34 -11.09 10.30 19.17
CA PRO B 34 -10.83 9.98 17.75
C PRO B 34 -9.84 10.92 17.08
N PHE B 35 -9.00 10.33 16.20
CA PHE B 35 -7.97 11.06 15.47
C PHE B 35 -7.64 10.46 14.09
N PHE B 36 -7.79 11.27 13.02
CA PHE B 36 -7.45 10.95 11.63
C PHE B 36 -6.15 11.69 11.31
N ARG B 37 -5.05 10.95 11.03
CA ARG B 37 -3.79 11.59 10.67
C ARG B 37 -3.96 12.45 9.42
N SER B 38 -3.23 13.56 9.35
CA SER B 38 -3.23 14.44 8.20
C SER B 38 -2.71 13.66 6.99
N CYS B 39 -3.28 13.95 5.82
CA CYS B 39 -2.94 13.33 4.53
C CYS B 39 -1.48 13.60 4.16
N PRO B 40 -0.72 12.57 3.74
CA PRO B 40 0.68 12.81 3.32
C PRO B 40 0.72 13.45 1.92
N ALA B 41 1.67 14.39 1.67
CA ALA B 41 1.85 14.98 0.34
C ALA B 41 2.37 13.87 -0.59
N CYS B 42 3.00 12.85 0.01
CA CYS B 42 3.51 11.66 -0.63
C CYS B 42 3.11 10.35 0.09
N PRO B 43 1.90 9.80 -0.19
CA PRO B 43 1.51 8.55 0.46
C PRO B 43 2.39 7.35 0.11
N GLY B 44 2.84 6.64 1.16
CA GLY B 44 3.63 5.41 1.06
C GLY B 44 5.16 5.50 0.98
N SER B 45 5.70 6.69 0.64
CA SER B 45 7.13 6.93 0.50
C SER B 45 7.92 6.79 1.78
N ASN B 46 9.14 6.23 1.67
CA ASN B 46 10.07 6.07 2.78
C ASN B 46 11.35 6.90 2.56
N ILE B 47 11.39 7.73 1.47
CA ILE B 47 12.54 8.61 1.09
C ILE B 47 12.33 10.07 1.56
N THR B 48 11.13 10.60 1.26
CA THR B 48 10.71 11.95 1.65
C THR B 48 10.34 11.96 3.14
N ILE B 49 10.67 13.06 3.84
CA ILE B 49 10.22 13.19 5.23
C ILE B 49 8.74 13.63 5.16
N ARG B 50 7.85 12.84 5.77
CA ARG B 50 6.40 13.10 5.75
C ARG B 50 6.07 14.58 5.96
N ASN B 51 5.32 15.12 5.03
CA ASN B 51 4.78 16.46 5.03
C ASN B 51 3.30 16.32 4.72
N GLN B 52 2.58 17.45 4.80
CA GLN B 52 1.11 17.58 4.70
C GLN B 52 0.74 18.61 3.64
N ILE B 53 -0.52 18.57 3.24
CA ILE B 53 -1.05 19.43 2.19
C ILE B 53 -1.91 20.58 2.74
N ASN B 54 -1.86 21.72 2.03
CA ASN B 54 -2.72 22.85 2.26
C ASN B 54 -3.67 22.87 1.05
N ALA B 55 -4.92 22.42 1.29
CA ALA B 55 -6.00 22.39 0.29
C ALA B 55 -6.47 23.81 -0.18
N LEU B 56 -5.89 24.89 0.42
CA LEU B 56 -6.28 26.29 0.14
C LEU B 56 -5.17 27.16 -0.42
N THR B 57 -5.56 28.30 -1.01
CA THR B 57 -4.62 29.31 -1.50
C THR B 57 -4.11 30.06 -0.27
N SER B 58 -2.82 30.02 -0.03
CA SER B 58 -2.16 30.72 1.06
C SER B 58 -2.46 32.24 1.04
N PHE B 59 -2.90 32.75 -0.08
CA PHE B 59 -3.14 34.17 -0.21
C PHE B 59 -4.35 34.70 0.51
N VAL B 60 -4.20 35.93 0.98
CA VAL B 60 -5.27 36.65 1.62
C VAL B 60 -6.04 37.19 0.41
N ASP B 61 -6.83 36.29 -0.23
CA ASP B 61 -7.62 36.54 -1.43
C ASP B 61 -9.12 36.29 -1.22
N ALA B 62 -9.50 35.97 0.03
CA ALA B 62 -10.85 35.65 0.46
C ALA B 62 -11.32 34.36 -0.22
N SER B 63 -10.45 33.35 -0.20
CA SER B 63 -10.74 32.03 -0.76
C SER B 63 -11.83 31.26 0.00
N MET B 64 -12.10 31.66 1.25
CA MET B 64 -13.19 31.08 2.04
C MET B 64 -14.54 31.57 1.48
N VAL B 65 -14.50 32.67 0.71
CA VAL B 65 -15.69 33.18 0.03
C VAL B 65 -15.84 32.46 -1.31
N TYR B 66 -14.82 32.59 -2.18
CA TYR B 66 -14.79 32.09 -3.57
C TYR B 66 -14.52 30.62 -3.85
N GLY B 67 -13.52 30.05 -3.18
CA GLY B 67 -13.10 28.68 -3.41
C GLY B 67 -11.66 28.63 -3.88
N SER B 68 -10.96 27.54 -3.54
CA SER B 68 -9.55 27.35 -3.89
C SER B 68 -9.41 26.28 -4.96
N GLU B 69 -10.57 25.83 -5.51
CA GLU B 69 -10.68 24.79 -6.55
C GLU B 69 -11.73 25.23 -7.58
N GLU B 70 -11.36 25.28 -8.87
CA GLU B 70 -12.20 25.67 -10.01
C GLU B 70 -13.65 25.10 -10.02
N PRO B 71 -13.92 23.78 -9.78
CA PRO B 71 -15.32 23.33 -9.80
C PRO B 71 -16.20 24.06 -8.77
N LEU B 72 -15.71 24.16 -7.50
CA LEU B 72 -16.35 24.84 -6.36
C LEU B 72 -16.44 26.37 -6.58
N ALA B 73 -15.59 26.95 -7.46
CA ALA B 73 -15.67 28.38 -7.76
C ALA B 73 -16.89 28.67 -8.60
N ARG B 74 -17.26 27.72 -9.49
CA ARG B 74 -18.41 27.78 -10.37
C ARG B 74 -19.69 27.43 -9.61
N ASN B 75 -19.71 26.28 -8.89
CA ASN B 75 -20.89 25.83 -8.13
C ASN B 75 -21.10 26.66 -6.84
N LEU B 76 -20.82 27.96 -6.93
CA LEU B 76 -20.92 28.92 -5.84
C LEU B 76 -21.42 30.25 -6.40
N ARG B 77 -21.16 30.47 -7.71
CA ARG B 77 -21.59 31.65 -8.45
C ARG B 77 -23.04 31.45 -8.92
N ASN B 78 -23.75 32.59 -9.09
CA ASN B 78 -25.11 32.65 -9.61
C ASN B 78 -24.94 32.72 -11.14
N MET B 79 -25.05 31.56 -11.78
CA MET B 79 -24.84 31.41 -13.23
C MET B 79 -26.05 31.77 -14.09
N SER B 80 -27.24 31.91 -13.47
CA SER B 80 -28.52 32.23 -14.13
C SER B 80 -28.60 33.63 -14.77
N ASN B 81 -27.74 34.57 -14.35
CA ASN B 81 -27.72 35.94 -14.87
C ASN B 81 -26.31 36.47 -15.14
N GLN B 82 -26.22 37.61 -15.86
CA GLN B 82 -24.95 38.25 -16.17
C GLN B 82 -24.63 39.41 -15.20
N LEU B 83 -25.13 39.29 -13.95
CA LEU B 83 -24.91 40.26 -12.88
C LEU B 83 -23.73 39.84 -11.99
N GLY B 84 -23.10 38.72 -12.37
CA GLY B 84 -21.92 38.11 -11.73
C GLY B 84 -21.92 37.99 -10.23
N LEU B 85 -23.08 37.74 -9.64
CA LEU B 85 -23.20 37.60 -8.18
C LEU B 85 -22.80 36.17 -7.79
N LEU B 86 -22.85 35.91 -6.48
CA LEU B 86 -22.62 34.61 -5.91
C LEU B 86 -23.99 34.05 -5.56
N ALA B 87 -24.25 32.79 -5.94
CA ALA B 87 -25.50 32.09 -5.66
C ALA B 87 -25.84 32.14 -4.16
N VAL B 88 -27.13 32.07 -3.83
CA VAL B 88 -27.63 32.19 -2.45
C VAL B 88 -28.63 31.07 -2.12
N ASN B 89 -29.10 31.03 -0.85
CA ASN B 89 -30.09 30.04 -0.40
C ASN B 89 -31.44 30.35 -1.03
N GLN B 90 -31.95 29.41 -1.85
CA GLN B 90 -33.24 29.55 -2.55
C GLN B 90 -34.42 29.03 -1.71
N ARG B 91 -34.11 28.46 -0.52
CA ARG B 91 -35.07 27.92 0.41
C ARG B 91 -35.26 28.80 1.67
N PHE B 92 -34.27 29.65 2.04
CA PHE B 92 -34.33 30.50 3.26
C PHE B 92 -33.75 31.91 3.13
N GLN B 93 -34.31 32.86 3.93
CA GLN B 93 -33.85 34.27 3.96
C GLN B 93 -33.74 34.84 5.38
N ASP B 94 -33.00 35.95 5.52
CA ASP B 94 -32.79 36.64 6.80
C ASP B 94 -33.31 38.06 6.64
N ASN B 95 -34.63 38.25 6.89
CA ASN B 95 -35.39 39.49 6.73
C ASN B 95 -35.18 40.04 5.31
N GLY B 96 -35.33 39.14 4.33
CA GLY B 96 -35.18 39.42 2.91
C GLY B 96 -33.74 39.41 2.42
N ARG B 97 -32.79 39.45 3.35
CA ARG B 97 -31.36 39.47 3.02
C ARG B 97 -30.90 38.03 2.80
N ALA B 98 -29.81 37.89 2.04
CA ALA B 98 -29.21 36.62 1.64
C ALA B 98 -28.78 35.70 2.78
N LEU B 99 -28.69 34.41 2.46
CA LEU B 99 -28.20 33.36 3.31
C LEU B 99 -27.35 32.50 2.41
N LEU B 100 -26.17 32.02 2.89
CA LEU B 100 -25.26 31.15 2.12
C LEU B 100 -26.05 29.92 1.66
N PRO B 101 -25.81 29.44 0.41
CA PRO B 101 -26.58 28.28 -0.08
C PRO B 101 -26.37 26.98 0.71
N PHE B 102 -27.16 25.96 0.41
CA PHE B 102 -26.99 24.69 1.09
C PHE B 102 -26.07 23.73 0.31
N ASP B 103 -25.30 22.92 1.04
CA ASP B 103 -24.36 21.95 0.47
C ASP B 103 -24.94 20.54 0.50
N ASN B 104 -24.78 19.79 -0.63
CA ASN B 104 -25.24 18.41 -0.71
C ASN B 104 -24.16 17.54 -0.08
N LEU B 105 -24.46 16.95 1.09
CA LEU B 105 -23.50 16.12 1.84
C LEU B 105 -24.06 14.77 2.21
N HIS B 106 -23.18 13.73 2.21
CA HIS B 106 -23.57 12.39 2.63
C HIS B 106 -23.64 12.38 4.14
N ASP B 107 -22.46 12.46 4.81
CA ASP B 107 -22.31 12.47 6.27
C ASP B 107 -22.41 13.94 6.76
N ASP B 108 -23.64 14.50 6.72
CA ASP B 108 -23.91 15.89 7.14
C ASP B 108 -23.92 16.03 8.67
N PRO B 109 -22.97 16.82 9.24
CA PRO B 109 -22.91 16.95 10.70
C PRO B 109 -23.98 17.85 11.30
N CYS B 110 -24.37 18.91 10.58
CA CYS B 110 -25.37 19.91 10.97
C CYS B 110 -26.76 19.32 11.27
N LEU B 111 -27.17 18.30 10.50
CA LEU B 111 -28.45 17.62 10.66
C LEU B 111 -28.57 16.87 11.99
N LEU B 112 -27.42 16.48 12.59
CA LEU B 112 -27.36 15.74 13.87
C LEU B 112 -27.48 16.66 15.12
N THR B 113 -27.41 17.99 14.91
CA THR B 113 -27.54 18.99 15.98
C THR B 113 -29.03 19.16 16.33
N ASN B 114 -29.91 18.95 15.33
CA ASN B 114 -31.37 19.06 15.41
C ASN B 114 -32.03 18.24 14.28
N ARG B 115 -32.73 17.16 14.67
CA ARG B 115 -33.45 16.29 13.75
C ARG B 115 -34.70 17.01 13.22
N SER B 116 -35.51 17.58 14.15
CA SER B 116 -36.77 18.26 13.85
C SER B 116 -36.66 19.39 12.83
N ALA B 117 -35.61 20.23 12.96
CA ALA B 117 -35.41 21.36 12.06
C ALA B 117 -35.01 20.92 10.65
N ARG B 118 -34.13 19.89 10.56
CA ARG B 118 -33.60 19.32 9.32
C ARG B 118 -32.94 20.40 8.43
N ILE B 119 -31.98 21.14 9.04
CA ILE B 119 -31.22 22.19 8.36
C ILE B 119 -29.80 21.63 8.12
N PRO B 120 -29.35 21.53 6.85
CA PRO B 120 -28.00 21.00 6.59
C PRO B 120 -26.92 22.09 6.67
N CYS B 121 -25.67 21.72 6.32
CA CYS B 121 -24.51 22.61 6.31
C CYS B 121 -24.67 23.63 5.22
N PHE B 122 -24.01 24.76 5.35
CA PHE B 122 -24.05 25.77 4.31
C PHE B 122 -23.00 25.49 3.20
N LEU B 123 -22.99 26.32 2.15
CA LEU B 123 -22.03 26.18 1.07
C LEU B 123 -21.28 27.50 0.82
N ALA B 124 -20.00 27.53 1.25
CA ALA B 124 -19.08 28.63 1.01
C ALA B 124 -17.79 28.05 0.41
N GLY B 125 -16.85 28.92 0.04
CA GLY B 125 -15.55 28.53 -0.50
C GLY B 125 -14.68 27.74 0.47
N ASP B 126 -15.18 27.47 1.71
CA ASP B 126 -14.52 26.69 2.75
C ASP B 126 -15.49 25.84 3.53
N THR B 127 -15.23 24.52 3.53
CA THR B 127 -16.00 23.45 4.17
C THR B 127 -16.36 23.72 5.64
N ARG B 128 -15.58 24.58 6.30
CA ARG B 128 -15.72 24.91 7.72
C ARG B 128 -16.65 26.11 8.00
N SER B 129 -17.33 26.64 6.97
CA SER B 129 -18.27 27.76 7.13
C SER B 129 -19.35 27.55 8.25
N SER B 130 -19.86 26.31 8.42
CA SER B 130 -20.91 25.96 9.39
C SER B 130 -20.47 25.56 10.80
N GLU B 131 -19.17 25.24 11.00
CA GLU B 131 -18.58 24.83 12.28
C GLU B 131 -19.16 25.59 13.51
N MET B 132 -19.48 26.88 13.35
CA MET B 132 -20.12 27.71 14.37
C MET B 132 -20.91 28.89 13.76
N PRO B 133 -22.11 29.23 14.33
CA PRO B 133 -22.92 30.32 13.78
C PRO B 133 -22.23 31.68 13.68
N GLU B 134 -21.32 32.00 14.65
CA GLU B 134 -20.50 33.21 14.66
C GLU B 134 -19.59 33.25 13.41
N LEU B 135 -19.19 32.05 12.93
CA LEU B 135 -18.39 31.90 11.73
C LEU B 135 -19.31 31.87 10.55
N THR B 136 -20.54 31.31 10.69
CA THR B 136 -21.52 31.36 9.58
C THR B 136 -21.87 32.83 9.30
N SER B 137 -22.01 33.66 10.38
CA SER B 137 -22.29 35.11 10.38
C SER B 137 -21.32 35.92 9.50
N MET B 138 -19.99 35.73 9.73
CA MET B 138 -18.91 36.39 9.01
C MET B 138 -18.94 35.96 7.58
N HIS B 139 -19.20 34.67 7.35
CA HIS B 139 -19.30 34.07 6.03
C HIS B 139 -20.48 34.67 5.24
N THR B 140 -21.67 34.76 5.90
CA THR B 140 -22.90 35.34 5.33
C THR B 140 -22.72 36.85 5.02
N LEU B 141 -21.99 37.56 5.87
CA LEU B 141 -21.70 38.97 5.68
C LEU B 141 -20.87 39.21 4.38
N LEU B 142 -19.78 38.41 4.19
CA LEU B 142 -18.85 38.48 3.05
C LEU B 142 -19.47 38.15 1.71
N LEU B 143 -20.36 37.12 1.64
CA LEU B 143 -21.09 36.79 0.40
C LEU B 143 -22.03 37.99 0.05
N ARG B 144 -22.83 38.48 1.04
CA ARG B 144 -23.76 39.62 0.89
C ARG B 144 -23.06 40.84 0.29
N GLU B 145 -21.85 41.16 0.83
CA GLU B 145 -20.99 42.27 0.42
C GLU B 145 -20.44 42.10 -1.01
N HIS B 146 -20.46 40.84 -1.55
CA HIS B 146 -20.01 40.60 -2.93
C HIS B 146 -21.13 41.01 -3.91
N ASN B 147 -22.37 40.46 -3.71
CA ASN B 147 -23.57 40.77 -4.50
C ASN B 147 -23.86 42.28 -4.40
N ARG B 148 -23.67 42.86 -3.19
CA ARG B 148 -23.79 44.30 -2.88
C ARG B 148 -22.80 45.15 -3.72
N LEU B 149 -21.55 44.67 -3.92
CA LEU B 149 -20.56 45.38 -4.73
C LEU B 149 -20.85 45.19 -6.22
N ALA B 150 -21.20 43.93 -6.62
CA ALA B 150 -21.53 43.54 -8.00
C ALA B 150 -22.65 44.42 -8.54
N THR B 151 -23.71 44.63 -7.71
CA THR B 151 -24.85 45.50 -8.03
C THR B 151 -24.36 46.95 -8.21
N GLU B 152 -23.68 47.51 -7.19
CA GLU B 152 -23.15 48.88 -7.18
C GLU B 152 -22.17 49.19 -8.32
N LEU B 153 -21.62 48.13 -8.96
CA LEU B 153 -20.72 48.21 -10.11
C LEU B 153 -21.51 48.02 -11.42
N LYS B 154 -22.59 47.21 -11.38
CA LYS B 154 -23.45 46.95 -12.54
C LYS B 154 -24.13 48.25 -12.98
N SER B 155 -24.72 48.99 -12.03
CA SER B 155 -25.38 50.27 -12.30
C SER B 155 -24.37 51.36 -12.69
N LEU B 156 -23.09 51.23 -12.27
CA LEU B 156 -22.04 52.19 -12.61
C LEU B 156 -21.55 51.93 -14.03
N ASN B 157 -21.35 50.66 -14.40
CA ASN B 157 -20.88 50.24 -15.73
C ASN B 157 -21.83 49.15 -16.33
N PRO B 158 -23.03 49.51 -16.85
CA PRO B 158 -23.94 48.47 -17.40
C PRO B 158 -23.38 47.75 -18.63
N ARG B 159 -22.28 48.28 -19.19
CA ARG B 159 -21.55 47.74 -20.34
C ARG B 159 -20.51 46.67 -19.91
N TRP B 160 -20.66 46.11 -18.69
CA TRP B 160 -19.81 45.05 -18.13
C TRP B 160 -20.59 43.72 -18.08
N ASP B 161 -19.93 42.61 -18.47
CA ASP B 161 -20.53 41.28 -18.50
C ASP B 161 -20.50 40.55 -17.14
N GLY B 162 -21.06 39.34 -17.12
CA GLY B 162 -21.15 38.45 -15.96
C GLY B 162 -19.84 38.07 -15.29
N GLU B 163 -18.76 37.86 -16.08
CA GLU B 163 -17.44 37.51 -15.54
C GLU B 163 -16.72 38.69 -14.88
N ARG B 164 -16.68 39.86 -15.59
CA ARG B 164 -16.07 41.13 -15.19
C ARG B 164 -16.61 41.63 -13.83
N LEU B 165 -17.93 41.49 -13.62
CA LEU B 165 -18.61 41.89 -12.40
C LEU B 165 -18.15 41.08 -11.20
N TYR B 166 -18.15 39.74 -11.32
CA TYR B 166 -17.66 38.80 -10.30
C TYR B 166 -16.21 39.12 -9.94
N GLN B 167 -15.32 39.17 -10.97
CA GLN B 167 -13.90 39.49 -10.83
C GLN B 167 -13.61 40.84 -10.15
N GLU B 168 -14.32 41.91 -10.57
CA GLU B 168 -14.10 43.23 -9.97
C GLU B 168 -14.57 43.35 -8.51
N ALA B 169 -15.66 42.65 -8.12
CA ALA B 169 -16.16 42.64 -6.73
C ALA B 169 -15.27 41.72 -5.89
N ARG B 170 -14.80 40.60 -6.49
CA ARG B 170 -13.87 39.64 -5.90
C ARG B 170 -12.56 40.37 -5.53
N LYS B 171 -12.01 41.12 -6.50
CA LYS B 171 -10.83 41.95 -6.34
C LYS B 171 -10.99 42.80 -5.04
N ILE B 172 -12.07 43.62 -4.98
CA ILE B 172 -12.42 44.51 -3.87
C ILE B 172 -12.59 43.72 -2.57
N VAL B 173 -13.30 42.57 -2.61
CA VAL B 173 -13.49 41.72 -1.42
C VAL B 173 -12.16 41.33 -0.78
N GLY B 174 -11.31 40.63 -1.52
CA GLY B 174 -9.98 40.21 -1.09
C GLY B 174 -9.15 41.33 -0.51
N ALA B 175 -9.23 42.54 -1.14
CA ALA B 175 -8.56 43.76 -0.73
C ALA B 175 -9.06 44.22 0.62
N MET B 176 -10.39 44.09 0.88
CA MET B 176 -11.00 44.43 2.17
C MET B 176 -10.58 43.41 3.24
N VAL B 177 -10.20 42.19 2.82
CA VAL B 177 -9.76 41.16 3.75
C VAL B 177 -8.35 41.50 4.17
N GLN B 178 -7.53 42.00 3.23
CA GLN B 178 -6.14 42.39 3.45
C GLN B 178 -6.08 43.64 4.32
N ILE B 179 -6.94 44.64 4.01
CA ILE B 179 -7.02 45.90 4.74
C ILE B 179 -7.39 45.70 6.23
N ILE B 180 -8.43 44.89 6.52
CA ILE B 180 -8.86 44.61 7.88
C ILE B 180 -7.85 43.68 8.60
N THR B 181 -7.10 42.85 7.83
CA THR B 181 -6.15 41.91 8.42
C THR B 181 -4.92 42.59 8.96
N TYR B 182 -4.24 43.37 8.09
CA TYR B 182 -2.98 44.05 8.36
C TYR B 182 -3.10 45.40 9.05
N ARG B 183 -4.15 46.17 8.72
CA ARG B 183 -4.36 47.48 9.35
C ARG B 183 -5.09 47.31 10.68
N ASP B 184 -6.14 46.45 10.74
CA ASP B 184 -6.91 46.29 11.97
C ASP B 184 -6.59 45.08 12.89
N TYR B 185 -6.61 43.85 12.32
CA TYR B 185 -6.37 42.62 13.08
C TYR B 185 -4.93 42.45 13.61
N LEU B 186 -3.94 42.12 12.74
CA LEU B 186 -2.51 41.93 13.07
C LEU B 186 -1.84 42.87 14.13
N PRO B 187 -1.96 44.23 14.09
CA PRO B 187 -1.36 45.04 15.17
C PRO B 187 -1.92 44.64 16.55
N LEU B 188 -3.22 44.32 16.60
CA LEU B 188 -3.87 43.88 17.81
C LEU B 188 -3.58 42.42 18.12
N VAL B 189 -2.80 41.74 17.26
CA VAL B 189 -2.40 40.35 17.54
C VAL B 189 -0.98 40.34 18.05
N LEU B 190 -0.14 41.11 17.37
CA LEU B 190 1.28 41.20 17.66
C LEU B 190 1.63 42.17 18.78
N GLY B 191 1.07 43.36 18.71
CA GLY B 191 1.40 44.46 19.59
C GLY B 191 2.25 45.42 18.74
N PRO B 192 2.54 46.64 19.21
CA PRO B 192 3.31 47.57 18.36
C PRO B 192 4.74 47.13 18.05
N THR B 193 5.43 46.48 19.02
CA THR B 193 6.84 46.04 18.89
C THR B 193 7.10 45.10 17.71
N ALA B 194 6.46 43.90 17.75
CA ALA B 194 6.53 42.87 16.71
C ALA B 194 5.97 43.37 15.38
N MET B 195 4.93 44.21 15.44
CA MET B 195 4.31 44.80 14.27
C MET B 195 5.34 45.63 13.46
N ARG B 196 6.35 46.23 14.13
CA ARG B 196 7.41 47.01 13.50
C ARG B 196 8.58 46.11 13.09
N LYS B 197 8.77 44.97 13.78
CA LYS B 197 9.83 44.01 13.54
C LYS B 197 9.45 43.03 12.44
N TYR B 198 8.34 42.28 12.60
CA TYR B 198 7.94 41.31 11.58
C TYR B 198 7.14 41.92 10.40
N LEU B 199 6.60 43.14 10.54
CA LEU B 199 5.85 43.80 9.47
C LEU B 199 6.18 45.28 9.29
N PRO B 200 7.37 45.60 8.73
CA PRO B 200 7.71 47.01 8.50
C PRO B 200 6.93 47.56 7.31
N THR B 201 6.86 48.89 7.17
CA THR B 201 6.15 49.58 6.07
C THR B 201 6.33 48.82 4.73
N TYR B 202 5.23 48.41 4.07
CA TYR B 202 5.30 47.70 2.79
C TYR B 202 6.03 48.56 1.74
N ARG B 203 7.00 47.98 1.00
CA ARG B 203 7.72 48.69 -0.07
C ARG B 203 7.06 48.39 -1.45
N SER B 204 7.24 47.17 -2.00
CA SER B 204 6.61 46.71 -3.26
C SER B 204 6.75 45.21 -3.39
N TYR B 205 5.84 44.55 -4.16
CA TYR B 205 5.84 43.10 -4.38
C TYR B 205 7.24 42.53 -4.64
N ASN B 206 7.48 41.36 -4.05
CA ASN B 206 8.74 40.65 -4.09
C ASN B 206 8.50 39.21 -4.57
N ASP B 207 8.97 38.89 -5.80
CA ASP B 207 8.78 37.55 -6.35
C ASP B 207 9.66 36.47 -5.71
N SER B 208 10.66 36.91 -4.92
CA SER B 208 11.59 36.01 -4.27
C SER B 208 11.21 35.62 -2.84
N VAL B 209 10.00 36.05 -2.40
CA VAL B 209 9.45 35.75 -1.06
C VAL B 209 8.40 34.62 -1.21
N ASP B 210 8.72 33.39 -0.70
CA ASP B 210 7.87 32.21 -0.74
C ASP B 210 6.54 32.44 -0.02
N PRO B 211 5.43 32.48 -0.80
CA PRO B 211 4.12 32.76 -0.18
C PRO B 211 3.37 31.54 0.31
N ARG B 212 4.05 30.42 0.58
CA ARG B 212 3.32 29.27 1.12
C ARG B 212 3.11 29.37 2.64
N ILE B 213 2.19 28.57 3.16
CA ILE B 213 1.91 28.52 4.59
C ILE B 213 2.91 27.53 5.14
N ALA B 214 3.51 27.86 6.28
CA ALA B 214 4.51 27.02 6.94
C ALA B 214 3.77 25.97 7.72
N ASN B 215 4.24 24.72 7.66
CA ASN B 215 3.62 23.63 8.38
C ASN B 215 3.31 24.05 9.85
N VAL B 216 4.23 24.79 10.53
CA VAL B 216 4.09 25.29 11.89
C VAL B 216 2.94 26.26 12.06
N PHE B 217 2.77 27.20 11.11
CA PHE B 217 1.72 28.22 11.16
C PHE B 217 0.36 27.64 11.43
N THR B 218 0.06 26.48 10.83
CA THR B 218 -1.21 25.76 11.02
C THR B 218 -1.53 25.43 12.49
N ASN B 219 -0.50 25.08 13.31
CA ASN B 219 -0.66 24.77 14.73
C ASN B 219 -0.50 26.05 15.57
N ALA B 220 0.44 26.95 15.16
CA ALA B 220 0.72 28.19 15.88
C ALA B 220 -0.47 29.18 15.81
N PHE B 221 -1.00 29.45 14.60
CA PHE B 221 -2.16 30.31 14.47
C PHE B 221 -3.41 29.79 15.22
N ARG B 222 -3.35 28.57 15.81
CA ARG B 222 -4.46 28.10 16.64
C ARG B 222 -4.33 28.73 18.03
N TYR B 223 -3.73 29.93 18.12
CA TYR B 223 -3.60 30.63 19.40
C TYR B 223 -5.01 31.11 19.78
N GLY B 224 -5.81 31.43 18.75
CA GLY B 224 -7.19 31.90 18.87
C GLY B 224 -8.09 30.99 19.69
N HIS B 225 -7.68 29.71 19.85
CA HIS B 225 -8.46 28.78 20.67
C HIS B 225 -8.55 29.29 22.13
N THR B 226 -7.55 30.12 22.56
CA THR B 226 -7.43 30.70 23.91
C THR B 226 -8.38 31.89 24.12
N LEU B 227 -8.95 32.44 23.02
CA LEU B 227 -9.87 33.58 23.00
C LEU B 227 -11.34 33.13 22.90
N ILE B 228 -11.59 31.85 23.13
CA ILE B 228 -12.91 31.26 22.94
C ILE B 228 -13.85 31.43 24.11
N GLN B 229 -15.03 32.05 23.87
CA GLN B 229 -16.05 32.23 24.92
C GLN B 229 -16.98 31.00 24.99
N PRO B 230 -17.19 30.46 26.23
CA PRO B 230 -18.03 29.26 26.38
C PRO B 230 -19.50 29.35 25.96
N PHE B 231 -19.95 30.52 25.44
CA PHE B 231 -21.32 30.71 24.99
C PHE B 231 -21.36 31.49 23.71
N MET B 232 -22.44 31.31 22.92
CA MET B 232 -22.68 32.13 21.74
C MET B 232 -23.55 33.24 22.29
N PHE B 233 -23.11 34.49 22.08
CA PHE B 233 -23.79 35.66 22.59
C PHE B 233 -24.68 36.33 21.54
N ARG B 234 -25.99 36.21 21.75
CA ARG B 234 -27.03 36.77 20.91
C ARG B 234 -27.56 38.04 21.59
N LEU B 235 -27.63 39.15 20.82
CA LEU B 235 -28.06 40.45 21.32
C LEU B 235 -29.13 41.13 20.43
N ASP B 236 -30.16 41.73 21.07
CA ASP B 236 -31.26 42.44 20.38
C ASP B 236 -30.77 43.79 19.84
N ASN B 237 -31.57 44.46 18.95
CA ASN B 237 -31.24 45.77 18.34
C ASN B 237 -30.92 46.92 19.33
N ARG B 238 -31.06 46.64 20.66
CA ARG B 238 -30.77 47.53 21.79
C ARG B 238 -29.60 46.95 22.65
N TYR B 239 -28.86 45.99 22.07
CA TYR B 239 -27.70 45.31 22.66
C TYR B 239 -27.93 44.66 24.03
N GLN B 240 -29.15 44.13 24.23
CA GLN B 240 -29.55 43.46 25.46
C GLN B 240 -29.80 41.96 25.24
N PRO B 241 -29.62 41.09 26.28
CA PRO B 241 -29.81 39.64 26.08
C PRO B 241 -31.10 39.18 25.40
N MET B 242 -31.05 39.00 24.07
CA MET B 242 -32.17 38.54 23.26
C MET B 242 -32.60 37.11 23.66
N GLU B 243 -33.75 37.00 24.34
CA GLU B 243 -34.34 35.75 24.79
C GLU B 243 -35.36 35.22 23.74
N PRO B 244 -35.53 33.89 23.60
CA PRO B 244 -34.87 32.82 24.36
C PRO B 244 -33.46 32.50 23.85
N ASN B 245 -32.65 31.89 24.74
CA ASN B 245 -31.27 31.47 24.54
C ASN B 245 -30.29 32.60 24.15
N PRO B 246 -29.98 33.55 25.09
CA PRO B 246 -29.04 34.64 24.76
C PRO B 246 -27.56 34.33 25.05
N ARG B 247 -27.31 33.27 25.85
CA ARG B 247 -26.01 32.74 26.27
C ARG B 247 -26.09 31.22 26.02
N VAL B 248 -26.08 30.80 24.73
CA VAL B 248 -26.16 29.38 24.42
C VAL B 248 -24.78 28.67 24.45
N PRO B 249 -24.64 27.66 25.36
CA PRO B 249 -23.36 26.95 25.50
C PRO B 249 -22.82 26.44 24.19
N LEU B 250 -21.54 26.74 23.98
CA LEU B 250 -20.77 26.44 22.79
C LEU B 250 -20.86 25.00 22.31
N SER B 251 -21.05 24.05 23.24
CA SER B 251 -21.22 22.62 22.88
C SER B 251 -22.54 22.33 22.18
N ARG B 252 -23.46 23.31 22.17
CA ARG B 252 -24.78 23.20 21.53
C ARG B 252 -24.90 24.14 20.30
N VAL B 253 -23.81 24.87 19.95
CA VAL B 253 -23.74 25.79 18.80
C VAL B 253 -22.90 25.22 17.62
N PHE B 254 -21.93 24.30 17.90
CA PHE B 254 -21.03 23.71 16.88
C PHE B 254 -21.88 22.98 15.87
N PHE B 255 -21.71 23.33 14.58
CA PHE B 255 -22.44 22.77 13.45
C PHE B 255 -23.94 23.13 13.38
N ALA B 256 -24.53 23.59 14.51
CA ALA B 256 -25.95 23.93 14.56
C ALA B 256 -26.25 25.12 13.63
N SER B 257 -26.53 24.77 12.36
CA SER B 257 -26.84 25.67 11.26
C SER B 257 -28.27 26.16 11.35
N TRP B 258 -29.13 25.39 12.05
CA TRP B 258 -30.53 25.69 12.31
C TRP B 258 -30.67 26.98 13.10
N ARG B 259 -29.67 27.25 13.95
CA ARG B 259 -29.58 28.44 14.79
C ARG B 259 -29.45 29.72 13.95
N VAL B 260 -28.92 29.63 12.72
CA VAL B 260 -28.82 30.80 11.84
C VAL B 260 -30.16 31.00 11.11
N VAL B 261 -30.59 29.98 10.39
CA VAL B 261 -31.82 29.93 9.61
C VAL B 261 -33.10 30.15 10.45
N LEU B 262 -33.30 29.32 11.48
CA LEU B 262 -34.49 29.29 12.33
C LEU B 262 -34.39 29.95 13.73
N GLU B 263 -33.29 30.66 14.05
CA GLU B 263 -33.18 31.25 15.39
C GLU B 263 -32.70 32.71 15.49
N GLY B 264 -33.00 33.52 14.47
CA GLY B 264 -32.65 34.93 14.47
C GLY B 264 -31.88 35.47 13.29
N GLY B 265 -31.10 34.60 12.65
CA GLY B 265 -30.29 35.01 11.52
C GLY B 265 -28.95 35.52 12.02
N ILE B 266 -28.19 36.17 11.13
CA ILE B 266 -26.85 36.67 11.44
C ILE B 266 -26.78 37.89 12.36
N ASP B 267 -27.78 38.79 12.22
CA ASP B 267 -27.90 40.05 12.97
C ASP B 267 -27.71 39.96 14.49
N PRO B 268 -28.42 39.06 15.24
CA PRO B 268 -28.17 38.96 16.69
C PRO B 268 -26.77 38.42 17.01
N ILE B 269 -26.18 37.61 16.09
CA ILE B 269 -24.85 37.01 16.27
C ILE B 269 -23.74 38.05 16.17
N LEU B 270 -23.79 38.92 15.13
CA LEU B 270 -22.82 39.99 14.91
C LEU B 270 -22.84 41.03 16.03
N ARG B 271 -24.04 41.39 16.53
CA ARG B 271 -24.22 42.36 17.61
C ARG B 271 -23.54 41.85 18.85
N GLY B 272 -23.80 40.58 19.16
CA GLY B 272 -23.20 39.86 20.27
C GLY B 272 -21.71 39.67 20.06
N LEU B 273 -21.23 39.62 18.78
CA LEU B 273 -19.80 39.49 18.49
C LEU B 273 -19.06 40.78 18.85
N MET B 274 -19.59 41.93 18.38
CA MET B 274 -19.08 43.27 18.64
C MET B 274 -19.14 43.68 20.11
N ALA B 275 -20.24 43.34 20.82
CA ALA B 275 -20.50 43.75 22.21
C ALA B 275 -20.01 42.83 23.34
N THR B 276 -19.63 41.58 23.06
CA THR B 276 -19.15 40.68 24.11
C THR B 276 -17.61 40.70 24.13
N PRO B 277 -16.98 40.66 25.32
CA PRO B 277 -15.50 40.62 25.36
C PRO B 277 -14.96 39.26 24.95
N ALA B 278 -13.73 39.21 24.43
CA ALA B 278 -13.11 37.93 24.09
C ALA B 278 -12.60 37.30 25.39
N LYS B 279 -12.32 35.99 25.39
CA LYS B 279 -11.76 35.36 26.59
C LYS B 279 -10.29 35.81 26.68
N LEU B 280 -9.79 36.05 27.91
CA LEU B 280 -8.39 36.47 28.03
C LEU B 280 -7.50 35.29 28.33
N ASN B 281 -6.44 35.09 27.51
CA ASN B 281 -5.47 34.03 27.76
C ASN B 281 -4.60 34.41 28.96
N ARG B 282 -4.70 33.60 30.03
CA ARG B 282 -3.93 33.70 31.27
C ARG B 282 -3.20 32.40 31.52
N GLN B 283 -1.97 32.49 32.03
CA GLN B 283 -1.08 31.34 32.29
C GLN B 283 -1.73 30.20 33.05
N ASN B 284 -2.75 30.50 33.91
CA ASN B 284 -3.52 29.54 34.70
C ASN B 284 -4.94 29.27 34.13
N GLN B 285 -5.37 30.07 33.11
CA GLN B 285 -6.66 29.94 32.41
C GLN B 285 -6.39 29.99 30.90
N ILE B 286 -5.97 28.88 30.28
CA ILE B 286 -5.62 28.90 28.85
C ILE B 286 -6.80 28.83 27.85
N ALA B 287 -7.59 27.74 27.88
CA ALA B 287 -8.73 27.54 26.97
C ALA B 287 -9.91 26.91 27.71
N VAL B 288 -11.15 27.26 27.29
CA VAL B 288 -12.38 26.77 27.92
C VAL B 288 -12.73 25.28 27.74
N ASP B 289 -13.33 24.66 28.79
CA ASP B 289 -13.80 23.27 28.76
C ASP B 289 -14.91 22.96 27.75
N GLU B 290 -15.48 23.98 27.08
CA GLU B 290 -16.49 23.79 26.05
C GLU B 290 -15.82 23.13 24.86
N ILE B 291 -14.60 23.61 24.54
CA ILE B 291 -13.77 23.09 23.45
C ILE B 291 -12.80 21.98 23.95
N ARG B 292 -12.53 21.91 25.28
CA ARG B 292 -11.63 20.95 25.96
C ARG B 292 -12.31 19.64 26.42
N GLU B 293 -13.66 19.62 26.52
CA GLU B 293 -14.43 18.45 27.01
C GLU B 293 -15.67 18.15 26.14
N ARG B 294 -16.22 19.19 25.52
CA ARG B 294 -17.46 19.08 24.79
C ARG B 294 -17.34 19.54 23.31
N LEU B 295 -16.18 19.25 22.65
CA LEU B 295 -16.00 19.64 21.25
C LEU B 295 -16.71 18.66 20.31
N PHE B 296 -17.67 19.18 19.52
CA PHE B 296 -18.46 18.42 18.53
C PHE B 296 -19.20 17.24 19.19
N GLU B 297 -19.63 17.45 20.43
CA GLU B 297 -20.34 16.54 21.32
C GLU B 297 -21.69 16.09 20.72
N GLN B 298 -22.39 17.02 20.01
CA GLN B 298 -23.69 16.82 19.38
C GLN B 298 -23.65 15.93 18.13
N VAL B 299 -22.48 15.83 17.49
CA VAL B 299 -22.28 15.13 16.21
C VAL B 299 -21.37 13.88 16.25
N MET B 300 -20.75 13.61 17.40
CA MET B 300 -19.76 12.56 17.56
C MET B 300 -20.07 11.56 18.66
N ARG B 301 -19.44 10.36 18.62
CA ARG B 301 -19.62 9.30 19.65
C ARG B 301 -19.12 9.74 21.03
N ILE B 302 -18.34 10.85 21.07
CA ILE B 302 -17.72 11.46 22.25
C ILE B 302 -17.28 12.90 21.90
N GLY B 303 -17.25 13.78 22.90
CA GLY B 303 -16.79 15.14 22.72
C GLY B 303 -15.28 15.14 22.70
N LEU B 304 -14.67 15.91 21.81
CA LEU B 304 -13.22 15.97 21.69
C LEU B 304 -12.63 17.04 22.62
N ASP B 305 -11.29 17.11 22.66
CA ASP B 305 -10.49 18.06 23.45
C ASP B 305 -9.68 18.77 22.40
N LEU B 306 -10.10 19.98 22.03
CA LEU B 306 -9.44 20.76 21.01
C LEU B 306 -7.97 21.08 21.36
N PRO B 307 -7.64 21.55 22.60
CA PRO B 307 -6.23 21.84 22.93
C PRO B 307 -5.31 20.65 22.80
N ALA B 308 -5.82 19.44 23.07
CA ALA B 308 -5.12 18.17 22.97
C ALA B 308 -4.95 17.80 21.49
N LEU B 309 -6.03 17.96 20.67
CA LEU B 309 -5.99 17.69 19.21
C LEU B 309 -4.82 18.45 18.61
N ASN B 310 -4.73 19.78 18.94
CA ASN B 310 -3.67 20.71 18.52
C ASN B 310 -2.29 20.13 18.79
N MET B 311 -2.14 19.44 19.91
CA MET B 311 -0.85 18.90 20.32
C MET B 311 -0.47 17.65 19.57
N GLN B 312 -1.42 16.68 19.43
CA GLN B 312 -1.28 15.42 18.71
C GLN B 312 -1.07 15.76 17.24
N ARG B 313 -1.89 16.70 16.70
CA ARG B 313 -1.76 17.20 15.32
C ARG B 313 -0.32 17.70 15.05
N SER B 314 0.29 18.42 16.00
CA SER B 314 1.65 18.93 15.83
C SER B 314 2.66 17.78 15.83
N ARG B 315 2.34 16.69 16.49
CA ARG B 315 3.21 15.52 16.52
C ARG B 315 3.08 14.74 15.22
N ASP B 316 1.82 14.67 14.68
CA ASP B 316 1.39 14.02 13.43
C ASP B 316 2.10 14.71 12.28
N HIS B 317 2.20 16.06 12.38
CA HIS B 317 2.90 16.93 11.44
C HIS B 317 4.40 16.94 11.75
N GLY B 318 4.81 16.07 12.68
CA GLY B 318 6.19 15.95 13.15
C GLY B 318 6.81 17.29 13.40
N LEU B 319 6.19 18.13 14.25
CA LEU B 319 6.72 19.46 14.48
C LEU B 319 7.81 19.48 15.54
N PRO B 320 8.93 20.21 15.30
CA PRO B 320 9.92 20.35 16.38
C PRO B 320 9.26 21.08 17.56
N GLY B 321 9.65 20.73 18.79
CA GLY B 321 9.08 21.30 20.00
C GLY B 321 9.41 22.77 20.23
N TYR B 322 9.08 23.27 21.42
CA TYR B 322 9.24 24.65 21.88
C TYR B 322 10.62 25.29 21.65
N ASN B 323 11.68 24.65 22.18
CA ASN B 323 13.06 25.13 22.10
C ASN B 323 13.65 25.28 20.71
N ALA B 324 13.27 24.37 19.77
CA ALA B 324 13.69 24.41 18.37
C ALA B 324 13.20 25.71 17.72
N TRP B 325 11.90 26.06 17.93
CA TRP B 325 11.26 27.28 17.43
C TRP B 325 11.74 28.56 18.11
N ARG B 326 12.06 28.50 19.45
CA ARG B 326 12.57 29.69 20.16
C ARG B 326 13.86 30.12 19.47
N ARG B 327 14.70 29.12 19.14
CA ARG B 327 15.97 29.28 18.44
C ARG B 327 15.77 29.77 17.04
N PHE B 328 14.82 29.16 16.32
CA PHE B 328 14.48 29.54 14.95
C PHE B 328 14.23 31.04 14.92
N CYS B 329 13.54 31.53 15.97
CA CYS B 329 13.18 32.92 16.18
C CYS B 329 14.30 33.77 16.76
N GLY B 330 15.37 33.12 17.24
CA GLY B 330 16.52 33.77 17.87
C GLY B 330 16.25 34.20 19.29
N LEU B 331 15.22 33.63 19.91
CA LEU B 331 14.83 33.93 21.29
C LEU B 331 15.57 32.94 22.18
N PRO B 332 15.92 33.28 23.48
CA PRO B 332 16.63 32.31 24.33
C PRO B 332 15.90 30.98 24.45
N GLN B 333 16.64 29.91 24.73
CA GLN B 333 16.08 28.59 24.88
C GLN B 333 16.22 28.14 26.31
N PRO B 334 15.11 28.14 27.08
CA PRO B 334 15.17 27.64 28.47
C PRO B 334 15.50 26.16 28.50
N GLU B 335 16.41 25.74 29.39
CA GLU B 335 16.80 24.33 29.49
C GLU B 335 16.33 23.63 30.77
N THR B 336 15.97 24.43 31.79
CA THR B 336 15.52 23.90 33.09
C THR B 336 14.28 24.65 33.58
N VAL B 337 13.65 24.15 34.67
CA VAL B 337 12.48 24.79 35.30
C VAL B 337 12.75 26.24 35.74
N GLY B 338 13.94 26.52 36.25
CA GLY B 338 14.32 27.86 36.67
C GLY B 338 14.38 28.80 35.49
N GLN B 339 15.04 28.33 34.41
CA GLN B 339 15.21 29.06 33.16
C GLN B 339 13.86 29.29 32.45
N LEU B 340 12.98 28.26 32.46
CA LEU B 340 11.66 28.28 31.84
C LEU B 340 10.75 29.19 32.65
N GLY B 341 10.94 29.14 33.97
CA GLY B 341 10.24 29.97 34.94
C GLY B 341 10.46 31.42 34.63
N THR B 342 11.73 31.77 34.33
CA THR B 342 12.15 33.13 33.95
C THR B 342 11.54 33.50 32.62
N VAL B 343 11.56 32.55 31.62
CA VAL B 343 11.02 32.76 30.27
C VAL B 343 9.51 33.06 30.33
N LEU B 344 8.76 32.18 30.99
CA LEU B 344 7.30 32.32 31.11
C LEU B 344 6.84 33.42 32.10
N ARG B 345 7.74 33.86 33.01
CA ARG B 345 7.45 34.79 34.11
C ARG B 345 6.33 34.14 34.96
N ASN B 346 6.51 32.83 35.30
CA ASN B 346 5.60 31.98 36.09
C ASN B 346 6.30 30.64 36.31
N LEU B 347 6.85 30.45 37.49
CA LEU B 347 7.54 29.23 37.85
C LEU B 347 6.56 28.09 38.09
N LYS B 348 5.30 28.39 38.48
CA LYS B 348 4.29 27.35 38.73
C LYS B 348 3.97 26.57 37.43
N LEU B 349 3.83 27.32 36.31
CA LEU B 349 3.57 26.77 34.99
C LEU B 349 4.78 26.01 34.47
N ALA B 350 5.99 26.59 34.64
CA ALA B 350 7.25 25.99 34.23
C ALA B 350 7.40 24.61 34.83
N ARG B 351 7.05 24.46 36.12
CA ARG B 351 7.13 23.21 36.85
C ARG B 351 6.11 22.21 36.41
N LYS B 352 4.87 22.65 36.13
CA LYS B 352 3.77 21.78 35.66
C LYS B 352 4.09 21.19 34.27
N LEU B 353 4.56 22.05 33.34
CA LEU B 353 4.98 21.68 31.99
C LEU B 353 6.20 20.77 32.10
N MET B 354 7.24 21.18 32.89
CA MET B 354 8.49 20.40 33.08
C MET B 354 8.21 19.02 33.62
N GLU B 355 7.11 18.86 34.38
CA GLU B 355 6.70 17.57 34.93
C GLU B 355 6.17 16.68 33.83
N GLN B 356 5.36 17.27 32.92
CA GLN B 356 4.75 16.56 31.78
C GLN B 356 5.81 16.21 30.71
N TYR B 357 6.54 17.25 30.25
CA TYR B 357 7.50 17.16 29.16
C TYR B 357 8.92 16.69 29.44
N GLY B 358 9.43 16.93 30.65
CA GLY B 358 10.77 16.52 31.09
C GLY B 358 11.88 17.53 30.85
N THR B 359 11.76 18.27 29.74
CA THR B 359 12.66 19.30 29.23
C THR B 359 11.81 20.24 28.38
N PRO B 360 12.11 21.56 28.24
CA PRO B 360 11.26 22.40 27.38
C PRO B 360 11.46 22.12 25.88
N ASN B 361 12.45 21.31 25.53
CA ASN B 361 12.72 20.91 24.15
C ASN B 361 11.50 20.17 23.63
N ASN B 362 10.92 19.25 24.45
CA ASN B 362 9.75 18.43 24.11
C ASN B 362 8.39 19.14 24.16
N ILE B 363 8.31 20.42 24.61
CA ILE B 363 7.04 21.17 24.72
C ILE B 363 6.38 21.45 23.35
N ASP B 364 5.21 20.83 23.09
CA ASP B 364 4.42 20.97 21.86
C ASP B 364 4.16 22.47 21.55
N ILE B 365 4.56 22.93 20.34
CA ILE B 365 4.50 24.32 19.85
C ILE B 365 3.28 25.17 20.25
N TRP B 366 2.06 24.60 20.22
CA TRP B 366 0.91 25.41 20.64
C TRP B 366 0.96 25.54 22.16
N MET B 367 1.22 24.42 22.87
CA MET B 367 1.34 24.39 24.32
C MET B 367 2.31 25.44 24.87
N GLY B 368 3.53 25.47 24.35
CA GLY B 368 4.54 26.44 24.75
C GLY B 368 4.25 27.86 24.31
N GLY B 369 3.65 28.01 23.14
CA GLY B 369 3.34 29.31 22.56
C GLY B 369 2.29 30.10 23.32
N VAL B 370 1.24 29.38 23.78
CA VAL B 370 0.10 29.93 24.52
C VAL B 370 0.41 30.11 26.03
N SER B 371 1.43 29.40 26.52
CA SER B 371 1.94 29.44 27.90
C SER B 371 2.80 30.70 28.14
N GLU B 372 3.39 31.26 27.06
CA GLU B 372 4.24 32.44 27.12
C GLU B 372 3.43 33.67 27.47
N PRO B 373 4.00 34.63 28.24
CA PRO B 373 3.26 35.86 28.54
C PRO B 373 3.12 36.80 27.33
N LEU B 374 1.94 37.40 27.17
CA LEU B 374 1.56 38.31 26.08
C LEU B 374 2.48 39.54 25.95
N LYS B 375 2.65 40.07 24.73
CA LYS B 375 3.46 41.26 24.49
C LYS B 375 2.70 42.53 24.94
N ARG B 376 3.29 43.72 24.76
CA ARG B 376 2.66 45.01 25.09
C ARG B 376 1.62 45.27 24.01
N LYS B 377 0.34 45.49 24.39
CA LYS B 377 -0.78 45.74 23.48
C LYS B 377 -1.06 44.59 22.45
N GLY B 378 -0.55 43.40 22.74
CA GLY B 378 -0.69 42.25 21.87
C GLY B 378 -1.21 41.02 22.58
N ARG B 379 -1.88 40.14 21.82
CA ARG B 379 -2.52 38.93 22.35
C ARG B 379 -1.79 37.60 22.21
N VAL B 380 -0.44 37.66 21.97
CA VAL B 380 0.51 36.50 21.93
C VAL B 380 1.84 36.89 22.57
N GLY B 381 2.65 35.89 22.92
CA GLY B 381 4.02 36.02 23.44
C GLY B 381 5.04 36.21 22.32
N PRO B 382 6.38 36.23 22.57
CA PRO B 382 7.33 36.46 21.45
C PRO B 382 7.51 35.33 20.43
N LEU B 383 7.31 34.06 20.84
CA LEU B 383 7.43 32.93 19.91
C LEU B 383 6.33 32.93 18.83
N LEU B 384 5.06 32.93 19.26
CA LEU B 384 3.95 33.03 18.34
C LEU B 384 4.02 34.33 17.57
N ALA B 385 4.44 35.46 18.19
CA ALA B 385 4.58 36.72 17.45
C ALA B 385 5.54 36.54 16.27
N CYS B 386 6.62 35.77 16.47
CA CYS B 386 7.56 35.50 15.40
C CYS B 386 6.97 34.62 14.30
N ILE B 387 6.47 33.41 14.66
CA ILE B 387 5.87 32.49 13.71
C ILE B 387 4.78 33.19 12.92
N ILE B 388 3.75 33.75 13.60
CA ILE B 388 2.66 34.50 12.99
C ILE B 388 3.19 35.65 12.13
N GLY B 389 4.02 36.53 12.70
CA GLY B 389 4.58 37.66 11.98
C GLY B 389 5.34 37.29 10.71
N THR B 390 6.28 36.34 10.85
CA THR B 390 7.10 35.82 9.74
C THR B 390 6.25 35.40 8.54
N GLN B 391 5.16 34.63 8.83
CA GLN B 391 4.19 34.14 7.86
C GLN B 391 3.45 35.28 7.15
N PHE B 392 2.87 36.23 7.92
CA PHE B 392 2.15 37.38 7.37
C PHE B 392 3.01 38.32 6.53
N ARG B 393 4.31 38.41 6.86
CA ARG B 393 5.26 39.19 6.07
C ARG B 393 5.33 38.56 4.65
N LYS B 394 5.48 37.23 4.60
CA LYS B 394 5.58 36.40 3.40
C LYS B 394 4.32 36.44 2.57
N LEU B 395 3.13 36.46 3.22
CA LEU B 395 1.85 36.51 2.51
C LEU B 395 1.54 37.87 1.95
N ARG B 396 2.17 38.92 2.50
CA ARG B 396 2.00 40.28 2.03
C ARG B 396 2.96 40.57 0.91
N ASP B 397 4.28 40.46 1.14
CA ASP B 397 5.27 40.80 0.11
C ASP B 397 5.37 39.83 -1.03
N GLY B 398 4.86 38.62 -0.81
CA GLY B 398 4.84 37.53 -1.78
C GLY B 398 3.53 37.36 -2.53
N ASP B 399 2.61 38.35 -2.40
CA ASP B 399 1.29 38.40 -3.04
C ASP B 399 1.36 39.40 -4.19
N ARG B 400 1.29 38.91 -5.44
CA ARG B 400 1.38 39.75 -6.64
C ARG B 400 0.10 40.58 -6.85
N PHE B 401 -1.01 40.16 -6.21
CA PHE B 401 -2.32 40.82 -6.27
C PHE B 401 -2.64 41.51 -4.95
N TRP B 402 -1.59 41.88 -4.18
CA TRP B 402 -1.71 42.65 -2.93
C TRP B 402 -2.24 44.04 -3.30
N TRP B 403 -3.23 44.54 -2.54
CA TRP B 403 -3.89 45.81 -2.82
C TRP B 403 -2.96 47.02 -3.05
N GLU B 404 -1.91 47.19 -2.21
CA GLU B 404 -0.96 48.30 -2.34
C GLU B 404 0.00 48.20 -3.55
N ASN B 405 0.22 46.99 -4.09
CA ASN B 405 1.13 46.71 -5.21
C ASN B 405 0.69 47.44 -6.47
N GLU B 406 1.66 48.03 -7.20
CA GLU B 406 1.46 48.80 -8.43
C GLU B 406 0.78 47.95 -9.51
N GLY B 407 -0.39 48.40 -9.98
CA GLY B 407 -1.13 47.71 -11.02
C GLY B 407 -2.41 47.00 -10.60
N VAL B 408 -2.44 46.47 -9.37
CA VAL B 408 -3.61 45.76 -8.80
C VAL B 408 -4.81 46.73 -8.83
N PHE B 409 -4.68 47.88 -8.13
CA PHE B 409 -5.65 48.98 -8.11
C PHE B 409 -4.90 50.25 -8.49
N SER B 410 -5.64 51.31 -8.85
CA SER B 410 -5.10 52.62 -9.23
C SER B 410 -4.75 53.44 -7.97
N MET B 411 -4.04 54.59 -8.15
CA MET B 411 -3.74 55.51 -7.03
C MET B 411 -5.06 55.92 -6.35
N GLN B 412 -6.10 56.16 -7.19
CA GLN B 412 -7.47 56.55 -6.85
C GLN B 412 -8.22 55.48 -6.05
N GLN B 413 -8.34 54.24 -6.59
CA GLN B 413 -9.02 53.10 -5.94
C GLN B 413 -8.40 52.80 -4.59
N ARG B 414 -7.06 52.91 -4.49
CA ARG B 414 -6.31 52.70 -3.26
C ARG B 414 -6.77 53.67 -2.18
N GLN B 415 -6.97 54.96 -2.55
CA GLN B 415 -7.47 56.02 -1.67
C GLN B 415 -8.87 55.65 -1.16
N ALA B 416 -9.75 55.21 -2.10
CA ALA B 416 -11.13 54.78 -1.85
C ALA B 416 -11.18 53.56 -0.89
N LEU B 417 -10.38 52.52 -1.19
CA LEU B 417 -10.27 51.28 -0.43
C LEU B 417 -9.81 51.46 1.00
N ALA B 418 -8.88 52.40 1.27
CA ALA B 418 -8.36 52.60 2.61
C ALA B 418 -9.42 53.16 3.57
N GLN B 419 -10.55 53.61 3.02
CA GLN B 419 -11.62 54.15 3.85
C GLN B 419 -12.54 53.06 4.41
N ILE B 420 -12.41 51.83 3.86
CA ILE B 420 -13.18 50.65 4.27
C ILE B 420 -12.84 50.20 5.70
N SER B 421 -13.81 49.56 6.35
CA SER B 421 -13.71 48.97 7.67
C SER B 421 -14.81 47.91 7.76
N LEU B 422 -14.63 46.94 8.65
CA LEU B 422 -15.63 45.89 8.87
C LEU B 422 -16.94 46.47 9.47
N PRO B 423 -16.95 47.50 10.38
CA PRO B 423 -18.24 48.05 10.85
C PRO B 423 -19.04 48.54 9.65
N ARG B 424 -18.38 49.29 8.74
CA ARG B 424 -19.02 49.77 7.54
C ARG B 424 -19.62 48.60 6.73
N ILE B 425 -18.94 47.43 6.71
CA ILE B 425 -19.41 46.23 5.99
C ILE B 425 -20.69 45.68 6.68
N ILE B 426 -20.77 45.83 8.02
CA ILE B 426 -21.91 45.42 8.83
C ILE B 426 -23.14 46.35 8.57
N CYS B 427 -22.89 47.67 8.40
CA CYS B 427 -23.88 48.71 8.12
C CYS B 427 -24.71 48.42 6.87
N ASP B 428 -24.02 47.99 5.81
CA ASP B 428 -24.56 47.79 4.46
C ASP B 428 -25.11 46.37 4.20
N ASN B 429 -24.78 45.40 5.04
CA ASN B 429 -25.22 44.03 4.79
C ASN B 429 -26.12 43.42 5.85
N THR B 430 -26.50 44.23 6.86
CA THR B 430 -27.37 43.79 7.95
C THR B 430 -28.34 44.90 8.36
N GLY B 431 -29.26 44.53 9.26
CA GLY B 431 -30.21 45.42 9.89
C GLY B 431 -29.72 45.79 11.28
N ILE B 432 -28.42 46.15 11.35
CA ILE B 432 -27.73 46.58 12.57
C ILE B 432 -27.37 48.03 12.33
N THR B 433 -27.74 48.92 13.27
CA THR B 433 -27.52 50.37 13.14
C THR B 433 -26.49 50.90 14.13
N THR B 434 -26.44 50.30 15.32
CA THR B 434 -25.46 50.66 16.33
C THR B 434 -24.29 49.71 16.11
N VAL B 435 -23.13 50.25 15.75
CA VAL B 435 -21.94 49.48 15.39
C VAL B 435 -20.69 49.77 16.25
N SER B 436 -19.73 48.82 16.28
CA SER B 436 -18.45 48.91 17.01
C SER B 436 -17.61 50.08 16.49
N LYS B 437 -17.38 51.12 17.31
CA LYS B 437 -16.54 52.27 16.90
C LYS B 437 -15.09 51.79 16.80
N ASN B 438 -14.41 52.11 15.66
CA ASN B 438 -13.01 51.74 15.37
C ASN B 438 -12.10 51.85 16.60
N ASN B 439 -11.28 50.82 16.93
CA ASN B 439 -11.04 49.57 16.20
C ASN B 439 -12.01 48.48 16.64
N ILE B 440 -12.81 47.94 15.68
CA ILE B 440 -13.81 46.84 15.89
C ILE B 440 -13.33 45.67 16.79
N PHE B 441 -12.05 45.26 16.67
CA PHE B 441 -11.45 44.15 17.43
C PHE B 441 -11.10 44.52 18.86
N MET B 442 -10.90 45.83 19.14
CA MET B 442 -10.64 46.34 20.49
C MET B 442 -11.95 46.49 21.28
N SER B 443 -12.88 47.31 20.72
CA SER B 443 -14.20 47.71 21.23
C SER B 443 -15.12 46.57 21.66
N ASN B 444 -15.42 46.46 22.97
CA ASN B 444 -16.27 45.38 23.50
C ASN B 444 -17.35 45.80 24.54
N SER B 445 -17.61 47.10 24.68
CA SER B 445 -18.62 47.53 25.64
C SER B 445 -19.60 48.54 25.07
N TYR B 446 -20.89 48.24 25.26
CA TYR B 446 -22.03 49.03 24.80
C TYR B 446 -22.62 49.99 25.87
N PRO B 447 -22.89 51.27 25.54
CA PRO B 447 -22.64 51.98 24.28
C PRO B 447 -21.30 52.72 24.25
N ARG B 448 -20.54 52.61 25.35
CA ARG B 448 -19.23 53.24 25.61
C ARG B 448 -18.30 53.30 24.40
N ASP B 449 -18.26 52.20 23.62
CA ASP B 449 -17.40 52.07 22.44
C ASP B 449 -18.20 51.88 21.14
N PHE B 450 -19.49 52.24 21.15
CA PHE B 450 -20.38 52.07 20.00
C PHE B 450 -20.84 53.38 19.37
N VAL B 451 -21.04 53.37 18.04
CA VAL B 451 -21.50 54.54 17.26
C VAL B 451 -22.67 54.17 16.31
N ASN B 452 -23.16 55.15 15.52
CA ASN B 452 -24.25 54.94 14.56
C ASN B 452 -23.67 54.72 13.15
N CYS B 453 -24.47 54.10 12.24
CA CYS B 453 -24.11 53.80 10.86
C CYS B 453 -23.80 55.01 10.00
N SER B 454 -24.49 56.15 10.26
CA SER B 454 -24.34 57.41 9.53
C SER B 454 -22.97 58.07 9.74
N THR B 455 -22.39 57.94 10.96
CA THR B 455 -21.08 58.49 11.35
C THR B 455 -19.87 57.80 10.68
N LEU B 456 -20.12 56.81 9.81
CA LEU B 456 -19.11 56.04 9.08
C LEU B 456 -19.16 56.31 7.56
N PRO B 457 -18.02 56.65 6.92
CA PRO B 457 -18.04 56.87 5.47
C PRO B 457 -18.00 55.55 4.72
N ALA B 458 -18.82 55.45 3.65
CA ALA B 458 -18.92 54.25 2.79
C ALA B 458 -17.82 54.22 1.72
N LEU B 459 -17.65 53.07 1.03
CA LEU B 459 -16.65 52.95 -0.02
C LEU B 459 -17.16 53.55 -1.31
N ASN B 460 -16.53 54.66 -1.73
CA ASN B 460 -16.88 55.31 -2.99
C ASN B 460 -16.30 54.51 -4.14
N LEU B 461 -17.18 54.02 -5.02
CA LEU B 461 -16.80 53.24 -6.20
C LEU B 461 -16.78 54.08 -7.48
N ALA B 462 -16.51 55.38 -7.35
CA ALA B 462 -16.45 56.35 -8.46
C ALA B 462 -15.21 56.12 -9.34
N SER B 463 -14.05 55.84 -8.69
CA SER B 463 -12.77 55.55 -9.33
C SER B 463 -12.83 54.28 -10.16
N TRP B 464 -13.84 53.43 -9.90
CA TRP B 464 -14.09 52.17 -10.58
C TRP B 464 -14.84 52.34 -11.92
N ARG B 465 -15.37 53.55 -12.20
CA ARG B 465 -16.14 53.82 -13.44
C ARG B 465 -15.31 53.70 -14.72
N GLU B 466 -15.93 53.18 -15.80
CA GLU B 466 -15.29 52.98 -17.10
C GLU B 466 -15.95 53.84 -18.18
N CYS C 1 17.15 4.36 17.58
CA CYS C 1 18.00 5.51 17.91
C CYS C 1 18.62 5.40 19.34
N PRO C 2 19.79 4.73 19.48
CA PRO C 2 20.41 4.61 20.83
C PRO C 2 20.89 5.93 21.42
N GLU C 3 20.70 6.10 22.77
CA GLU C 3 21.10 7.30 23.48
C GLU C 3 22.60 7.43 23.67
N GLN C 4 23.33 6.29 23.60
CA GLN C 4 24.80 6.23 23.68
C GLN C 4 25.34 5.52 22.44
N ASP C 5 26.39 6.09 21.82
CA ASP C 5 27.07 5.55 20.63
C ASP C 5 28.47 6.15 20.43
N LYS C 6 29.46 5.28 20.17
CA LYS C 6 30.85 5.70 19.94
C LYS C 6 31.14 6.04 18.47
N TYR C 7 30.60 5.25 17.53
CA TYR C 7 30.86 5.40 16.10
C TYR C 7 29.64 5.75 15.24
N ARG C 8 29.92 6.29 14.05
CA ARG C 8 28.90 6.67 13.08
C ARG C 8 28.22 5.47 12.48
N THR C 9 26.97 5.64 12.09
CA THR C 9 26.26 4.60 11.38
C THR C 9 26.73 4.72 9.94
N ILE C 10 26.70 3.61 9.21
CA ILE C 10 27.13 3.55 7.82
C ILE C 10 26.25 4.47 6.95
N THR C 11 24.91 4.33 7.08
CA THR C 11 23.89 5.11 6.35
C THR C 11 23.88 6.59 6.69
N GLY C 12 24.36 6.95 7.87
CA GLY C 12 24.38 8.34 8.32
C GLY C 12 23.31 8.60 9.37
N MET C 13 22.33 7.67 9.45
CA MET C 13 21.19 7.60 10.38
C MET C 13 21.66 7.89 11.80
N CYS C 14 20.86 8.63 12.59
CA CYS C 14 21.10 8.97 14.00
C CYS C 14 22.15 10.05 14.31
N ASN C 15 22.85 10.58 13.29
CA ASN C 15 23.87 11.65 13.47
C ASN C 15 23.22 12.85 14.17
N ASN C 16 22.04 13.26 13.68
CA ASN C 16 21.23 14.29 14.31
C ASN C 16 20.10 13.50 15.02
N ARG C 17 20.07 13.55 16.38
CA ARG C 17 19.10 12.79 17.16
C ARG C 17 17.66 13.30 17.07
N ARG C 18 17.48 14.64 16.91
CA ARG C 18 16.16 15.27 16.75
C ARG C 18 15.49 14.75 15.46
N SER C 19 16.04 15.12 14.27
CA SER C 19 15.59 14.65 12.96
C SER C 19 16.69 13.66 12.52
N PRO C 20 16.50 12.32 12.78
CA PRO C 20 17.60 11.35 12.58
C PRO C 20 17.98 10.87 11.18
N THR C 21 17.26 11.36 10.16
CA THR C 21 17.55 11.02 8.76
C THR C 21 18.26 12.16 8.02
N LEU C 22 18.53 13.32 8.70
CA LEU C 22 19.21 14.45 8.05
C LEU C 22 20.66 14.11 7.86
N GLY C 23 21.08 14.07 6.60
CA GLY C 23 22.45 13.73 6.28
C GLY C 23 22.63 12.27 5.92
N ALA C 24 21.63 11.44 6.23
CA ALA C 24 21.68 10.01 5.91
C ALA C 24 21.45 9.74 4.40
N SER C 25 21.85 8.54 3.95
CA SER C 25 21.75 8.08 2.56
C SER C 25 20.33 7.72 2.14
N ASN C 26 20.01 7.96 0.86
CA ASN C 26 18.72 7.71 0.21
C ASN C 26 17.59 8.55 0.77
N ARG C 27 17.80 9.86 0.70
CA ARG C 27 16.88 10.87 1.20
C ARG C 27 16.87 12.06 0.25
N ALA C 28 15.73 12.75 0.15
CA ALA C 28 15.57 13.93 -0.68
C ALA C 28 16.49 15.07 -0.25
N PHE C 29 17.19 15.66 -1.22
CA PHE C 29 18.06 16.81 -0.98
C PHE C 29 17.23 17.96 -0.37
N VAL C 30 17.88 18.84 0.37
CA VAL C 30 17.21 20.04 0.87
C VAL C 30 17.26 21.07 -0.28
N ARG C 31 16.31 22.00 -0.30
CA ARG C 31 16.27 23.09 -1.26
C ARG C 31 16.53 24.41 -0.49
N TRP C 32 17.31 25.30 -1.07
CA TRP C 32 17.64 26.59 -0.48
C TRP C 32 16.85 27.62 -1.23
N LEU C 33 16.22 27.19 -2.34
CA LEU C 33 15.38 28.02 -3.21
C LEU C 33 14.33 27.14 -3.92
N PRO C 34 13.03 27.55 -3.85
CA PRO C 34 11.96 26.76 -4.49
C PRO C 34 12.28 26.40 -5.92
N ALA C 35 11.83 25.19 -6.34
CA ALA C 35 12.08 24.69 -7.69
C ALA C 35 11.36 25.43 -8.78
N GLU C 36 12.09 25.70 -9.87
CA GLU C 36 11.60 26.39 -11.08
C GLU C 36 11.47 25.38 -12.20
N TYR C 37 10.30 24.74 -12.25
CA TYR C 37 9.90 23.80 -13.28
C TYR C 37 8.97 24.51 -14.29
N GLU C 38 8.98 24.05 -15.56
CA GLU C 38 8.19 24.61 -16.66
C GLU C 38 6.70 24.54 -16.34
N ASP C 39 6.23 23.43 -15.73
CA ASP C 39 4.84 23.28 -15.31
C ASP C 39 4.65 23.59 -13.79
N GLY C 40 5.72 24.10 -13.16
CA GLY C 40 5.69 24.46 -11.75
C GLY C 40 6.00 23.31 -10.83
N PHE C 41 5.68 22.06 -11.20
CA PHE C 41 5.90 20.92 -10.32
C PHE C 41 6.84 19.81 -10.82
N SER C 42 6.95 19.57 -12.15
CA SER C 42 7.84 18.50 -12.66
C SER C 42 8.53 18.75 -14.01
N LEU C 43 7.84 19.30 -15.00
CA LEU C 43 8.42 19.54 -16.33
C LEU C 43 9.66 20.44 -16.30
N PRO C 44 10.83 19.97 -16.80
CA PRO C 44 12.03 20.83 -16.78
C PRO C 44 11.96 21.92 -17.83
N TYR C 45 12.73 23.00 -17.67
CA TYR C 45 12.73 24.04 -18.69
C TYR C 45 13.24 23.53 -20.05
N GLY C 46 12.60 24.00 -21.13
CA GLY C 46 12.94 23.60 -22.49
C GLY C 46 12.30 22.32 -22.98
N TRP C 47 11.53 21.65 -22.09
CA TRP C 47 10.80 20.41 -22.37
C TRP C 47 9.80 20.64 -23.53
N THR C 48 8.85 21.58 -23.37
CA THR C 48 7.92 21.88 -24.44
C THR C 48 8.60 22.85 -25.42
N PRO C 49 8.76 22.51 -26.73
CA PRO C 49 9.38 23.46 -27.65
C PRO C 49 8.43 24.63 -27.88
N GLY C 50 8.97 25.82 -27.70
CA GLY C 50 8.19 27.05 -27.81
C GLY C 50 8.09 27.74 -26.47
N VAL C 51 7.72 26.97 -25.42
CA VAL C 51 7.58 27.50 -24.06
C VAL C 51 8.85 28.23 -23.59
N LYS C 52 8.72 29.55 -23.43
CA LYS C 52 9.79 30.44 -22.99
C LYS C 52 10.02 30.29 -21.49
N ARG C 53 11.17 30.80 -21.01
CA ARG C 53 11.51 30.84 -19.60
C ARG C 53 11.55 32.31 -19.24
N ASN C 54 10.56 32.75 -18.43
CA ASN C 54 10.44 34.12 -17.94
C ASN C 54 10.42 35.16 -19.10
N GLY C 55 9.70 34.80 -20.18
CA GLY C 55 9.55 35.65 -21.38
C GLY C 55 10.66 35.54 -22.40
N PHE C 56 11.69 34.71 -22.12
CA PHE C 56 12.82 34.51 -23.01
C PHE C 56 13.01 33.06 -23.52
N PRO C 57 13.42 32.89 -24.80
CA PRO C 57 13.59 31.52 -25.32
C PRO C 57 14.57 30.68 -24.51
N VAL C 58 14.22 29.40 -24.29
CA VAL C 58 15.06 28.47 -23.56
C VAL C 58 16.23 28.05 -24.48
N ALA C 59 17.41 28.60 -24.17
CA ALA C 59 18.66 28.34 -24.86
C ALA C 59 19.02 26.87 -24.67
N LEU C 60 19.56 26.22 -25.72
CA LEU C 60 19.94 24.82 -25.61
C LEU C 60 21.24 24.67 -24.81
N ALA C 61 21.34 23.61 -24.00
CA ALA C 61 22.55 23.33 -23.22
C ALA C 61 23.76 23.32 -24.16
N ARG C 62 23.71 22.44 -25.17
CA ARG C 62 24.70 22.23 -26.23
C ARG C 62 25.12 23.54 -26.90
N ALA C 63 24.12 24.34 -27.34
CA ALA C 63 24.30 25.65 -27.96
C ALA C 63 25.07 26.56 -27.03
N VAL C 64 24.73 26.56 -25.72
CA VAL C 64 25.41 27.38 -24.69
C VAL C 64 26.84 26.87 -24.54
N SER C 65 26.97 25.55 -24.45
CA SER C 65 28.23 24.83 -24.32
C SER C 65 29.14 25.21 -25.50
N ASN C 66 28.56 25.37 -26.72
CA ASN C 66 29.25 25.71 -27.98
C ASN C 66 29.74 27.15 -28.10
N GLU C 67 28.86 28.11 -27.82
CA GLU C 67 29.18 29.52 -27.97
C GLU C 67 29.98 30.05 -26.81
N ILE C 68 29.69 29.55 -25.58
CA ILE C 68 30.35 30.00 -24.35
C ILE C 68 31.51 29.12 -23.85
N VAL C 69 31.26 27.83 -23.52
CA VAL C 69 32.26 26.91 -22.93
C VAL C 69 33.42 26.56 -23.88
N ARG C 70 33.06 26.22 -25.13
CA ARG C 70 33.98 25.81 -26.19
C ARG C 70 35.18 26.75 -26.39
N PHE C 71 36.37 26.14 -26.40
CA PHE C 71 37.64 26.81 -26.64
C PHE C 71 38.67 25.81 -27.17
N PRO C 72 39.69 26.25 -27.93
CA PRO C 72 40.70 25.30 -28.40
C PRO C 72 41.71 24.98 -27.32
N THR C 73 42.01 23.69 -27.16
CA THR C 73 42.99 23.15 -26.20
C THR C 73 44.36 23.82 -26.32
N ASP C 74 44.78 24.16 -27.56
CA ASP C 74 46.06 24.85 -27.86
C ASP C 74 46.13 26.32 -27.33
N GLN C 75 45.35 26.60 -26.25
CA GLN C 75 45.25 27.90 -25.56
C GLN C 75 45.27 27.71 -24.03
N LEU C 76 44.84 26.50 -23.55
CA LEU C 76 44.79 26.08 -22.16
C LEU C 76 45.93 26.69 -21.30
N THR C 77 45.54 27.52 -20.32
CA THR C 77 46.45 28.17 -19.37
C THR C 77 46.67 27.23 -18.18
N PRO C 78 47.88 26.70 -17.91
CA PRO C 78 48.04 25.89 -16.68
C PRO C 78 47.97 26.82 -15.45
N ASP C 79 47.73 26.23 -14.25
CA ASP C 79 47.65 26.99 -13.02
C ASP C 79 49.00 26.99 -12.33
N GLN C 80 49.59 28.17 -12.13
CA GLN C 80 50.88 28.25 -11.45
C GLN C 80 50.78 27.93 -9.96
N GLU C 81 49.61 28.21 -9.37
CA GLU C 81 49.35 28.02 -7.95
C GLU C 81 48.55 26.76 -7.59
N ARG C 82 47.96 26.05 -8.56
CA ARG C 82 47.26 24.81 -8.21
C ARG C 82 47.88 23.61 -8.91
N SER C 83 47.72 22.43 -8.29
CA SER C 83 48.15 21.13 -8.83
C SER C 83 46.90 20.37 -9.33
N LEU C 84 47.09 19.23 -10.04
CA LEU C 84 45.97 18.39 -10.48
C LEU C 84 45.43 17.61 -9.31
N MET C 85 46.23 17.51 -8.22
CA MET C 85 45.84 16.89 -6.94
C MET C 85 44.67 17.70 -6.37
N PHE C 86 44.66 19.03 -6.64
CA PHE C 86 43.62 19.96 -6.25
C PHE C 86 42.31 19.56 -6.89
N MET C 87 42.31 19.41 -8.23
CA MET C 87 41.16 19.02 -9.04
C MET C 87 40.60 17.68 -8.56
N GLN C 88 41.48 16.68 -8.40
CA GLN C 88 41.14 15.31 -8.02
C GLN C 88 40.50 15.16 -6.65
N TRP C 89 41.03 15.88 -5.64
CA TRP C 89 40.48 15.85 -4.28
C TRP C 89 39.01 16.32 -4.30
N GLY C 90 38.72 17.36 -5.10
CA GLY C 90 37.39 17.91 -5.30
C GLY C 90 36.45 16.81 -5.75
N GLN C 91 36.82 16.08 -6.83
CA GLN C 91 36.05 14.93 -7.31
C GLN C 91 35.90 13.87 -6.20
N LEU C 92 37.02 13.48 -5.57
CA LEU C 92 37.05 12.50 -4.47
C LEU C 92 36.06 12.94 -3.33
N LEU C 93 36.23 14.16 -2.82
CA LEU C 93 35.37 14.77 -1.81
C LEU C 93 33.89 14.70 -2.22
N ASP C 94 33.55 15.14 -3.45
CA ASP C 94 32.20 15.13 -4.01
C ASP C 94 31.50 13.79 -3.86
N HIS C 95 32.28 12.70 -3.94
CA HIS C 95 31.86 11.30 -3.90
C HIS C 95 31.65 10.76 -2.48
N ASP C 96 31.97 11.60 -1.49
CA ASP C 96 31.75 11.43 -0.04
C ASP C 96 30.52 12.29 0.30
N LEU C 97 29.99 13.03 -0.71
CA LEU C 97 28.91 14.00 -0.53
C LEU C 97 27.62 13.73 -1.25
N ASP C 98 27.69 13.54 -2.56
CA ASP C 98 26.47 13.40 -3.35
C ASP C 98 26.56 12.55 -4.59
N PHE C 99 25.47 11.81 -4.82
CA PHE C 99 25.16 10.96 -5.96
C PHE C 99 23.66 11.03 -6.13
N THR C 100 23.21 11.42 -7.32
CA THR C 100 21.83 11.61 -7.69
C THR C 100 21.38 10.44 -8.57
N PRO C 101 20.71 9.41 -8.02
CA PRO C 101 20.32 8.26 -8.85
C PRO C 101 19.33 8.56 -9.97
N GLU C 102 19.45 7.79 -11.08
CA GLU C 102 18.61 7.83 -12.29
C GLU C 102 18.23 6.38 -12.68
N PRO C 103 17.28 6.15 -13.62
CA PRO C 103 16.88 4.77 -13.93
C PRO C 103 17.91 3.90 -14.66
N VAL D 2 11.05 3.89 -22.76
CA VAL D 2 11.99 4.07 -23.86
C VAL D 2 13.44 4.10 -23.39
N ASN D 3 14.37 3.48 -24.15
CA ASN D 3 15.77 3.50 -23.73
C ASN D 3 16.46 4.80 -24.15
N CYS D 4 16.78 5.63 -23.13
CA CYS D 4 17.40 6.96 -23.26
C CYS D 4 18.80 6.93 -23.82
N GLU D 5 19.50 5.80 -23.69
CA GLU D 5 20.84 5.60 -24.25
C GLU D 5 20.80 5.52 -25.78
N THR D 6 19.81 4.81 -26.35
CA THR D 6 19.66 4.60 -27.80
C THR D 6 18.74 5.58 -28.57
N SER D 7 17.59 5.97 -27.96
CA SER D 7 16.56 6.82 -28.58
C SER D 7 16.76 8.33 -28.47
N CYS D 8 16.02 9.08 -29.31
CA CYS D 8 16.03 10.54 -29.33
C CYS D 8 14.61 11.10 -29.14
N VAL D 9 13.72 10.21 -28.66
CA VAL D 9 12.33 10.49 -28.31
C VAL D 9 12.34 11.14 -26.91
N GLN D 10 11.61 12.26 -26.71
CA GLN D 10 11.50 12.91 -25.42
C GLN D 10 10.22 12.48 -24.73
N GLN D 11 10.30 11.28 -24.13
CA GLN D 11 9.29 10.62 -23.34
C GLN D 11 9.99 10.21 -22.03
N PRO D 12 9.43 10.49 -20.83
CA PRO D 12 10.11 10.12 -19.58
C PRO D 12 10.62 8.68 -19.53
N PRO D 13 11.77 8.39 -18.88
CA PRO D 13 12.66 9.27 -18.10
C PRO D 13 13.62 10.10 -18.94
N CYS D 14 13.43 10.13 -20.26
CA CYS D 14 14.45 10.70 -21.13
C CYS D 14 14.18 12.16 -21.52
N PHE D 15 15.09 13.05 -21.12
CA PHE D 15 15.05 14.49 -21.39
C PHE D 15 16.31 14.69 -22.27
N PRO D 16 16.36 14.09 -23.50
CA PRO D 16 17.59 14.18 -24.28
C PRO D 16 17.85 15.57 -24.80
N LEU D 17 19.14 15.92 -24.86
CA LEU D 17 19.63 17.21 -25.28
C LEU D 17 19.50 17.24 -26.81
N LYS D 18 18.72 18.21 -27.32
CA LYS D 18 18.50 18.41 -28.75
C LYS D 18 19.80 18.88 -29.42
N ILE D 19 19.85 18.82 -30.78
CA ILE D 19 21.07 19.24 -31.48
C ILE D 19 20.95 20.61 -32.19
N PRO D 20 21.82 21.58 -31.85
CA PRO D 20 21.74 22.91 -32.49
C PRO D 20 22.22 22.91 -33.94
N PRO D 21 21.78 23.88 -34.78
CA PRO D 21 22.34 23.95 -36.13
C PRO D 21 23.78 24.46 -36.09
N ASN D 22 24.60 24.06 -37.09
CA ASN D 22 26.02 24.43 -37.20
C ASN D 22 26.88 24.06 -35.98
N ASP D 23 26.56 22.90 -35.38
CA ASP D 23 27.28 22.32 -34.26
C ASP D 23 28.62 21.82 -34.79
N PRO D 24 29.75 22.08 -34.09
CA PRO D 24 31.06 21.64 -34.61
C PRO D 24 31.32 20.13 -34.65
N ARG D 25 30.62 19.33 -33.86
CA ARG D 25 30.83 17.89 -33.83
C ARG D 25 29.68 17.08 -34.43
N ILE D 26 28.42 17.35 -34.00
CA ILE D 26 27.24 16.62 -34.48
C ILE D 26 26.47 17.45 -35.52
N LYS D 27 26.51 17.00 -36.78
CA LYS D 27 25.80 17.66 -37.89
C LYS D 27 24.38 17.12 -37.97
N ASN D 28 24.19 15.79 -37.73
CA ASN D 28 22.88 15.13 -37.75
C ASN D 28 22.01 15.76 -36.66
N GLN D 29 21.11 16.67 -37.06
CA GLN D 29 20.23 17.37 -36.12
C GLN D 29 19.07 16.53 -35.59
N ALA D 30 18.98 15.26 -36.03
CA ALA D 30 17.96 14.32 -35.58
C ALA D 30 18.56 13.39 -34.54
N ASP D 31 19.85 13.63 -34.20
CA ASP D 31 20.61 12.91 -33.18
C ASP D 31 20.43 13.70 -31.87
N CYS D 32 21.10 13.26 -30.78
CA CYS D 32 21.04 13.85 -29.45
C CYS D 32 22.12 13.23 -28.56
N ILE D 33 22.39 13.90 -27.40
CA ILE D 33 23.27 13.40 -26.33
C ILE D 33 22.29 12.74 -25.33
N PRO D 34 22.52 11.47 -24.93
CA PRO D 34 21.58 10.81 -24.00
C PRO D 34 21.52 11.42 -22.59
N PHE D 35 20.28 11.67 -22.14
CA PHE D 35 20.00 12.21 -20.82
C PHE D 35 18.89 11.45 -20.14
N PHE D 36 19.07 11.19 -18.83
CA PHE D 36 18.10 10.51 -17.98
C PHE D 36 17.73 11.47 -16.89
N ARG D 37 16.42 11.70 -16.71
CA ARG D 37 15.92 12.53 -15.63
C ARG D 37 16.19 11.77 -14.35
N SER D 38 16.83 12.46 -13.39
CA SER D 38 17.22 12.00 -12.06
C SER D 38 15.97 11.52 -11.36
N CYS D 39 16.09 10.40 -10.64
CA CYS D 39 14.99 9.76 -9.95
C CYS D 39 14.23 10.74 -9.04
N PRO D 40 12.87 10.79 -9.09
CA PRO D 40 12.15 11.71 -8.19
C PRO D 40 12.03 11.11 -6.81
N ALA D 41 12.01 11.96 -5.77
CA ALA D 41 11.88 11.53 -4.37
C ALA D 41 10.50 11.00 -4.11
N CYS D 42 9.52 11.51 -4.87
CA CYS D 42 8.10 11.19 -4.79
C CYS D 42 7.54 10.91 -6.21
N PRO D 43 7.63 9.64 -6.69
CA PRO D 43 7.24 9.35 -8.10
C PRO D 43 5.80 9.58 -8.53
N GLY D 44 5.66 10.27 -9.66
CA GLY D 44 4.39 10.57 -10.31
C GLY D 44 3.32 11.35 -9.57
N SER D 45 3.69 12.11 -8.53
CA SER D 45 2.76 12.91 -7.72
C SER D 45 2.54 14.30 -8.27
N ASN D 46 1.26 14.71 -8.30
CA ASN D 46 0.79 16.03 -8.72
C ASN D 46 0.51 16.96 -7.52
N ILE D 47 1.22 16.72 -6.39
CA ILE D 47 1.09 17.52 -5.17
C ILE D 47 2.45 18.10 -4.79
N THR D 48 3.51 17.37 -5.10
CA THR D 48 4.86 17.79 -4.76
C THR D 48 5.55 18.53 -5.91
N ILE D 49 6.44 19.46 -5.55
CA ILE D 49 7.29 20.13 -6.53
C ILE D 49 8.49 19.18 -6.52
N ARG D 50 8.61 18.37 -7.59
CA ARG D 50 9.63 17.34 -7.82
C ARG D 50 10.95 17.68 -7.23
N ASN D 51 11.50 16.75 -6.45
CA ASN D 51 12.82 16.86 -5.85
C ASN D 51 13.56 15.53 -6.06
N GLN D 52 14.89 15.52 -5.89
CA GLN D 52 15.71 14.34 -6.14
C GLN D 52 16.33 13.74 -4.90
N ILE D 53 16.93 12.55 -5.05
CA ILE D 53 17.50 11.74 -3.98
C ILE D 53 19.02 11.89 -3.93
N ASN D 54 19.58 11.71 -2.72
CA ASN D 54 21.01 11.66 -2.44
C ASN D 54 21.24 10.24 -1.91
N ALA D 55 21.81 9.36 -2.75
CA ALA D 55 22.05 7.95 -2.44
C ALA D 55 23.16 7.75 -1.39
N LEU D 56 23.89 8.86 -1.09
CA LEU D 56 25.00 8.85 -0.13
C LEU D 56 24.72 9.69 1.13
N THR D 57 25.64 9.61 2.11
CA THR D 57 25.64 10.41 3.33
C THR D 57 26.17 11.78 2.88
N SER D 58 25.65 12.85 3.47
CA SER D 58 26.09 14.18 3.10
C SER D 58 27.28 14.56 3.94
N PHE D 59 27.60 13.74 4.93
CA PHE D 59 28.72 14.00 5.83
C PHE D 59 30.08 13.79 5.20
N VAL D 60 31.11 14.34 5.85
CA VAL D 60 32.49 14.15 5.44
C VAL D 60 32.99 13.03 6.40
N ASP D 61 32.45 11.82 6.17
CA ASP D 61 32.62 10.56 6.93
C ASP D 61 33.37 9.47 6.14
N ALA D 62 33.97 9.84 4.96
CA ALA D 62 34.68 8.98 4.02
C ALA D 62 33.80 7.81 3.55
N SER D 63 32.52 8.12 3.26
CA SER D 63 31.58 7.13 2.77
C SER D 63 31.95 6.66 1.35
N MET D 64 32.89 7.38 0.66
CA MET D 64 33.41 6.98 -0.66
C MET D 64 34.38 5.80 -0.52
N VAL D 65 34.81 5.52 0.74
CA VAL D 65 35.68 4.41 1.13
C VAL D 65 34.84 3.27 1.73
N TYR D 66 33.98 3.60 2.72
CA TYR D 66 33.19 2.63 3.48
C TYR D 66 31.82 2.31 2.94
N GLY D 67 31.23 3.23 2.18
CA GLY D 67 29.90 3.08 1.62
C GLY D 67 28.82 3.69 2.51
N SER D 68 27.71 4.11 1.88
CA SER D 68 26.58 4.70 2.59
C SER D 68 25.42 3.71 2.78
N GLU D 69 25.68 2.39 2.68
CA GLU D 69 24.66 1.35 2.85
C GLU D 69 25.19 0.11 3.58
N GLU D 70 24.37 -0.43 4.50
CA GLU D 70 24.70 -1.61 5.32
C GLU D 70 25.09 -2.90 4.53
N PRO D 71 24.39 -3.32 3.43
CA PRO D 71 24.86 -4.53 2.71
C PRO D 71 26.25 -4.31 2.12
N LEU D 72 26.45 -3.11 1.49
CA LEU D 72 27.71 -2.65 0.90
C LEU D 72 28.88 -2.65 1.89
N ALA D 73 28.84 -1.77 2.91
CA ALA D 73 29.88 -1.60 3.91
C ALA D 73 30.45 -2.91 4.44
N ARG D 74 29.58 -3.89 4.74
CA ARG D 74 29.91 -5.21 5.26
C ARG D 74 30.69 -6.04 4.23
N ASN D 75 30.33 -5.95 2.92
CA ASN D 75 30.99 -6.65 1.79
C ASN D 75 32.40 -6.09 1.61
N LEU D 76 32.52 -4.75 1.68
CA LEU D 76 33.78 -4.00 1.55
C LEU D 76 34.81 -4.41 2.57
N ARG D 77 34.36 -5.02 3.68
CA ARG D 77 35.17 -5.51 4.78
C ARG D 77 35.65 -6.96 4.56
N ASN D 78 36.88 -7.25 5.04
CA ASN D 78 37.50 -8.57 5.03
C ASN D 78 36.81 -9.35 6.16
N MET D 79 35.77 -10.13 5.81
CA MET D 79 34.97 -10.92 6.76
C MET D 79 35.55 -12.35 6.89
N SER D 80 36.85 -12.42 7.24
CA SER D 80 37.61 -13.66 7.43
C SER D 80 38.29 -13.65 8.80
N ASN D 81 38.99 -12.55 9.11
CA ASN D 81 39.74 -12.36 10.36
C ASN D 81 39.18 -11.23 11.22
N GLN D 82 39.58 -11.24 12.49
CA GLN D 82 39.17 -10.23 13.45
C GLN D 82 40.25 -9.13 13.54
N LEU D 83 40.57 -8.52 12.37
CA LEU D 83 41.56 -7.45 12.20
C LEU D 83 40.93 -6.13 11.72
N GLY D 84 39.65 -6.19 11.38
CA GLY D 84 38.87 -5.04 10.91
C GLY D 84 39.39 -4.32 9.69
N LEU D 85 40.01 -5.08 8.76
CA LEU D 85 40.54 -4.54 7.50
C LEU D 85 39.46 -4.59 6.43
N LEU D 86 39.67 -3.83 5.34
CA LEU D 86 38.81 -3.77 4.15
C LEU D 86 39.29 -4.85 3.16
N ALA D 87 38.35 -5.46 2.42
CA ALA D 87 38.67 -6.48 1.41
C ALA D 87 39.48 -5.87 0.28
N VAL D 88 40.60 -6.51 -0.07
CA VAL D 88 41.51 -6.07 -1.14
C VAL D 88 41.33 -6.90 -2.43
N ASN D 89 42.16 -6.67 -3.45
CA ASN D 89 42.09 -7.45 -4.67
C ASN D 89 42.80 -8.78 -4.46
N GLN D 90 42.13 -9.87 -4.82
CA GLN D 90 42.70 -11.21 -4.71
C GLN D 90 43.44 -11.61 -5.99
N ARG D 91 42.92 -11.18 -7.16
CA ARG D 91 43.51 -11.46 -8.47
C ARG D 91 44.81 -10.71 -8.70
N PHE D 92 44.88 -9.43 -8.26
CA PHE D 92 46.07 -8.58 -8.49
C PHE D 92 46.59 -7.83 -7.26
N GLN D 93 47.80 -7.24 -7.41
CA GLN D 93 48.52 -6.41 -6.44
C GLN D 93 49.21 -5.27 -7.21
N ASP D 94 49.75 -4.27 -6.50
CA ASP D 94 50.49 -3.15 -7.07
C ASP D 94 51.83 -3.18 -6.34
N ASN D 95 52.83 -3.92 -6.89
CA ASN D 95 54.18 -4.12 -6.32
C ASN D 95 54.11 -4.50 -4.83
N GLY D 96 53.32 -5.54 -4.57
CA GLY D 96 53.08 -6.06 -3.23
C GLY D 96 52.07 -5.27 -2.41
N ARG D 97 51.64 -4.11 -2.92
CA ARG D 97 50.69 -3.20 -2.27
C ARG D 97 49.25 -3.48 -2.68
N ALA D 98 48.31 -3.16 -1.78
CA ALA D 98 46.88 -3.39 -1.96
C ALA D 98 46.25 -2.56 -3.08
N LEU D 99 45.22 -3.15 -3.74
CA LEU D 99 44.41 -2.55 -4.79
C LEU D 99 42.95 -2.87 -4.49
N LEU D 100 42.01 -2.03 -4.94
CA LEU D 100 40.58 -2.26 -4.67
C LEU D 100 40.09 -3.60 -5.24
N PRO D 101 39.15 -4.31 -4.58
CA PRO D 101 38.62 -5.55 -5.18
C PRO D 101 37.75 -5.24 -6.39
N PHE D 102 37.40 -6.24 -7.18
CA PHE D 102 36.56 -5.96 -8.35
C PHE D 102 35.07 -6.00 -8.06
N ASP D 103 34.33 -5.22 -8.86
CA ASP D 103 32.88 -5.13 -8.81
C ASP D 103 32.29 -6.12 -9.82
N ASN D 104 31.32 -6.89 -9.34
CA ASN D 104 30.59 -7.89 -10.11
C ASN D 104 29.39 -7.21 -10.81
N LEU D 105 29.65 -6.55 -11.94
CA LEU D 105 28.60 -5.85 -12.70
C LEU D 105 28.05 -6.68 -13.85
N HIS D 106 26.80 -6.40 -14.24
CA HIS D 106 26.14 -7.07 -15.36
C HIS D 106 26.76 -6.47 -16.62
N ASP D 107 26.26 -5.31 -17.08
CA ASP D 107 26.82 -4.64 -18.24
C ASP D 107 27.94 -3.74 -17.74
N ASP D 108 29.11 -4.34 -17.41
CA ASP D 108 30.30 -3.65 -16.88
C ASP D 108 30.91 -2.65 -17.90
N PRO D 109 31.11 -1.39 -17.47
CA PRO D 109 31.68 -0.40 -18.40
C PRO D 109 33.20 -0.31 -18.46
N CYS D 110 33.93 -0.90 -17.49
CA CYS D 110 35.39 -0.83 -17.47
C CYS D 110 36.06 -1.87 -18.35
N LEU D 111 35.31 -2.93 -18.71
CA LEU D 111 35.73 -4.02 -19.58
C LEU D 111 35.87 -3.47 -21.01
N LEU D 112 34.87 -2.70 -21.46
CA LEU D 112 34.78 -2.08 -22.79
C LEU D 112 35.96 -1.15 -23.18
N THR D 113 36.72 -0.64 -22.19
CA THR D 113 37.86 0.26 -22.42
C THR D 113 39.04 -0.42 -23.10
N ASN D 114 39.24 -1.71 -22.80
CA ASN D 114 40.27 -2.59 -23.35
C ASN D 114 39.69 -3.98 -23.27
N ARG D 115 39.28 -4.55 -24.44
CA ARG D 115 38.69 -5.90 -24.54
C ARG D 115 39.63 -6.99 -24.09
N SER D 116 40.89 -6.95 -24.58
CA SER D 116 41.90 -7.99 -24.30
C SER D 116 42.28 -8.11 -22.83
N ALA D 117 42.52 -6.94 -22.15
CA ALA D 117 42.95 -6.79 -20.75
C ALA D 117 41.98 -7.36 -19.72
N ARG D 118 40.67 -7.42 -20.06
CA ARG D 118 39.61 -7.98 -19.23
C ARG D 118 39.54 -7.51 -17.76
N ILE D 119 39.95 -6.24 -17.53
CA ILE D 119 39.94 -5.64 -16.18
C ILE D 119 38.62 -4.92 -15.91
N PRO D 120 37.83 -5.44 -14.94
CA PRO D 120 36.56 -4.79 -14.60
C PRO D 120 36.71 -3.58 -13.67
N CYS D 121 35.54 -3.01 -13.28
CA CYS D 121 35.42 -1.87 -12.40
C CYS D 121 35.77 -2.25 -10.98
N PHE D 122 36.33 -1.31 -10.24
CA PHE D 122 36.66 -1.55 -8.85
C PHE D 122 35.43 -1.31 -7.98
N LEU D 123 35.34 -2.08 -6.89
CA LEU D 123 34.27 -2.01 -5.90
C LEU D 123 34.80 -1.22 -4.71
N ALA D 124 34.26 0.00 -4.52
CA ALA D 124 34.59 0.96 -3.45
C ALA D 124 33.30 1.38 -2.72
N GLY D 125 33.41 2.38 -1.84
CA GLY D 125 32.28 2.92 -1.08
C GLY D 125 31.29 3.62 -1.98
N ASP D 126 31.80 4.24 -3.03
CA ASP D 126 31.04 4.97 -4.04
C ASP D 126 31.21 4.25 -5.41
N THR D 127 30.11 4.14 -6.21
CA THR D 127 30.06 3.49 -7.53
C THR D 127 30.86 4.14 -8.68
N ARG D 128 31.49 5.32 -8.41
CA ARG D 128 32.31 6.06 -9.37
C ARG D 128 33.83 5.88 -9.07
N SER D 129 34.23 4.71 -8.51
CA SER D 129 35.63 4.46 -8.17
C SER D 129 36.48 4.33 -9.40
N SER D 130 35.94 3.64 -10.42
CA SER D 130 36.64 3.38 -11.68
C SER D 130 36.28 4.36 -12.78
N GLU D 131 35.87 5.58 -12.41
CA GLU D 131 35.47 6.59 -13.39
C GLU D 131 36.70 7.09 -14.16
N MET D 132 37.68 7.62 -13.44
CA MET D 132 38.97 8.03 -13.97
C MET D 132 40.08 7.46 -13.08
N PRO D 133 41.21 6.94 -13.65
CA PRO D 133 42.23 6.27 -12.81
C PRO D 133 42.84 7.09 -11.68
N GLU D 134 42.91 8.43 -11.82
CA GLU D 134 43.42 9.34 -10.78
C GLU D 134 42.58 9.24 -9.49
N LEU D 135 41.26 9.15 -9.65
CA LEU D 135 40.30 8.97 -8.57
C LEU D 135 40.46 7.57 -7.98
N THR D 136 40.66 6.55 -8.83
CA THR D 136 40.86 5.16 -8.38
C THR D 136 42.07 5.12 -7.45
N SER D 137 43.17 5.80 -7.85
CA SER D 137 44.41 5.96 -7.11
C SER D 137 44.11 6.59 -5.75
N MET D 138 43.12 7.52 -5.70
CA MET D 138 42.68 8.17 -4.46
C MET D 138 41.95 7.17 -3.60
N HIS D 139 40.98 6.45 -4.17
CA HIS D 139 40.23 5.41 -3.47
C HIS D 139 41.13 4.31 -2.93
N THR D 140 42.16 3.91 -3.71
CA THR D 140 43.12 2.87 -3.35
C THR D 140 44.01 3.33 -2.23
N LEU D 141 44.41 4.60 -2.24
CA LEU D 141 45.29 5.19 -1.23
C LEU D 141 44.63 5.17 0.14
N LEU D 142 43.34 5.51 0.21
CA LEU D 142 42.56 5.48 1.45
C LEU D 142 42.16 4.04 1.84
N LEU D 143 42.19 3.08 0.88
CA LEU D 143 41.92 1.66 1.12
C LEU D 143 43.16 1.06 1.79
N ARG D 144 44.33 1.56 1.38
CA ARG D 144 45.60 1.13 1.95
C ARG D 144 45.76 1.80 3.32
N GLU D 145 45.26 3.05 3.46
CA GLU D 145 45.34 3.80 4.72
C GLU D 145 44.50 3.20 5.82
N HIS D 146 43.32 2.68 5.47
CA HIS D 146 42.45 2.07 6.47
C HIS D 146 43.07 0.78 7.06
N ASN D 147 43.52 -0.14 6.18
CA ASN D 147 44.15 -1.41 6.57
C ASN D 147 45.49 -1.17 7.28
N ARG D 148 46.22 -0.09 6.92
CA ARG D 148 47.48 0.30 7.55
C ARG D 148 47.28 0.64 9.02
N LEU D 149 46.27 1.50 9.33
CA LEU D 149 45.93 1.97 10.68
C LEU D 149 45.46 0.82 11.57
N ALA D 150 44.58 -0.05 11.04
CA ALA D 150 44.04 -1.25 11.70
C ALA D 150 45.18 -2.11 12.23
N THR D 151 46.23 -2.32 11.37
CA THR D 151 47.45 -3.06 11.69
C THR D 151 48.20 -2.35 12.82
N GLU D 152 48.44 -1.02 12.70
CA GLU D 152 49.13 -0.23 13.73
C GLU D 152 48.32 -0.18 15.04
N LEU D 153 46.97 -0.25 14.96
CA LEU D 153 46.07 -0.24 16.13
C LEU D 153 46.15 -1.58 16.85
N LYS D 154 46.16 -2.69 16.08
CA LYS D 154 46.25 -4.07 16.59
C LYS D 154 47.53 -4.29 17.41
N SER D 155 48.69 -3.75 16.96
CA SER D 155 49.98 -3.87 17.66
C SER D 155 49.97 -3.12 19.01
N LEU D 156 49.22 -2.01 19.09
CA LEU D 156 49.07 -1.21 20.31
C LEU D 156 47.99 -1.79 21.23
N ASN D 157 46.90 -2.32 20.62
CA ASN D 157 45.75 -2.87 21.34
C ASN D 157 45.42 -4.31 20.92
N PRO D 158 46.16 -5.30 21.46
CA PRO D 158 45.93 -6.70 21.08
C PRO D 158 44.53 -7.24 21.38
N ARG D 159 43.94 -6.82 22.51
CA ARG D 159 42.62 -7.31 22.93
C ARG D 159 41.44 -6.85 22.07
N TRP D 160 41.59 -5.71 21.33
CA TRP D 160 40.57 -5.17 20.41
C TRP D 160 40.26 -6.19 19.32
N ASP D 161 38.95 -6.42 19.06
CA ASP D 161 38.45 -7.38 18.07
C ASP D 161 38.36 -6.76 16.65
N GLY D 162 37.61 -7.42 15.75
CA GLY D 162 37.41 -6.98 14.38
C GLY D 162 36.63 -5.69 14.21
N GLU D 163 35.48 -5.57 14.91
CA GLU D 163 34.61 -4.40 14.85
C GLU D 163 35.31 -3.18 15.44
N ARG D 164 35.95 -3.35 16.60
CA ARG D 164 36.66 -2.26 17.28
C ARG D 164 37.79 -1.66 16.39
N LEU D 165 38.54 -2.55 15.71
CA LEU D 165 39.62 -2.18 14.80
C LEU D 165 39.09 -1.39 13.59
N TYR D 166 38.11 -1.95 12.84
CA TYR D 166 37.46 -1.33 11.66
C TYR D 166 36.97 0.08 11.96
N GLN D 167 36.26 0.23 13.09
CA GLN D 167 35.66 1.48 13.53
C GLN D 167 36.67 2.56 13.92
N GLU D 168 37.67 2.20 14.76
CA GLU D 168 38.69 3.15 15.19
C GLU D 168 39.49 3.70 14.03
N ALA D 169 39.75 2.87 13.00
CA ALA D 169 40.48 3.25 11.78
C ALA D 169 39.60 4.14 10.89
N ARG D 170 38.31 3.75 10.76
CA ARG D 170 37.24 4.45 10.02
C ARG D 170 37.10 5.90 10.52
N LYS D 171 37.11 6.07 11.86
CA LYS D 171 37.04 7.33 12.61
C LYS D 171 38.24 8.21 12.24
N ILE D 172 39.45 7.61 12.10
CA ILE D 172 40.70 8.31 11.72
C ILE D 172 40.62 8.63 10.24
N VAL D 173 40.20 7.66 9.40
CA VAL D 173 40.06 7.90 7.96
C VAL D 173 39.20 9.12 7.66
N GLY D 174 38.00 9.19 8.28
CA GLY D 174 37.09 10.33 8.19
C GLY D 174 37.70 11.62 8.72
N ALA D 175 38.32 11.57 9.92
CA ALA D 175 38.95 12.73 10.55
C ALA D 175 40.00 13.31 9.62
N MET D 176 40.88 12.44 9.07
CA MET D 176 41.91 12.77 8.09
C MET D 176 41.29 13.50 6.90
N VAL D 177 40.28 12.86 6.24
CA VAL D 177 39.53 13.41 5.10
C VAL D 177 38.93 14.82 5.43
N GLN D 178 38.41 15.00 6.68
CA GLN D 178 37.86 16.28 7.16
C GLN D 178 38.94 17.32 7.35
N ILE D 179 40.10 16.93 7.90
CA ILE D 179 41.26 17.83 8.13
C ILE D 179 41.80 18.37 6.79
N ILE D 180 42.07 17.47 5.80
CA ILE D 180 42.59 17.85 4.48
C ILE D 180 41.61 18.80 3.77
N THR D 181 40.32 18.44 3.77
CA THR D 181 39.28 19.26 3.15
C THR D 181 39.22 20.67 3.76
N TYR D 182 39.06 20.74 5.09
CA TYR D 182 38.89 22.00 5.79
C TYR D 182 40.10 22.87 5.98
N ARG D 183 41.27 22.28 6.32
CA ARG D 183 42.53 23.01 6.52
C ARG D 183 43.27 23.25 5.21
N ASP D 184 43.34 22.26 4.31
CA ASP D 184 44.12 22.41 3.08
C ASP D 184 43.35 22.75 1.80
N TYR D 185 42.30 21.97 1.48
CA TYR D 185 41.50 22.13 0.25
C TYR D 185 40.62 23.40 0.19
N LEU D 186 39.56 23.47 1.02
CA LEU D 186 38.63 24.59 1.06
C LEU D 186 39.19 26.02 1.06
N PRO D 187 40.31 26.39 1.78
CA PRO D 187 40.78 27.79 1.70
C PRO D 187 41.42 28.15 0.36
N LEU D 188 41.81 27.12 -0.42
CA LEU D 188 42.41 27.25 -1.75
C LEU D 188 41.31 27.29 -2.80
N VAL D 189 40.09 26.89 -2.42
CA VAL D 189 38.93 26.92 -3.33
C VAL D 189 38.22 28.28 -3.20
N LEU D 190 37.88 28.66 -1.96
CA LEU D 190 37.13 29.89 -1.66
C LEU D 190 37.97 31.17 -1.60
N GLY D 191 39.20 31.05 -1.14
CA GLY D 191 40.04 32.21 -0.93
C GLY D 191 40.02 32.51 0.55
N PRO D 192 40.69 33.57 1.06
CA PRO D 192 40.69 33.75 2.51
C PRO D 192 39.49 34.49 3.07
N THR D 193 39.01 35.53 2.38
CA THR D 193 37.87 36.31 2.85
C THR D 193 36.63 35.42 2.89
N ALA D 194 36.38 34.64 1.79
CA ALA D 194 35.27 33.71 1.70
C ALA D 194 35.39 32.60 2.75
N MET D 195 36.61 32.14 3.04
CA MET D 195 36.88 31.10 4.04
C MET D 195 36.51 31.59 5.46
N ARG D 196 36.77 32.89 5.77
CA ARG D 196 36.46 33.49 7.09
C ARG D 196 34.95 33.76 7.21
N LYS D 197 34.34 34.37 6.14
CA LYS D 197 32.92 34.68 6.06
C LYS D 197 32.06 33.44 6.20
N TYR D 198 32.44 32.38 5.49
CA TYR D 198 31.68 31.17 5.39
C TYR D 198 31.97 30.06 6.36
N LEU D 199 33.21 29.98 6.85
CA LEU D 199 33.64 28.94 7.75
C LEU D 199 34.50 29.56 8.85
N PRO D 200 33.90 30.38 9.76
CA PRO D 200 34.74 30.99 10.82
C PRO D 200 35.22 29.94 11.82
N THR D 201 36.10 30.32 12.80
CA THR D 201 36.64 29.38 13.80
C THR D 201 35.57 28.40 14.28
N TYR D 202 35.87 27.10 14.27
CA TYR D 202 34.88 26.11 14.72
C TYR D 202 34.56 26.32 16.21
N ARG D 203 33.27 26.51 16.55
CA ARG D 203 32.86 26.65 17.95
C ARG D 203 32.71 25.22 18.47
N SER D 204 31.53 24.59 18.31
CA SER D 204 31.26 23.18 18.67
C SER D 204 30.05 22.69 17.87
N TYR D 205 29.66 21.41 18.05
CA TYR D 205 28.51 20.84 17.35
C TYR D 205 27.25 21.60 17.68
N ASN D 206 26.40 21.77 16.68
CA ASN D 206 25.12 22.46 16.73
C ASN D 206 24.07 21.51 16.09
N ASP D 207 23.06 21.06 16.88
CA ASP D 207 22.08 20.10 16.32
C ASP D 207 20.87 20.75 15.66
N SER D 208 21.02 22.04 15.35
CA SER D 208 20.04 22.89 14.73
C SER D 208 20.53 23.27 13.32
N VAL D 209 21.65 22.66 12.92
CA VAL D 209 22.28 22.85 11.61
C VAL D 209 21.93 21.65 10.72
N ASP D 210 21.19 21.93 9.61
CA ASP D 210 20.76 20.97 8.60
C ASP D 210 22.02 20.46 7.89
N PRO D 211 22.42 19.19 8.08
CA PRO D 211 23.66 18.71 7.44
C PRO D 211 23.46 18.15 6.02
N ARG D 212 22.24 18.29 5.46
CA ARG D 212 21.90 17.78 4.13
C ARG D 212 22.59 18.53 2.99
N ILE D 213 22.78 17.84 1.85
CA ILE D 213 23.34 18.50 0.68
C ILE D 213 22.15 19.22 0.07
N ALA D 214 22.31 20.53 -0.19
CA ALA D 214 21.31 21.34 -0.88
C ALA D 214 21.38 20.91 -2.34
N ASN D 215 20.19 20.76 -2.97
CA ASN D 215 20.03 20.38 -4.38
C ASN D 215 21.01 21.14 -5.30
N VAL D 216 21.08 22.51 -5.18
CA VAL D 216 21.95 23.41 -5.94
C VAL D 216 23.47 23.08 -5.88
N PHE D 217 23.96 22.63 -4.70
CA PHE D 217 25.36 22.28 -4.49
C PHE D 217 25.81 21.17 -5.44
N THR D 218 24.94 20.19 -5.77
CA THR D 218 25.25 19.08 -6.69
C THR D 218 25.60 19.62 -8.08
N ASN D 219 24.99 20.74 -8.47
CA ASN D 219 25.30 21.34 -9.76
C ASN D 219 26.42 22.33 -9.56
N ALA D 220 26.25 23.31 -8.66
CA ALA D 220 27.24 24.36 -8.42
C ALA D 220 28.67 23.87 -8.21
N PHE D 221 28.86 22.78 -7.44
CA PHE D 221 30.17 22.17 -7.14
C PHE D 221 30.87 21.56 -8.37
N ARG D 222 30.17 21.50 -9.51
CA ARG D 222 30.73 21.01 -10.77
C ARG D 222 31.76 21.98 -11.30
N TYR D 223 32.02 23.09 -10.58
CA TYR D 223 33.05 24.08 -10.91
C TYR D 223 34.39 23.35 -11.22
N GLY D 224 34.63 22.22 -10.53
CA GLY D 224 35.81 21.39 -10.71
C GLY D 224 36.01 20.92 -12.13
N HIS D 225 34.89 20.85 -12.91
CA HIS D 225 34.90 20.51 -14.35
C HIS D 225 35.78 21.51 -15.12
N THR D 226 35.83 22.78 -14.62
CA THR D 226 36.70 23.83 -15.20
C THR D 226 38.19 23.63 -14.90
N LEU D 227 38.52 22.74 -13.92
CA LEU D 227 39.91 22.44 -13.53
C LEU D 227 40.46 21.15 -14.16
N ILE D 228 39.72 20.51 -15.08
CA ILE D 228 40.14 19.24 -15.69
C ILE D 228 41.13 19.42 -16.88
N GLN D 229 42.27 18.69 -16.85
CA GLN D 229 43.31 18.70 -17.90
C GLN D 229 42.90 17.76 -19.03
N PRO D 230 43.38 17.89 -20.29
CA PRO D 230 42.94 16.97 -21.35
C PRO D 230 43.68 15.63 -21.38
N PHE D 231 44.68 15.43 -20.47
CA PHE D 231 45.47 14.18 -20.35
C PHE D 231 45.64 13.71 -18.92
N MET D 232 45.96 12.43 -18.74
CA MET D 232 46.37 11.86 -17.46
C MET D 232 47.91 11.80 -17.48
N PHE D 233 48.57 12.28 -16.42
CA PHE D 233 50.03 12.34 -16.37
C PHE D 233 50.69 11.27 -15.45
N ARG D 234 51.29 10.22 -16.06
CA ARG D 234 51.99 9.19 -15.28
C ARG D 234 53.48 9.54 -15.25
N LEU D 235 54.11 9.47 -14.07
CA LEU D 235 55.54 9.78 -13.96
C LEU D 235 56.34 8.69 -13.25
N ASP D 236 57.55 8.41 -13.76
CA ASP D 236 58.49 7.45 -13.18
C ASP D 236 59.00 7.94 -11.82
N ASN D 237 59.82 7.13 -11.10
CA ASN D 237 60.37 7.46 -9.78
C ASN D 237 61.13 8.80 -9.63
N ARG D 238 61.55 9.42 -10.74
CA ARG D 238 62.26 10.72 -10.73
C ARG D 238 61.33 11.85 -11.23
N TYR D 239 60.01 11.60 -11.23
CA TYR D 239 58.95 12.50 -11.71
C TYR D 239 59.16 12.92 -13.17
N GLN D 240 59.61 11.97 -13.99
CA GLN D 240 59.86 12.18 -15.41
C GLN D 240 58.79 11.47 -16.25
N PRO D 241 58.40 12.03 -17.43
CA PRO D 241 57.36 11.39 -18.26
C PRO D 241 57.60 9.91 -18.56
N MET D 242 56.67 9.08 -18.04
CA MET D 242 56.68 7.62 -18.12
C MET D 242 56.32 7.10 -19.51
N GLU D 243 57.36 6.69 -20.27
CA GLU D 243 57.22 6.15 -21.62
C GLU D 243 56.97 4.63 -21.61
N PRO D 244 56.09 4.08 -22.48
CA PRO D 244 55.26 4.77 -23.49
C PRO D 244 53.95 5.33 -22.89
N ASN D 245 53.29 6.26 -23.63
CA ASN D 245 52.05 6.93 -23.23
C ASN D 245 52.25 7.73 -21.90
N PRO D 246 52.88 8.93 -21.96
CA PRO D 246 53.08 9.68 -20.73
C PRO D 246 51.87 10.52 -20.34
N ARG D 247 51.26 11.22 -21.34
CA ARG D 247 50.10 12.09 -21.22
C ARG D 247 48.97 11.46 -22.05
N VAL D 248 48.31 10.43 -21.51
CA VAL D 248 47.21 9.76 -22.21
C VAL D 248 45.91 10.61 -22.26
N PRO D 249 45.34 10.86 -23.46
CA PRO D 249 44.11 11.68 -23.55
C PRO D 249 42.95 11.15 -22.74
N LEU D 250 42.25 12.06 -22.03
CA LEU D 250 41.13 11.72 -21.14
C LEU D 250 40.03 10.80 -21.69
N SER D 251 39.73 10.87 -23.03
CA SER D 251 38.71 10.04 -23.68
C SER D 251 39.13 8.59 -23.74
N ARG D 252 40.40 8.32 -23.38
CA ARG D 252 40.97 6.97 -23.38
C ARG D 252 41.22 6.45 -21.97
N VAL D 253 41.01 7.29 -20.94
CA VAL D 253 41.12 6.91 -19.52
C VAL D 253 39.77 6.79 -18.80
N PHE D 254 38.68 7.34 -19.38
CA PHE D 254 37.34 7.25 -18.79
C PHE D 254 36.95 5.78 -18.73
N PHE D 255 36.85 5.24 -17.49
CA PHE D 255 36.54 3.87 -17.13
C PHE D 255 37.68 2.87 -17.29
N ALA D 256 38.88 3.37 -17.65
CA ALA D 256 40.04 2.50 -17.88
C ALA D 256 40.71 1.97 -16.61
N SER D 257 40.05 1.00 -15.95
CA SER D 257 40.54 0.38 -14.73
C SER D 257 41.71 -0.57 -15.01
N TRP D 258 41.88 -0.97 -16.29
CA TRP D 258 42.98 -1.81 -16.77
C TRP D 258 44.31 -1.07 -16.64
N ARG D 259 44.32 0.24 -16.96
CA ARG D 259 45.48 1.14 -16.86
C ARG D 259 46.06 1.18 -15.44
N VAL D 260 45.27 0.81 -14.44
CA VAL D 260 45.74 0.76 -13.05
C VAL D 260 46.55 -0.53 -12.85
N VAL D 261 45.96 -1.69 -13.19
CA VAL D 261 46.54 -3.02 -13.00
C VAL D 261 47.75 -3.24 -13.89
N LEU D 262 47.56 -3.08 -15.20
CA LEU D 262 48.55 -3.39 -16.22
C LEU D 262 49.46 -2.27 -16.68
N GLU D 263 49.19 -0.98 -16.32
CA GLU D 263 50.00 0.15 -16.81
C GLU D 263 50.74 1.03 -15.79
N GLY D 264 51.18 0.45 -14.68
CA GLY D 264 51.98 1.21 -13.71
C GLY D 264 51.57 1.31 -12.24
N GLY D 265 50.28 1.15 -11.97
CA GLY D 265 49.73 1.26 -10.61
C GLY D 265 49.37 2.68 -10.22
N ILE D 266 48.99 2.86 -8.95
CA ILE D 266 48.52 4.13 -8.38
C ILE D 266 49.61 5.24 -8.30
N ASP D 267 50.87 4.83 -8.12
CA ASP D 267 52.08 5.66 -8.00
C ASP D 267 52.36 6.62 -9.18
N PRO D 268 52.52 6.17 -10.46
CA PRO D 268 52.80 7.14 -11.53
C PRO D 268 51.67 8.14 -11.70
N ILE D 269 50.42 7.70 -11.49
CA ILE D 269 49.22 8.54 -11.56
C ILE D 269 49.25 9.62 -10.44
N LEU D 270 49.63 9.19 -9.19
CA LEU D 270 49.80 10.06 -8.02
C LEU D 270 50.83 11.17 -8.30
N ARG D 271 52.04 10.74 -8.79
CA ARG D 271 53.17 11.60 -9.16
C ARG D 271 52.74 12.69 -10.15
N GLY D 272 51.95 12.27 -11.13
CA GLY D 272 51.40 13.14 -12.15
C GLY D 272 50.31 14.06 -11.65
N LEU D 273 49.65 13.74 -10.50
CA LEU D 273 48.64 14.64 -9.94
C LEU D 273 49.38 15.74 -9.17
N MET D 274 50.41 15.32 -8.41
CA MET D 274 51.26 16.18 -7.59
C MET D 274 52.08 17.11 -8.42
N ALA D 275 52.92 16.56 -9.34
CA ALA D 275 53.85 17.30 -10.18
C ALA D 275 53.31 17.89 -11.47
N THR D 276 51.97 17.94 -11.63
CA THR D 276 51.36 18.56 -12.81
C THR D 276 50.42 19.69 -12.36
N PRO D 277 50.45 20.87 -13.03
CA PRO D 277 49.53 21.95 -12.64
C PRO D 277 48.10 21.69 -13.08
N ALA D 278 47.13 22.31 -12.39
CA ALA D 278 45.71 22.20 -12.72
C ALA D 278 45.38 23.09 -13.93
N LYS D 279 44.26 22.80 -14.61
CA LYS D 279 43.78 23.64 -15.70
C LYS D 279 43.12 24.86 -15.05
N LEU D 280 43.71 26.05 -15.27
CA LEU D 280 43.17 27.29 -14.76
C LEU D 280 41.92 27.58 -15.57
N ASN D 281 40.86 27.98 -14.87
CA ASN D 281 39.56 28.36 -15.40
C ASN D 281 39.68 29.83 -15.87
N ARG D 282 39.42 30.09 -17.16
CA ARG D 282 39.46 31.46 -17.72
C ARG D 282 38.16 31.73 -18.48
N GLN D 283 37.73 33.00 -18.54
CA GLN D 283 36.45 33.35 -19.18
C GLN D 283 36.28 32.92 -20.64
N ASN D 284 37.41 32.69 -21.33
CA ASN D 284 37.45 32.18 -22.70
C ASN D 284 37.93 30.72 -22.68
N GLN D 285 38.50 30.28 -21.54
CA GLN D 285 39.03 28.93 -21.32
C GLN D 285 38.30 28.15 -20.18
N ILE D 286 36.96 28.05 -20.26
CA ILE D 286 36.09 27.40 -19.27
C ILE D 286 36.34 25.87 -19.10
N ALA D 287 35.86 25.00 -20.04
CA ALA D 287 36.09 23.55 -19.96
C ALA D 287 36.64 22.99 -21.28
N VAL D 288 37.54 21.97 -21.20
CA VAL D 288 38.18 21.31 -22.35
C VAL D 288 37.21 20.46 -23.16
N ASP D 289 37.54 20.20 -24.44
CA ASP D 289 36.72 19.38 -25.33
C ASP D 289 36.78 17.90 -25.00
N GLU D 290 37.73 17.45 -24.13
CA GLU D 290 37.82 16.03 -23.72
C GLU D 290 36.56 15.59 -22.98
N ILE D 291 35.94 16.54 -22.23
CA ILE D 291 34.70 16.35 -21.49
C ILE D 291 33.56 17.04 -22.25
N ARG D 292 33.85 18.18 -22.92
CA ARG D 292 32.87 18.92 -23.70
C ARG D 292 32.45 18.23 -25.02
N GLU D 293 33.33 17.33 -25.56
CA GLU D 293 33.11 16.62 -26.84
C GLU D 293 33.33 15.11 -26.77
N ARG D 294 34.10 14.62 -25.78
CA ARG D 294 34.45 13.20 -25.71
C ARG D 294 34.18 12.49 -24.37
N LEU D 295 33.13 12.96 -23.65
CA LEU D 295 32.80 12.34 -22.38
C LEU D 295 32.29 10.95 -22.61
N PHE D 296 32.99 9.99 -21.99
CA PHE D 296 32.71 8.56 -22.00
C PHE D 296 32.50 7.95 -23.40
N GLU D 297 33.03 8.68 -24.43
CA GLU D 297 33.07 8.39 -25.86
C GLU D 297 33.46 6.89 -26.11
N GLN D 298 34.41 6.35 -25.33
CA GLN D 298 34.83 4.95 -25.36
C GLN D 298 33.80 3.91 -24.82
N VAL D 299 32.72 4.35 -24.12
CA VAL D 299 31.71 3.42 -23.56
C VAL D 299 30.28 3.74 -23.96
N MET D 300 30.09 4.91 -24.62
CA MET D 300 28.77 5.43 -25.01
C MET D 300 28.53 5.39 -26.51
N ARG D 301 27.25 5.21 -26.92
CA ARG D 301 26.86 5.21 -28.31
C ARG D 301 27.19 6.53 -29.06
N ILE D 302 27.69 7.56 -28.32
CA ILE D 302 28.08 8.90 -28.75
C ILE D 302 28.77 9.57 -27.56
N GLY D 303 29.74 10.44 -27.83
CA GLY D 303 30.46 11.16 -26.78
C GLY D 303 29.56 12.20 -26.13
N LEU D 304 29.57 12.25 -24.78
CA LEU D 304 28.71 13.20 -24.06
C LEU D 304 29.38 14.55 -23.88
N ASP D 305 28.58 15.58 -23.62
CA ASP D 305 29.04 16.95 -23.38
C ASP D 305 28.84 17.24 -21.90
N LEU D 306 29.92 17.09 -21.09
CA LEU D 306 29.86 17.32 -19.64
C LEU D 306 29.27 18.71 -19.27
N PRO D 307 29.81 19.88 -19.72
CA PRO D 307 29.17 21.18 -19.39
C PRO D 307 27.70 21.32 -19.78
N ALA D 308 27.29 20.69 -20.89
CA ALA D 308 25.90 20.75 -21.33
C ALA D 308 25.05 19.84 -20.47
N LEU D 309 25.64 18.72 -19.98
CA LEU D 309 24.91 17.81 -19.09
C LEU D 309 24.62 18.56 -17.78
N ASN D 310 25.63 19.34 -17.28
CA ASN D 310 25.57 20.17 -16.06
C ASN D 310 24.35 21.10 -16.16
N MET D 311 24.24 21.82 -17.27
CA MET D 311 23.16 22.76 -17.52
C MET D 311 21.84 22.08 -17.72
N GLN D 312 21.85 20.88 -18.30
CA GLN D 312 20.62 20.13 -18.51
C GLN D 312 20.13 19.57 -17.17
N ARG D 313 21.07 19.23 -16.26
CA ARG D 313 20.80 18.68 -14.92
C ARG D 313 20.11 19.70 -14.00
N SER D 314 20.61 20.95 -13.95
CA SER D 314 20.04 22.06 -13.18
C SER D 314 18.63 22.35 -13.64
N ARG D 315 18.33 22.12 -14.96
CA ARG D 315 16.98 22.26 -15.54
C ARG D 315 16.09 21.11 -15.08
N ASP D 316 16.69 19.91 -14.99
CA ASP D 316 16.05 18.66 -14.56
C ASP D 316 15.68 18.76 -13.08
N HIS D 317 16.55 19.43 -12.31
CA HIS D 317 16.44 19.66 -10.87
C HIS D 317 15.56 20.85 -10.59
N GLY D 318 15.26 21.59 -11.64
CA GLY D 318 14.41 22.79 -11.57
C GLY D 318 15.08 23.86 -10.77
N LEU D 319 16.41 23.97 -10.92
CA LEU D 319 17.12 24.98 -10.16
C LEU D 319 16.92 26.34 -10.79
N PRO D 320 16.65 27.37 -9.94
CA PRO D 320 16.54 28.75 -10.45
C PRO D 320 17.78 29.25 -11.18
N GLY D 321 17.62 30.35 -11.93
CA GLY D 321 18.70 30.98 -12.66
C GLY D 321 19.72 31.74 -11.80
N TYR D 322 20.76 32.27 -12.47
CA TYR D 322 21.90 33.02 -11.93
C TYR D 322 21.50 34.13 -10.90
N ASN D 323 20.61 35.05 -11.31
CA ASN D 323 20.12 36.14 -10.44
C ASN D 323 19.34 35.67 -9.21
N ALA D 324 18.58 34.55 -9.31
CA ALA D 324 17.84 33.98 -8.17
C ALA D 324 18.83 33.56 -7.09
N TRP D 325 19.99 33.00 -7.53
CA TRP D 325 21.05 32.57 -6.64
C TRP D 325 21.90 33.71 -6.18
N ARG D 326 22.03 34.78 -7.01
CA ARG D 326 22.77 36.00 -6.61
C ARG D 326 22.12 36.63 -5.38
N ARG D 327 20.78 36.78 -5.44
CA ARG D 327 19.89 37.33 -4.43
C ARG D 327 19.96 36.49 -3.14
N PHE D 328 19.92 35.15 -3.27
CA PHE D 328 20.00 34.25 -2.13
C PHE D 328 21.34 34.42 -1.41
N CYS D 329 22.41 34.64 -2.19
CA CYS D 329 23.76 34.83 -1.69
C CYS D 329 23.95 36.23 -1.14
N GLY D 330 23.04 37.12 -1.50
CA GLY D 330 23.08 38.53 -1.09
C GLY D 330 24.01 39.33 -1.97
N LEU D 331 24.00 38.98 -3.26
CA LEU D 331 24.83 39.59 -4.30
C LEU D 331 23.97 40.32 -5.33
N PRO D 332 24.44 41.46 -5.89
CA PRO D 332 23.64 42.21 -6.88
C PRO D 332 23.29 41.43 -8.14
N GLN D 333 22.03 41.59 -8.58
CA GLN D 333 21.44 40.87 -9.70
C GLN D 333 21.37 41.71 -10.99
N PRO D 334 22.34 41.51 -11.92
CA PRO D 334 22.36 42.29 -13.17
C PRO D 334 21.13 42.12 -14.03
N GLU D 335 20.61 43.22 -14.60
CA GLU D 335 19.41 43.18 -15.46
C GLU D 335 19.82 43.39 -16.89
N THR D 336 20.75 44.32 -17.11
CA THR D 336 21.25 44.65 -18.42
C THR D 336 22.59 43.97 -18.68
N VAL D 337 22.92 43.82 -19.97
CA VAL D 337 24.16 43.24 -20.46
C VAL D 337 25.35 44.10 -19.95
N GLY D 338 25.07 45.37 -19.68
CA GLY D 338 26.03 46.32 -19.12
C GLY D 338 26.31 45.92 -17.69
N GLN D 339 25.26 45.68 -16.91
CA GLN D 339 25.37 45.26 -15.51
C GLN D 339 26.12 43.94 -15.37
N LEU D 340 25.81 42.92 -16.22
CA LEU D 340 26.52 41.62 -16.18
C LEU D 340 27.97 41.80 -16.59
N GLY D 341 28.22 42.74 -17.50
CA GLY D 341 29.55 43.12 -17.96
C GLY D 341 30.44 43.57 -16.81
N THR D 342 29.87 44.42 -15.92
CA THR D 342 30.50 44.99 -14.71
C THR D 342 30.79 43.86 -13.73
N VAL D 343 29.79 42.98 -13.53
CA VAL D 343 29.87 41.79 -12.67
C VAL D 343 31.06 40.92 -13.15
N LEU D 344 30.96 40.41 -14.39
CA LEU D 344 31.95 39.54 -15.00
C LEU D 344 33.26 40.18 -15.45
N ARG D 345 33.40 41.54 -15.36
CA ARG D 345 34.60 42.28 -15.83
C ARG D 345 34.92 41.86 -17.28
N ASN D 346 33.86 41.68 -18.09
CA ASN D 346 33.94 41.16 -19.45
C ASN D 346 32.63 41.43 -20.18
N LEU D 347 32.68 42.33 -21.16
CA LEU D 347 31.52 42.66 -21.97
C LEU D 347 31.32 41.66 -23.12
N LYS D 348 32.40 41.01 -23.61
CA LYS D 348 32.28 40.02 -24.69
C LYS D 348 31.46 38.80 -24.17
N LEU D 349 31.79 38.32 -22.95
CA LEU D 349 31.11 37.23 -22.26
C LEU D 349 29.69 37.65 -21.84
N ALA D 350 29.51 38.92 -21.43
CA ALA D 350 28.19 39.47 -21.05
C ALA D 350 27.27 39.44 -22.27
N ARG D 351 27.76 39.97 -23.43
CA ARG D 351 27.03 40.04 -24.70
C ARG D 351 26.72 38.63 -25.24
N LYS D 352 27.67 37.70 -25.05
CA LYS D 352 27.54 36.31 -25.47
C LYS D 352 26.43 35.62 -24.66
N LEU D 353 26.54 35.70 -23.31
CA LEU D 353 25.60 35.10 -22.35
C LEU D 353 24.16 35.61 -22.53
N MET D 354 24.03 36.90 -22.87
CA MET D 354 22.73 37.53 -23.10
C MET D 354 22.16 37.07 -24.40
N GLU D 355 23.00 36.68 -25.36
CA GLU D 355 22.60 36.18 -26.69
C GLU D 355 21.95 34.79 -26.55
N GLN D 356 22.50 33.94 -25.70
CA GLN D 356 21.93 32.63 -25.48
C GLN D 356 20.67 32.69 -24.64
N TYR D 357 20.74 33.38 -23.50
CA TYR D 357 19.70 33.46 -22.49
C TYR D 357 18.67 34.54 -22.62
N GLY D 358 19.09 35.75 -22.95
CA GLY D 358 18.18 36.89 -23.09
C GLY D 358 18.12 37.76 -21.86
N THR D 359 18.47 37.18 -20.69
CA THR D 359 18.47 37.82 -19.38
C THR D 359 19.43 37.10 -18.43
N PRO D 360 20.09 37.80 -17.47
CA PRO D 360 20.93 37.08 -16.50
C PRO D 360 20.08 36.22 -15.55
N ASN D 361 18.76 36.52 -15.46
CA ASN D 361 17.76 35.75 -14.71
C ASN D 361 17.68 34.29 -15.22
N ASN D 362 18.11 34.04 -16.47
CA ASN D 362 18.02 32.71 -17.07
C ASN D 362 19.30 31.89 -17.15
N ILE D 363 20.50 32.53 -16.98
CA ILE D 363 21.78 31.81 -17.04
C ILE D 363 21.77 30.66 -16.03
N ASP D 364 22.06 29.43 -16.49
CA ASP D 364 22.11 28.24 -15.62
C ASP D 364 23.21 28.39 -14.58
N ILE D 365 22.88 28.16 -13.31
CA ILE D 365 23.77 28.25 -12.15
C ILE D 365 25.24 27.80 -12.37
N TRP D 366 25.48 26.67 -13.08
CA TRP D 366 26.85 26.23 -13.38
C TRP D 366 27.50 27.22 -14.31
N MET D 367 26.86 27.53 -15.46
CA MET D 367 27.36 28.45 -16.48
C MET D 367 27.63 29.83 -15.95
N GLY D 368 26.70 30.35 -15.15
CA GLY D 368 26.82 31.65 -14.49
C GLY D 368 27.91 31.64 -13.45
N GLY D 369 27.89 30.60 -12.62
CA GLY D 369 28.86 30.40 -11.55
C GLY D 369 30.29 30.19 -11.99
N VAL D 370 30.49 29.62 -13.18
CA VAL D 370 31.84 29.41 -13.74
C VAL D 370 32.30 30.66 -14.52
N SER D 371 31.34 31.41 -15.08
CA SER D 371 31.63 32.64 -15.86
C SER D 371 32.22 33.78 -15.03
N GLU D 372 31.96 33.77 -13.72
CA GLU D 372 32.37 34.81 -12.81
C GLU D 372 33.89 34.85 -12.62
N PRO D 373 34.49 36.07 -12.50
CA PRO D 373 35.92 36.16 -12.25
C PRO D 373 36.21 35.50 -10.90
N LEU D 374 37.40 34.92 -10.73
CA LEU D 374 37.76 34.23 -9.50
C LEU D 374 38.03 35.16 -8.30
N LYS D 375 37.87 34.64 -7.06
CA LYS D 375 38.12 35.39 -5.83
C LYS D 375 39.63 35.41 -5.61
N ARG D 376 40.15 36.34 -4.78
CA ARG D 376 41.61 36.36 -4.51
C ARG D 376 42.01 35.04 -3.84
N LYS D 377 43.01 34.35 -4.42
CA LYS D 377 43.58 33.07 -3.99
C LYS D 377 42.52 31.94 -3.90
N GLY D 378 41.46 32.08 -4.68
CA GLY D 378 40.39 31.11 -4.78
C GLY D 378 40.12 30.72 -6.23
N ARG D 379 39.46 29.56 -6.42
CA ARG D 379 39.16 29.06 -7.75
C ARG D 379 37.67 29.07 -8.17
N VAL D 380 36.92 30.03 -7.59
CA VAL D 380 35.48 30.29 -7.84
C VAL D 380 35.17 31.77 -7.64
N GLY D 381 34.05 32.20 -8.21
CA GLY D 381 33.51 33.54 -8.09
C GLY D 381 32.53 33.65 -6.93
N PRO D 382 32.16 34.88 -6.52
CA PRO D 382 31.25 35.08 -5.37
C PRO D 382 30.07 34.13 -5.18
N LEU D 383 29.34 33.87 -6.26
CA LEU D 383 28.18 33.00 -6.27
C LEU D 383 28.50 31.61 -5.78
N LEU D 384 29.52 30.99 -6.38
CA LEU D 384 29.93 29.65 -6.05
C LEU D 384 30.57 29.55 -4.67
N ALA D 385 31.33 30.61 -4.29
CA ALA D 385 31.96 30.73 -2.96
C ALA D 385 30.86 30.60 -1.90
N CYS D 386 29.75 31.35 -2.08
CA CYS D 386 28.62 31.31 -1.20
C CYS D 386 28.04 29.88 -1.08
N ILE D 387 27.61 29.27 -2.21
CA ILE D 387 27.04 27.92 -2.22
C ILE D 387 27.96 26.89 -1.56
N ILE D 388 29.20 26.72 -2.06
CA ILE D 388 30.22 25.80 -1.50
C ILE D 388 30.44 26.10 0.01
N GLY D 389 30.64 27.39 0.35
CA GLY D 389 30.83 27.86 1.73
C GLY D 389 29.69 27.47 2.65
N THR D 390 28.45 28.01 2.39
CA THR D 390 27.18 27.72 3.11
C THR D 390 26.95 26.19 3.24
N GLN D 391 27.32 25.42 2.19
CA GLN D 391 27.16 23.97 2.25
C GLN D 391 28.22 23.31 3.11
N PHE D 392 29.47 23.79 3.05
CA PHE D 392 30.51 23.14 3.85
C PHE D 392 30.46 23.44 5.35
N ARG D 393 30.09 24.68 5.73
CA ARG D 393 29.94 25.05 7.14
C ARG D 393 28.79 24.27 7.75
N LYS D 394 27.77 23.93 6.94
CA LYS D 394 26.64 23.13 7.38
C LYS D 394 27.05 21.69 7.65
N LEU D 395 28.12 21.22 6.97
CA LEU D 395 28.59 19.84 7.14
C LEU D 395 29.42 19.63 8.37
N ARG D 396 30.14 20.69 8.79
CA ARG D 396 31.02 20.70 9.95
C ARG D 396 30.18 20.95 11.21
N ASP D 397 29.50 22.11 11.25
CA ASP D 397 28.64 22.48 12.38
C ASP D 397 27.41 21.57 12.56
N GLY D 398 26.99 20.88 11.49
CA GLY D 398 25.88 19.93 11.48
C GLY D 398 26.25 18.46 11.70
N ASP D 399 27.55 18.15 11.69
CA ASP D 399 28.05 16.81 11.93
C ASP D 399 28.40 16.62 13.41
N ARG D 400 27.73 15.64 14.05
CA ARG D 400 27.94 15.30 15.46
C ARG D 400 29.28 14.56 15.66
N PHE D 401 29.76 13.82 14.65
CA PHE D 401 31.01 13.06 14.75
C PHE D 401 32.25 13.74 14.16
N TRP D 402 32.12 15.03 13.84
CA TRP D 402 33.18 15.90 13.36
C TRP D 402 34.38 15.79 14.34
N TRP D 403 35.61 15.50 13.83
CA TRP D 403 36.84 15.31 14.61
C TRP D 403 37.11 16.26 15.84
N GLU D 404 36.89 17.59 15.67
CA GLU D 404 37.11 18.64 16.68
C GLU D 404 36.03 18.68 17.80
N ASN D 405 34.92 17.93 17.63
CA ASN D 405 33.81 17.93 18.57
C ASN D 405 34.19 17.20 19.84
N GLU D 406 33.87 17.83 21.02
CA GLU D 406 34.18 17.27 22.33
C GLU D 406 33.50 15.92 22.50
N GLY D 407 34.29 14.94 22.92
CA GLY D 407 33.83 13.58 23.14
C GLY D 407 34.18 12.62 22.02
N VAL D 408 34.43 13.16 20.79
CA VAL D 408 34.73 12.36 19.59
C VAL D 408 36.16 11.79 19.70
N PHE D 409 37.16 12.68 19.81
CA PHE D 409 38.55 12.31 20.05
C PHE D 409 38.98 13.00 21.36
N SER D 410 40.08 12.54 21.97
CA SER D 410 40.61 13.17 23.19
C SER D 410 41.49 14.38 22.78
N MET D 411 41.96 15.20 23.76
CA MET D 411 42.83 16.35 23.51
C MET D 411 44.10 15.89 22.77
N GLN D 412 44.68 14.76 23.23
CA GLN D 412 45.89 14.15 22.65
C GLN D 412 45.62 13.58 21.26
N GLN D 413 44.51 12.84 21.11
CA GLN D 413 44.08 12.24 19.85
C GLN D 413 43.90 13.33 18.78
N ARG D 414 43.52 14.55 19.21
CA ARG D 414 43.37 15.74 18.36
C ARG D 414 44.73 16.38 18.08
N GLN D 415 45.65 16.38 19.07
CA GLN D 415 47.00 16.94 18.92
C GLN D 415 47.77 16.10 17.90
N ALA D 416 47.54 14.77 17.93
CA ALA D 416 48.13 13.78 17.02
C ALA D 416 47.57 13.93 15.61
N LEU D 417 46.22 14.03 15.48
CA LEU D 417 45.52 14.17 14.19
C LEU D 417 45.91 15.44 13.44
N ALA D 418 46.25 16.52 14.16
CA ALA D 418 46.69 17.78 13.56
C ALA D 418 47.87 17.61 12.57
N GLN D 419 48.79 16.66 12.87
CA GLN D 419 50.01 16.38 12.09
C GLN D 419 49.77 15.72 10.72
N ILE D 420 48.54 15.23 10.46
CA ILE D 420 48.22 14.59 9.18
C ILE D 420 48.31 15.61 8.03
N SER D 421 48.43 15.08 6.81
CA SER D 421 48.46 15.81 5.53
C SER D 421 48.34 14.76 4.42
N LEU D 422 47.81 15.15 3.24
CA LEU D 422 47.72 14.20 2.13
C LEU D 422 49.12 13.63 1.78
N PRO D 423 50.20 14.47 1.69
CA PRO D 423 51.55 13.92 1.42
C PRO D 423 52.00 12.75 2.30
N ARG D 424 51.80 12.81 3.62
CA ARG D 424 52.20 11.74 4.53
C ARG D 424 51.35 10.44 4.38
N ILE D 425 50.10 10.53 3.88
CA ILE D 425 49.26 9.34 3.66
C ILE D 425 49.84 8.62 2.44
N ILE D 426 50.34 9.42 1.48
CA ILE D 426 51.04 8.99 0.25
C ILE D 426 52.36 8.29 0.69
N CYS D 427 53.10 8.92 1.62
CA CYS D 427 54.35 8.41 2.18
C CYS D 427 54.16 7.02 2.79
N ASP D 428 53.22 6.88 3.72
CA ASP D 428 52.97 5.65 4.46
C ASP D 428 52.24 4.53 3.70
N ASN D 429 51.88 4.74 2.42
CA ASN D 429 51.11 3.76 1.66
C ASN D 429 51.59 3.42 0.25
N THR D 430 52.56 4.16 -0.30
CA THR D 430 53.07 3.89 -1.66
C THR D 430 54.63 3.85 -1.75
N GLY D 431 55.14 3.49 -2.94
CA GLY D 431 56.56 3.45 -3.25
C GLY D 431 57.08 4.78 -3.77
N ILE D 432 56.60 5.89 -3.15
CA ILE D 432 56.96 7.28 -3.47
C ILE D 432 57.76 7.83 -2.29
N THR D 433 59.01 8.26 -2.55
CA THR D 433 59.97 8.74 -1.54
C THR D 433 60.03 10.25 -1.42
N THR D 434 59.59 10.96 -2.46
CA THR D 434 59.59 12.40 -2.47
C THR D 434 58.21 12.86 -2.85
N VAL D 435 57.55 13.50 -1.88
CA VAL D 435 56.17 13.99 -1.95
C VAL D 435 56.13 15.51 -1.97
N SER D 436 54.96 16.10 -2.35
CA SER D 436 54.76 17.55 -2.42
C SER D 436 54.85 18.22 -1.05
N LYS D 437 55.44 19.43 -1.01
CA LYS D 437 55.50 20.25 0.20
C LYS D 437 54.05 20.74 0.47
N ASN D 438 53.65 20.88 1.77
CA ASN D 438 52.32 21.40 2.14
C ASN D 438 52.30 22.88 1.69
N ASN D 439 51.26 23.35 0.98
CA ASN D 439 49.97 22.71 0.66
C ASN D 439 50.03 21.92 -0.66
N ILE D 440 49.82 20.59 -0.57
CA ILE D 440 49.76 19.63 -1.70
C ILE D 440 48.94 20.11 -2.93
N PHE D 441 47.93 20.94 -2.68
CA PHE D 441 47.09 21.47 -3.72
C PHE D 441 47.72 22.69 -4.37
N MET D 442 48.57 23.45 -3.62
CA MET D 442 49.27 24.63 -4.16
C MET D 442 50.59 24.25 -4.85
N SER D 443 51.26 23.21 -4.33
CA SER D 443 52.51 22.67 -4.84
C SER D 443 52.33 21.80 -6.11
N ASN D 444 52.97 22.19 -7.22
CA ASN D 444 52.85 21.50 -8.49
C ASN D 444 54.16 21.29 -9.24
N SER D 445 55.11 22.23 -9.10
CA SER D 445 56.40 22.14 -9.80
C SER D 445 57.40 21.29 -9.08
N TYR D 446 58.14 20.50 -9.85
CA TYR D 446 59.19 19.60 -9.38
C TYR D 446 60.55 20.07 -9.97
N PRO D 447 61.66 20.04 -9.20
CA PRO D 447 61.82 19.60 -7.79
C PRO D 447 61.52 20.71 -6.77
N ARG D 448 61.18 21.92 -7.25
CA ARG D 448 60.89 23.13 -6.47
C ARG D 448 60.04 22.91 -5.20
N ASP D 449 58.82 22.39 -5.37
CA ASP D 449 57.83 22.22 -4.30
C ASP D 449 57.71 20.80 -3.74
N PHE D 450 58.79 19.99 -3.81
CA PHE D 450 58.79 18.62 -3.30
C PHE D 450 59.86 18.38 -2.22
N VAL D 451 59.58 17.48 -1.27
CA VAL D 451 60.46 17.13 -0.14
C VAL D 451 60.46 15.62 0.12
N ASN D 452 61.46 15.12 0.87
CA ASN D 452 61.53 13.69 1.18
C ASN D 452 60.54 13.25 2.28
N CYS D 453 60.15 11.97 2.27
CA CYS D 453 59.25 11.31 3.24
C CYS D 453 59.75 11.36 4.71
N SER D 454 61.07 11.51 4.93
CA SER D 454 61.67 11.58 6.28
C SER D 454 61.38 12.91 7.00
N THR D 455 61.37 14.04 6.24
CA THR D 455 61.11 15.39 6.78
C THR D 455 59.64 15.56 7.22
N LEU D 456 58.74 14.65 6.78
CA LEU D 456 57.32 14.67 7.10
C LEU D 456 57.00 13.85 8.36
N PRO D 457 56.26 14.41 9.33
CA PRO D 457 55.95 13.62 10.54
C PRO D 457 54.84 12.61 10.30
N ALA D 458 55.10 11.36 10.67
CA ALA D 458 54.14 10.26 10.58
C ALA D 458 53.11 10.38 11.72
N LEU D 459 51.93 9.75 11.56
CA LEU D 459 50.87 9.82 12.56
C LEU D 459 51.18 9.01 13.81
N ASN D 460 51.22 9.68 14.99
CA ASN D 460 51.46 9.03 16.30
C ASN D 460 50.17 8.52 17.00
N LEU D 461 49.90 7.21 16.86
CA LEU D 461 48.73 6.53 17.43
C LEU D 461 48.84 6.11 18.92
N ALA D 462 49.84 6.65 19.66
CA ALA D 462 50.09 6.36 21.08
C ALA D 462 48.84 6.51 21.97
N SER D 463 48.07 7.62 21.79
CA SER D 463 46.85 7.94 22.55
C SER D 463 45.64 7.06 22.23
N TRP D 464 45.73 6.22 21.19
CA TRP D 464 44.63 5.32 20.85
C TRP D 464 44.69 4.06 21.71
N ARG D 465 45.88 3.73 22.25
CA ARG D 465 46.09 2.57 23.13
C ARG D 465 45.35 2.76 24.44
N GLU D 466 44.67 1.69 24.92
CA GLU D 466 43.88 1.70 26.16
C GLU D 466 44.49 0.79 27.23
N CYS E 1 -26.62 -24.26 -21.94
CA CYS E 1 -26.55 -22.79 -21.86
C CYS E 1 -26.97 -22.08 -23.18
N PRO E 2 -28.24 -21.60 -23.28
CA PRO E 2 -28.68 -20.92 -24.52
C PRO E 2 -27.93 -19.63 -24.84
N GLU E 3 -27.50 -19.49 -26.13
CA GLU E 3 -26.73 -18.36 -26.69
C GLU E 3 -27.28 -16.97 -26.34
N GLN E 4 -28.60 -16.89 -26.06
CA GLN E 4 -29.29 -15.66 -25.67
C GLN E 4 -30.50 -16.00 -24.82
N ASP E 5 -30.54 -15.46 -23.58
CA ASP E 5 -31.62 -15.61 -22.61
C ASP E 5 -32.19 -14.24 -22.20
N LYS E 6 -33.50 -14.07 -22.34
CA LYS E 6 -34.14 -12.79 -22.00
C LYS E 6 -34.31 -12.59 -20.49
N TYR E 7 -34.50 -13.71 -19.75
CA TYR E 7 -34.76 -13.69 -18.31
C TYR E 7 -33.94 -14.72 -17.51
N ARG E 8 -33.92 -14.52 -16.17
CA ARG E 8 -33.26 -15.36 -15.17
C ARG E 8 -33.95 -16.69 -15.09
N THR E 9 -33.18 -17.72 -14.80
CA THR E 9 -33.74 -19.04 -14.52
C THR E 9 -34.23 -19.02 -13.04
N ILE E 10 -35.03 -20.03 -12.63
CA ILE E 10 -35.49 -20.18 -11.25
C ILE E 10 -34.35 -20.69 -10.33
N THR E 11 -33.52 -21.57 -10.86
CA THR E 11 -32.42 -22.16 -10.13
C THR E 11 -31.17 -21.29 -10.10
N GLY E 12 -31.12 -20.19 -10.85
CA GLY E 12 -29.92 -19.36 -10.92
C GLY E 12 -28.89 -19.88 -11.92
N MET E 13 -29.08 -21.13 -12.38
CA MET E 13 -28.31 -21.85 -13.39
C MET E 13 -28.24 -20.96 -14.61
N CYS E 14 -27.12 -21.01 -15.35
CA CYS E 14 -26.85 -20.26 -16.58
C CYS E 14 -26.69 -18.74 -16.40
N ASN E 15 -26.54 -18.20 -15.14
CA ASN E 15 -26.29 -16.75 -14.95
C ASN E 15 -24.84 -16.48 -15.37
N ASN E 16 -23.86 -17.17 -14.75
CA ASN E 16 -22.47 -17.08 -15.17
C ASN E 16 -22.30 -18.24 -16.16
N ARG E 17 -22.08 -17.92 -17.44
CA ARG E 17 -21.96 -18.93 -18.50
C ARG E 17 -20.65 -19.73 -18.50
N ARG E 18 -19.53 -19.15 -17.97
CA ARG E 18 -18.23 -19.84 -17.85
C ARG E 18 -18.36 -21.03 -16.91
N SER E 19 -18.82 -20.77 -15.66
CA SER E 19 -19.10 -21.75 -14.61
C SER E 19 -20.61 -21.58 -14.31
N PRO E 20 -21.47 -22.31 -15.08
CA PRO E 20 -22.93 -22.09 -14.98
C PRO E 20 -23.70 -22.41 -13.71
N THR E 21 -23.04 -22.99 -12.68
CA THR E 21 -23.67 -23.32 -11.39
C THR E 21 -23.45 -22.22 -10.38
N LEU E 22 -22.44 -21.33 -10.59
CA LEU E 22 -22.10 -20.25 -9.64
C LEU E 22 -23.29 -19.38 -9.35
N GLY E 23 -23.68 -19.40 -8.09
CA GLY E 23 -24.84 -18.67 -7.63
C GLY E 23 -26.15 -19.43 -7.77
N ALA E 24 -26.14 -20.62 -8.37
CA ALA E 24 -27.36 -21.42 -8.51
C ALA E 24 -27.63 -22.22 -7.23
N SER E 25 -28.91 -22.61 -6.99
CA SER E 25 -29.37 -23.32 -5.78
C SER E 25 -28.79 -24.72 -5.64
N ASN E 26 -29.02 -25.38 -4.49
CA ASN E 26 -28.57 -26.75 -4.16
C ASN E 26 -27.12 -27.09 -4.56
N ARG E 27 -26.21 -26.20 -4.17
CA ARG E 27 -24.77 -26.26 -4.43
C ARG E 27 -24.02 -25.75 -3.21
N ALA E 28 -22.86 -26.34 -2.94
CA ALA E 28 -21.99 -25.96 -1.83
C ALA E 28 -21.59 -24.48 -1.86
N PHE E 29 -21.59 -23.85 -0.70
CA PHE E 29 -21.17 -22.46 -0.54
C PHE E 29 -19.70 -22.37 -0.92
N VAL E 30 -19.21 -21.15 -1.08
CA VAL E 30 -17.79 -20.97 -1.32
C VAL E 30 -17.15 -20.83 0.10
N ARG E 31 -15.82 -20.86 0.19
CA ARG E 31 -15.13 -20.68 1.44
C ARG E 31 -14.14 -19.57 1.23
N TRP E 32 -14.07 -18.61 2.13
CA TRP E 32 -13.12 -17.52 2.04
C TRP E 32 -11.87 -17.89 2.83
N LEU E 33 -12.06 -18.82 3.78
CA LEU E 33 -10.99 -19.39 4.59
C LEU E 33 -11.20 -20.90 4.68
N PRO E 34 -10.11 -21.74 4.80
CA PRO E 34 -10.28 -23.19 4.94
C PRO E 34 -10.88 -23.55 6.28
N ALA E 35 -11.68 -24.61 6.30
CA ALA E 35 -12.41 -25.06 7.48
C ALA E 35 -11.54 -25.39 8.66
N GLU E 36 -12.07 -25.11 9.86
CA GLU E 36 -11.38 -25.41 11.11
C GLU E 36 -12.18 -26.38 11.96
N TYR E 37 -12.02 -27.67 11.66
CA TYR E 37 -12.61 -28.79 12.38
C TYR E 37 -11.56 -29.43 13.34
N GLU E 38 -12.07 -30.28 14.26
CA GLU E 38 -11.34 -31.07 15.28
C GLU E 38 -10.42 -32.06 14.57
N ASP E 39 -10.99 -32.86 13.66
CA ASP E 39 -10.27 -33.81 12.84
C ASP E 39 -9.73 -33.13 11.54
N GLY E 40 -10.11 -31.86 11.34
CA GLY E 40 -9.69 -31.08 10.19
C GLY E 40 -10.49 -31.31 8.93
N PHE E 41 -11.46 -32.24 8.98
CA PHE E 41 -12.30 -32.57 7.83
C PHE E 41 -13.81 -32.74 8.08
N SER E 42 -14.23 -33.14 9.30
CA SER E 42 -15.65 -33.32 9.57
C SER E 42 -16.16 -32.86 10.91
N LEU E 43 -15.44 -33.20 12.00
CA LEU E 43 -15.95 -32.96 13.36
C LEU E 43 -15.73 -31.61 14.02
N PRO E 44 -16.83 -31.03 14.55
CA PRO E 44 -16.76 -29.67 15.12
C PRO E 44 -16.00 -29.51 16.40
N TYR E 45 -15.51 -28.29 16.68
CA TYR E 45 -14.90 -28.01 17.96
C TYR E 45 -16.04 -28.07 18.99
N GLY E 46 -15.75 -28.73 20.11
CA GLY E 46 -16.71 -28.99 21.18
C GLY E 46 -17.27 -30.40 21.09
N TRP E 47 -17.24 -31.01 19.86
CA TRP E 47 -17.77 -32.36 19.61
C TRP E 47 -17.21 -33.37 20.60
N THR E 48 -15.89 -33.42 20.70
CA THR E 48 -15.20 -34.31 21.61
C THR E 48 -14.92 -33.56 22.92
N PRO E 49 -15.46 -34.08 24.07
CA PRO E 49 -15.19 -33.42 25.35
C PRO E 49 -13.73 -33.57 25.70
N GLY E 50 -13.17 -32.50 26.24
CA GLY E 50 -11.77 -32.45 26.60
C GLY E 50 -10.92 -31.82 25.53
N VAL E 51 -11.28 -32.06 24.24
CA VAL E 51 -10.54 -31.50 23.11
C VAL E 51 -10.54 -29.97 23.07
N LYS E 52 -9.32 -29.40 23.12
CA LYS E 52 -9.02 -27.98 23.12
C LYS E 52 -8.89 -27.49 21.70
N ARG E 53 -8.96 -26.16 21.53
CA ARG E 53 -8.82 -25.46 20.26
C ARG E 53 -7.73 -24.42 20.44
N ASN E 54 -6.61 -24.60 19.72
CA ASN E 54 -5.46 -23.69 19.75
C ASN E 54 -5.04 -23.36 21.18
N GLY E 55 -4.66 -24.41 21.92
CA GLY E 55 -4.16 -24.34 23.29
C GLY E 55 -5.14 -24.12 24.43
N PHE E 56 -6.42 -23.83 24.11
CA PHE E 56 -7.48 -23.54 25.09
C PHE E 56 -8.74 -24.36 24.88
N PRO E 57 -9.50 -24.68 25.96
CA PRO E 57 -10.73 -25.47 25.78
C PRO E 57 -11.85 -24.67 25.14
N VAL E 58 -12.74 -25.39 24.45
CA VAL E 58 -13.91 -24.87 23.77
C VAL E 58 -15.00 -24.57 24.81
N ALA E 59 -15.48 -23.33 24.85
CA ALA E 59 -16.55 -22.91 25.75
C ALA E 59 -17.87 -23.45 25.20
N LEU E 60 -18.86 -23.77 26.05
CA LEU E 60 -20.15 -24.22 25.54
C LEU E 60 -20.88 -22.99 25.00
N ALA E 61 -21.49 -23.10 23.80
CA ALA E 61 -22.25 -22.00 23.18
C ALA E 61 -23.32 -21.47 24.13
N ARG E 62 -24.03 -22.37 24.84
CA ARG E 62 -25.03 -21.99 25.84
C ARG E 62 -24.39 -21.21 27.01
N ALA E 63 -23.22 -21.63 27.46
CA ALA E 63 -22.46 -20.94 28.51
C ALA E 63 -22.04 -19.52 28.04
N VAL E 64 -21.57 -19.41 26.78
CA VAL E 64 -21.13 -18.11 26.24
C VAL E 64 -22.31 -17.19 26.07
N SER E 65 -23.47 -17.77 25.73
CA SER E 65 -24.74 -17.07 25.60
C SER E 65 -25.15 -16.41 26.93
N ASN E 66 -25.10 -17.18 28.03
CA ASN E 66 -25.47 -16.77 29.39
C ASN E 66 -24.64 -15.63 30.01
N GLU E 67 -23.34 -15.63 29.78
CA GLU E 67 -22.46 -14.64 30.39
C GLU E 67 -22.31 -13.40 29.53
N ILE E 68 -22.20 -13.63 28.21
CA ILE E 68 -21.98 -12.59 27.21
C ILE E 68 -23.23 -11.93 26.65
N VAL E 69 -24.12 -12.70 26.04
CA VAL E 69 -25.32 -12.15 25.37
C VAL E 69 -26.40 -11.69 26.36
N ARG E 70 -26.81 -12.61 27.28
CA ARG E 70 -27.81 -12.46 28.34
C ARG E 70 -27.87 -11.08 28.97
N PHE E 71 -29.09 -10.51 28.97
CA PHE E 71 -29.40 -9.21 29.52
C PHE E 71 -30.92 -9.10 29.89
N PRO E 72 -31.29 -8.28 30.89
CA PRO E 72 -32.71 -8.17 31.23
C PRO E 72 -33.50 -7.34 30.22
N THR E 73 -34.56 -7.96 29.67
CA THR E 73 -35.49 -7.40 28.67
C THR E 73 -35.92 -5.96 29.00
N ASP E 74 -35.99 -5.66 30.30
CA ASP E 74 -36.30 -4.37 30.88
C ASP E 74 -35.30 -3.32 30.39
N GLN E 75 -34.00 -3.71 30.32
CA GLN E 75 -32.87 -2.86 29.95
C GLN E 75 -32.67 -2.49 28.49
N LEU E 76 -33.53 -3.03 27.59
CA LEU E 76 -33.52 -2.80 26.13
C LEU E 76 -33.46 -1.31 25.79
N THR E 77 -32.71 -0.99 24.72
CA THR E 77 -32.61 0.37 24.21
C THR E 77 -33.22 0.40 22.80
N PRO E 78 -34.31 1.17 22.57
CA PRO E 78 -34.81 1.27 21.19
C PRO E 78 -33.85 2.17 20.39
N ASP E 79 -33.59 1.82 19.11
CA ASP E 79 -32.69 2.59 18.25
C ASP E 79 -33.43 3.86 17.79
N GLN E 80 -32.91 5.05 18.14
CA GLN E 80 -33.55 6.32 17.74
C GLN E 80 -33.32 6.69 16.27
N GLU E 81 -32.59 5.83 15.51
CA GLU E 81 -32.26 6.06 14.11
C GLU E 81 -32.63 4.89 13.21
N ARG E 82 -33.37 3.90 13.72
CA ARG E 82 -33.76 2.69 12.96
C ARG E 82 -35.17 2.19 13.31
N SER E 83 -35.86 1.61 12.31
CA SER E 83 -37.20 1.05 12.48
C SER E 83 -37.17 -0.46 12.44
N LEU E 84 -38.19 -1.16 12.99
CA LEU E 84 -38.26 -2.62 12.96
C LEU E 84 -38.31 -3.18 11.52
N MET E 85 -38.55 -2.28 10.54
CA MET E 85 -38.58 -2.60 9.12
C MET E 85 -37.15 -2.90 8.72
N PHE E 86 -36.17 -2.19 9.35
CA PHE E 86 -34.73 -2.41 9.16
C PHE E 86 -34.33 -3.81 9.63
N MET E 87 -35.04 -4.34 10.61
CA MET E 87 -34.82 -5.69 11.07
C MET E 87 -35.49 -6.61 10.06
N GLN E 88 -36.74 -6.32 9.72
CA GLN E 88 -37.56 -7.13 8.82
C GLN E 88 -37.02 -7.35 7.41
N TRP E 89 -36.35 -6.34 6.84
CA TRP E 89 -35.74 -6.42 5.50
C TRP E 89 -34.49 -7.29 5.53
N GLY E 90 -33.74 -7.23 6.62
CA GLY E 90 -32.54 -8.02 6.81
C GLY E 90 -32.81 -9.49 6.67
N GLN E 91 -33.80 -10.01 7.42
CA GLN E 91 -34.21 -11.41 7.39
C GLN E 91 -34.84 -11.84 6.08
N LEU E 92 -35.77 -11.03 5.53
CA LEU E 92 -36.41 -11.29 4.23
C LEU E 92 -35.30 -11.34 3.11
N LEU E 93 -34.32 -10.39 3.15
CA LEU E 93 -33.16 -10.33 2.25
C LEU E 93 -32.28 -11.58 2.39
N ASP E 94 -31.95 -11.90 3.67
CA ASP E 94 -31.18 -13.08 4.05
C ASP E 94 -31.81 -14.34 3.44
N HIS E 95 -33.18 -14.35 3.33
CA HIS E 95 -33.94 -15.47 2.78
C HIS E 95 -33.94 -15.46 1.23
N ASP E 96 -33.38 -14.40 0.62
CA ASP E 96 -33.24 -14.31 -0.84
C ASP E 96 -31.84 -14.88 -1.18
N LEU E 97 -30.94 -14.88 -0.19
CA LEU E 97 -29.55 -15.27 -0.38
C LEU E 97 -29.17 -16.66 0.10
N ASP E 98 -29.54 -17.02 1.35
CA ASP E 98 -29.15 -18.32 1.91
C ASP E 98 -30.20 -19.09 2.71
N PHE E 99 -30.08 -20.43 2.67
CA PHE E 99 -30.77 -21.46 3.44
C PHE E 99 -29.87 -22.72 3.45
N THR E 100 -29.32 -23.06 4.66
CA THR E 100 -28.43 -24.19 4.89
C THR E 100 -29.25 -25.45 5.31
N PRO E 101 -29.60 -26.39 4.38
CA PRO E 101 -30.39 -27.57 4.79
C PRO E 101 -29.85 -28.44 5.92
N GLU E 102 -30.78 -29.05 6.70
CA GLU E 102 -30.55 -29.94 7.84
C GLU E 102 -31.30 -31.26 7.59
N PRO E 103 -30.96 -32.40 8.23
CA PRO E 103 -31.72 -33.64 7.99
C PRO E 103 -33.16 -33.53 8.49
N VAL F 2 -30.34 -40.95 17.74
CA VAL F 2 -30.82 -41.10 16.38
C VAL F 2 -31.79 -39.98 16.01
N ASN F 3 -32.72 -39.62 16.93
CA ASN F 3 -33.69 -38.53 16.73
C ASN F 3 -33.14 -37.31 17.47
N CYS F 4 -32.62 -36.31 16.72
CA CYS F 4 -32.02 -35.09 17.27
C CYS F 4 -33.04 -34.18 17.92
N GLU F 5 -34.33 -34.38 17.59
CA GLU F 5 -35.45 -33.62 18.12
C GLU F 5 -35.71 -34.02 19.59
N THR F 6 -35.70 -35.32 19.87
CA THR F 6 -35.96 -35.87 21.21
C THR F 6 -34.69 -36.06 22.06
N SER F 7 -33.70 -36.80 21.52
CA SER F 7 -32.47 -37.21 22.21
C SER F 7 -31.45 -36.14 22.56
N CYS F 8 -30.49 -36.51 23.42
CA CYS F 8 -29.38 -35.69 23.89
C CYS F 8 -28.04 -36.41 23.62
N VAL F 9 -28.14 -37.57 22.95
CA VAL F 9 -27.04 -38.40 22.50
C VAL F 9 -26.32 -37.66 21.36
N GLN F 10 -24.99 -37.49 21.47
CA GLN F 10 -24.19 -36.83 20.45
C GLN F 10 -23.67 -37.86 19.44
N GLN F 11 -24.60 -38.33 18.59
CA GLN F 11 -24.36 -39.29 17.53
C GLN F 11 -24.85 -38.68 16.19
N PRO F 12 -24.01 -38.71 15.11
CA PRO F 12 -24.43 -38.13 13.82
C PRO F 12 -25.86 -38.44 13.38
N PRO F 13 -26.65 -37.45 12.87
CA PRO F 13 -26.28 -36.06 12.56
C PRO F 13 -26.51 -35.06 13.68
N CYS F 14 -26.47 -35.51 14.96
CA CYS F 14 -26.71 -34.63 16.13
C CYS F 14 -25.45 -34.08 16.73
N PHE F 15 -25.55 -32.83 17.21
CA PHE F 15 -24.49 -32.09 17.90
C PHE F 15 -25.22 -31.18 18.89
N PRO F 16 -25.78 -31.77 19.98
CA PRO F 16 -26.60 -30.97 20.90
C PRO F 16 -25.78 -30.05 21.78
N LEU F 17 -26.38 -28.90 22.09
CA LEU F 17 -25.77 -27.88 22.91
C LEU F 17 -25.91 -28.33 24.36
N LYS F 18 -24.86 -29.04 24.86
CA LYS F 18 -24.82 -29.53 26.24
C LYS F 18 -24.95 -28.35 27.22
N ILE F 19 -25.72 -28.54 28.31
CA ILE F 19 -26.07 -27.49 29.29
C ILE F 19 -24.98 -27.16 30.35
N PRO F 20 -24.71 -25.86 30.64
CA PRO F 20 -23.66 -25.53 31.61
C PRO F 20 -24.08 -25.48 33.08
N PRO F 21 -23.11 -25.55 34.04
CA PRO F 21 -23.47 -25.40 35.47
C PRO F 21 -24.19 -24.08 35.77
N ASN F 22 -25.25 -24.15 36.61
CA ASN F 22 -26.10 -23.03 37.05
C ASN F 22 -26.68 -22.25 35.87
N ASP F 23 -27.39 -22.98 35.00
CA ASP F 23 -28.03 -22.41 33.83
C ASP F 23 -29.30 -21.68 34.25
N PRO F 24 -29.50 -20.43 33.78
CA PRO F 24 -30.69 -19.65 34.19
C PRO F 24 -32.05 -20.19 33.75
N ARG F 25 -32.11 -21.43 33.19
CA ARG F 25 -33.34 -22.06 32.70
C ARG F 25 -33.25 -23.59 32.76
N ILE F 26 -32.27 -24.20 32.07
CA ILE F 26 -32.14 -25.65 32.07
C ILE F 26 -31.36 -26.12 33.31
N LYS F 27 -32.07 -26.76 34.25
CA LYS F 27 -31.45 -27.25 35.48
C LYS F 27 -30.88 -28.65 35.30
N ASN F 28 -31.52 -29.49 34.48
CA ASN F 28 -31.07 -30.85 34.22
C ASN F 28 -29.95 -30.85 33.18
N GLN F 29 -28.69 -31.02 33.63
CA GLN F 29 -27.54 -31.06 32.74
C GLN F 29 -27.53 -32.29 31.83
N ALA F 30 -28.40 -33.28 32.12
CA ALA F 30 -28.56 -34.48 31.29
C ALA F 30 -29.32 -34.10 30.01
N ASP F 31 -29.98 -32.91 30.03
CA ASP F 31 -30.72 -32.31 28.90
C ASP F 31 -29.77 -31.59 27.93
N CYS F 32 -30.35 -31.00 26.87
CA CYS F 32 -29.64 -30.27 25.83
C CYS F 32 -30.62 -29.48 25.01
N ILE F 33 -30.11 -28.44 24.34
CA ILE F 33 -30.84 -27.66 23.34
C ILE F 33 -30.62 -28.45 22.03
N PRO F 34 -31.71 -28.92 21.40
CA PRO F 34 -31.55 -29.73 20.18
C PRO F 34 -30.82 -29.02 19.03
N PHE F 35 -30.03 -29.81 18.27
CA PHE F 35 -29.26 -29.32 17.13
C PHE F 35 -28.93 -30.44 16.11
N PHE F 36 -29.25 -30.19 14.84
CA PHE F 36 -28.94 -31.08 13.72
C PHE F 36 -27.78 -30.42 12.98
N ARG F 37 -26.79 -31.24 12.61
CA ARG F 37 -25.65 -30.78 11.82
C ARG F 37 -26.18 -30.49 10.42
N SER F 38 -25.69 -29.40 9.77
CA SER F 38 -26.13 -29.03 8.43
C SER F 38 -25.74 -30.10 7.44
N CYS F 39 -26.61 -30.37 6.44
CA CYS F 39 -26.40 -31.35 5.38
C CYS F 39 -25.03 -31.11 4.71
N PRO F 40 -24.10 -32.10 4.69
CA PRO F 40 -22.79 -31.85 4.04
C PRO F 40 -22.85 -31.95 2.49
N ALA F 41 -21.96 -31.21 1.80
CA ALA F 41 -21.89 -31.22 0.34
C ALA F 41 -21.51 -32.61 -0.15
N CYS F 42 -20.54 -33.22 0.55
CA CYS F 42 -20.09 -34.56 0.26
C CYS F 42 -20.33 -35.55 1.43
N PRO F 43 -21.46 -36.31 1.43
CA PRO F 43 -21.72 -37.23 2.56
C PRO F 43 -20.80 -38.45 2.55
N GLY F 44 -20.31 -38.80 3.72
CA GLY F 44 -19.43 -39.95 3.89
C GLY F 44 -17.95 -39.73 3.70
N SER F 45 -17.56 -38.71 2.88
CA SER F 45 -16.16 -38.39 2.53
C SER F 45 -15.13 -38.20 3.68
N ASN F 46 -13.97 -38.88 3.53
CA ASN F 46 -12.80 -38.79 4.41
C ASN F 46 -11.65 -38.11 3.64
N ILE F 47 -11.97 -37.55 2.43
CA ILE F 47 -11.01 -36.86 1.56
C ILE F 47 -11.27 -35.35 1.66
N THR F 48 -12.34 -34.89 1.05
CA THR F 48 -12.71 -33.50 1.06
C THR F 48 -13.25 -33.01 2.43
N ILE F 49 -12.86 -31.78 2.77
CA ILE F 49 -13.27 -31.11 4.00
C ILE F 49 -14.77 -30.78 3.93
N ARG F 50 -15.49 -31.09 5.02
CA ARG F 50 -16.93 -30.88 5.14
C ARG F 50 -17.30 -29.44 4.79
N ASN F 51 -18.31 -29.31 3.96
CA ASN F 51 -18.85 -28.03 3.56
C ASN F 51 -20.35 -28.16 3.44
N GLN F 52 -21.03 -27.08 3.72
CA GLN F 52 -22.49 -27.00 3.76
C GLN F 52 -23.08 -26.68 2.41
N ILE F 53 -24.41 -26.60 2.32
CA ILE F 53 -25.10 -26.39 1.05
C ILE F 53 -25.95 -25.12 1.08
N ASN F 54 -26.01 -24.42 -0.08
CA ASN F 54 -26.93 -23.32 -0.27
C ASN F 54 -28.03 -23.91 -1.11
N ALA F 55 -29.25 -23.97 -0.53
CA ALA F 55 -30.42 -24.54 -1.16
C ALA F 55 -31.17 -23.43 -1.90
N LEU F 56 -30.64 -22.19 -1.80
CA LEU F 56 -31.15 -20.99 -2.47
C LEU F 56 -30.21 -20.43 -3.58
N THR F 57 -30.78 -19.64 -4.49
CA THR F 57 -30.04 -18.97 -5.54
C THR F 57 -29.45 -17.80 -4.82
N SER F 58 -28.12 -17.73 -4.82
CA SER F 58 -27.37 -16.71 -4.11
C SER F 58 -27.73 -15.29 -4.51
N PHE F 59 -28.29 -15.11 -5.68
CA PHE F 59 -28.63 -13.78 -6.21
C PHE F 59 -29.71 -13.02 -5.45
N VAL F 60 -29.64 -11.68 -5.53
CA VAL F 60 -30.68 -10.84 -4.96
C VAL F 60 -31.76 -10.83 -6.08
N ASP F 61 -32.35 -11.99 -6.32
CA ASP F 61 -33.25 -12.24 -7.43
C ASP F 61 -34.71 -12.44 -7.06
N ALA F 62 -35.09 -12.16 -5.79
CA ALA F 62 -36.44 -12.36 -5.22
C ALA F 62 -36.82 -13.87 -5.19
N SER F 63 -35.82 -14.77 -4.95
CA SER F 63 -36.11 -16.20 -4.85
C SER F 63 -37.00 -16.49 -3.66
N MET F 64 -36.94 -15.66 -2.58
CA MET F 64 -37.82 -15.77 -1.40
C MET F 64 -39.30 -15.63 -1.81
N VAL F 65 -39.54 -14.89 -2.92
CA VAL F 65 -40.83 -14.68 -3.55
C VAL F 65 -41.19 -15.80 -4.54
N TYR F 66 -40.27 -16.13 -5.48
CA TYR F 66 -40.53 -17.06 -6.58
C TYR F 66 -40.17 -18.52 -6.49
N GLY F 67 -39.17 -18.83 -5.65
CA GLY F 67 -38.64 -20.18 -5.51
C GLY F 67 -37.26 -20.31 -6.14
N SER F 68 -36.48 -21.28 -5.69
CA SER F 68 -35.12 -21.51 -6.17
C SER F 68 -35.03 -22.83 -6.88
N GLU F 69 -36.18 -23.51 -6.97
CA GLU F 69 -36.32 -24.78 -7.66
C GLU F 69 -37.53 -24.73 -8.59
N GLU F 70 -37.39 -25.39 -9.76
CA GLU F 70 -38.37 -25.46 -10.86
C GLU F 70 -39.79 -25.99 -10.51
N PRO F 71 -39.99 -27.09 -9.72
CA PRO F 71 -41.37 -27.50 -9.39
C PRO F 71 -42.13 -26.51 -8.50
N LEU F 72 -41.52 -26.05 -7.39
CA LEU F 72 -42.10 -25.06 -6.47
C LEU F 72 -42.42 -23.75 -7.20
N ALA F 73 -41.54 -23.32 -8.12
CA ALA F 73 -41.73 -22.11 -8.93
C ALA F 73 -43.02 -22.22 -9.71
N ARG F 74 -43.24 -23.40 -10.34
CA ARG F 74 -44.44 -23.73 -11.10
C ARG F 74 -45.63 -23.74 -10.15
N ASN F 75 -45.46 -24.40 -8.98
CA ASN F 75 -46.50 -24.50 -7.95
C ASN F 75 -46.96 -23.17 -7.39
N LEU F 76 -46.07 -22.17 -7.32
CA LEU F 76 -46.40 -20.83 -6.82
C LEU F 76 -47.18 -20.00 -7.84
N ARG F 77 -47.24 -20.46 -9.09
CA ARG F 77 -47.88 -19.78 -10.22
C ARG F 77 -49.37 -20.04 -10.36
N ASN F 78 -50.09 -18.99 -10.80
CA ASN F 78 -51.51 -19.02 -11.06
C ASN F 78 -51.67 -19.51 -12.49
N MET F 79 -51.68 -20.85 -12.65
CA MET F 79 -51.79 -21.59 -13.91
C MET F 79 -53.16 -21.48 -14.60
N SER F 80 -54.24 -21.32 -13.81
CA SER F 80 -55.65 -21.20 -14.22
C SER F 80 -55.93 -20.31 -15.44
N ASN F 81 -55.11 -19.25 -15.63
CA ASN F 81 -55.27 -18.28 -16.71
C ASN F 81 -53.97 -17.95 -17.46
N GLN F 82 -53.92 -16.78 -18.10
CA GLN F 82 -52.78 -16.28 -18.87
C GLN F 82 -52.51 -14.80 -18.53
N LEU F 83 -52.62 -14.45 -17.23
CA LEU F 83 -52.37 -13.10 -16.70
C LEU F 83 -50.99 -13.00 -16.02
N GLY F 84 -50.24 -14.10 -16.04
CA GLY F 84 -48.90 -14.19 -15.45
C GLY F 84 -48.86 -13.80 -13.98
N LEU F 85 -49.71 -14.42 -13.18
CA LEU F 85 -49.81 -14.11 -11.76
C LEU F 85 -49.24 -15.22 -10.90
N LEU F 86 -49.04 -14.90 -9.62
CA LEU F 86 -48.65 -15.83 -8.57
C LEU F 86 -49.98 -16.26 -7.97
N ALA F 87 -50.08 -17.53 -7.55
CA ALA F 87 -51.29 -18.06 -6.94
C ALA F 87 -51.51 -17.39 -5.58
N VAL F 88 -52.79 -17.18 -5.22
CA VAL F 88 -53.17 -16.54 -3.94
C VAL F 88 -53.99 -17.51 -3.07
N ASN F 89 -54.26 -17.15 -1.79
CA ASN F 89 -55.08 -18.02 -0.96
C ASN F 89 -56.47 -18.05 -1.49
N GLN F 90 -56.97 -19.25 -1.67
CA GLN F 90 -58.32 -19.50 -2.18
C GLN F 90 -59.35 -19.50 -1.05
N ARG F 91 -58.90 -19.84 0.20
CA ARG F 91 -59.69 -19.93 1.42
C ARG F 91 -59.85 -18.62 2.18
N PHE F 92 -58.85 -17.69 2.12
CA PHE F 92 -58.88 -16.44 2.89
C PHE F 92 -58.32 -15.21 2.15
N GLN F 93 -58.68 -14.01 2.66
CA GLN F 93 -58.26 -12.68 2.18
C GLN F 93 -58.02 -11.72 3.37
N ASP F 94 -57.36 -10.55 3.13
CA ASP F 94 -57.09 -9.48 4.13
C ASP F 94 -57.68 -8.15 3.63
N ASN F 95 -58.94 -7.89 4.02
CA ASN F 95 -59.76 -6.74 3.63
C ASN F 95 -59.79 -6.55 2.09
N GLY F 96 -60.16 -7.63 1.39
CA GLY F 96 -60.29 -7.70 -0.06
C GLY F 96 -58.98 -7.87 -0.80
N ARG F 97 -57.93 -8.21 -0.06
CA ARG F 97 -56.58 -8.32 -0.60
C ARG F 97 -55.98 -9.72 -0.49
N ALA F 98 -55.05 -10.03 -1.40
CA ALA F 98 -54.32 -11.28 -1.49
C ALA F 98 -53.61 -11.69 -0.19
N LEU F 99 -53.55 -13.00 0.08
CA LEU F 99 -52.83 -13.63 1.18
C LEU F 99 -52.11 -14.82 0.53
N LEU F 100 -50.89 -15.15 1.04
CA LEU F 100 -50.09 -16.25 0.50
C LEU F 100 -50.88 -17.55 0.54
N PRO F 101 -50.79 -18.43 -0.49
CA PRO F 101 -51.54 -19.71 -0.40
C PRO F 101 -50.93 -20.59 0.69
N PHE F 102 -51.58 -21.67 1.10
CA PHE F 102 -51.05 -22.53 2.16
C PHE F 102 -50.16 -23.67 1.65
N ASP F 103 -49.37 -24.22 2.55
CA ASP F 103 -48.48 -25.34 2.29
C ASP F 103 -49.05 -26.62 2.91
N ASN F 104 -49.09 -27.71 2.12
CA ASN F 104 -49.58 -29.03 2.51
C ASN F 104 -48.43 -29.80 3.21
N LEU F 105 -48.18 -29.51 4.51
CA LEU F 105 -47.11 -30.14 5.30
C LEU F 105 -47.52 -31.45 6.01
N HIS F 106 -46.51 -32.27 6.39
CA HIS F 106 -46.71 -33.56 7.08
C HIS F 106 -46.88 -33.36 8.59
N ASP F 107 -46.02 -32.50 9.18
CA ASP F 107 -46.03 -32.12 10.58
C ASP F 107 -45.90 -30.59 10.59
N ASP F 108 -47.03 -29.91 10.29
CA ASP F 108 -47.11 -28.44 10.18
C ASP F 108 -46.94 -27.71 11.51
N PRO F 109 -45.89 -26.86 11.67
CA PRO F 109 -45.70 -26.16 12.95
C PRO F 109 -46.65 -24.98 13.18
N CYS F 110 -47.34 -24.52 12.12
CA CYS F 110 -48.30 -23.42 12.22
C CYS F 110 -49.57 -23.88 12.88
N LEU F 111 -49.94 -25.13 12.59
CA LEU F 111 -51.10 -25.80 13.14
C LEU F 111 -50.95 -26.01 14.65
N LEU F 112 -49.71 -26.21 15.18
CA LEU F 112 -49.48 -26.36 16.63
C LEU F 112 -49.72 -25.08 17.44
N THR F 113 -49.66 -23.90 16.79
CA THR F 113 -49.82 -22.63 17.50
C THR F 113 -51.28 -22.28 17.85
N ASN F 114 -52.23 -23.04 17.28
CA ASN F 114 -53.68 -22.89 17.43
C ASN F 114 -54.38 -24.09 16.80
N ARG F 115 -54.97 -24.99 17.63
CA ARG F 115 -55.71 -26.16 17.14
C ARG F 115 -57.03 -25.71 16.45
N SER F 116 -57.81 -24.85 17.15
CA SER F 116 -59.12 -24.31 16.79
C SER F 116 -59.18 -23.60 15.46
N ALA F 117 -58.20 -22.73 15.19
CA ALA F 117 -58.09 -21.91 13.98
C ALA F 117 -57.88 -22.72 12.71
N ARG F 118 -57.13 -23.85 12.78
CA ARG F 118 -56.85 -24.75 11.64
C ARG F 118 -56.20 -24.02 10.42
N ILE F 119 -55.36 -22.98 10.70
CA ILE F 119 -54.64 -22.17 9.71
C ILE F 119 -53.22 -22.79 9.57
N PRO F 120 -52.91 -23.50 8.46
CA PRO F 120 -51.56 -24.10 8.32
C PRO F 120 -50.53 -23.10 7.82
N CYS F 121 -49.31 -23.58 7.52
CA CYS F 121 -48.21 -22.75 6.98
C CYS F 121 -48.56 -22.22 5.60
N PHE F 122 -48.03 -21.04 5.29
CA PHE F 122 -48.17 -20.42 3.98
C PHE F 122 -47.18 -21.05 2.98
N LEU F 123 -47.38 -20.79 1.68
CA LEU F 123 -46.54 -21.31 0.61
C LEU F 123 -45.91 -20.14 -0.10
N ALA F 124 -44.58 -20.06 -0.02
CA ALA F 124 -43.75 -19.00 -0.62
C ALA F 124 -42.58 -19.61 -1.42
N GLY F 125 -41.61 -18.78 -1.81
CA GLY F 125 -40.41 -19.26 -2.49
C GLY F 125 -39.47 -19.79 -1.43
N ASP F 126 -39.50 -19.17 -0.27
CA ASP F 126 -38.72 -19.62 0.86
C ASP F 126 -39.66 -20.25 1.89
N THR F 127 -39.23 -21.41 2.44
CA THR F 127 -39.93 -22.24 3.42
C THR F 127 -39.98 -21.63 4.85
N ARG F 128 -39.61 -20.34 5.01
CA ARG F 128 -39.60 -19.66 6.29
C ARG F 128 -40.55 -18.43 6.37
N SER F 129 -41.42 -18.18 5.36
CA SER F 129 -42.37 -17.04 5.39
C SER F 129 -43.32 -16.96 6.64
N SER F 130 -43.65 -18.12 7.25
CA SER F 130 -44.56 -18.18 8.39
C SER F 130 -43.89 -18.11 9.78
N GLU F 131 -42.59 -18.36 9.83
CA GLU F 131 -41.77 -18.35 11.04
C GLU F 131 -41.98 -17.10 11.93
N MET F 132 -42.48 -16.02 11.34
CA MET F 132 -42.73 -14.75 12.02
C MET F 132 -43.79 -14.00 11.23
N PRO F 133 -44.91 -13.60 11.85
CA PRO F 133 -45.95 -12.87 11.07
C PRO F 133 -45.49 -11.59 10.36
N GLU F 134 -44.52 -10.84 10.95
CA GLU F 134 -43.88 -9.64 10.37
C GLU F 134 -43.23 -10.02 9.02
N LEU F 135 -42.59 -11.22 8.97
CA LEU F 135 -41.96 -11.77 7.78
C LEU F 135 -43.06 -12.16 6.79
N THR F 136 -44.22 -12.68 7.28
CA THR F 136 -45.33 -13.00 6.37
C THR F 136 -45.91 -11.71 5.73
N SER F 137 -45.85 -10.59 6.47
CA SER F 137 -46.34 -9.30 5.98
C SER F 137 -45.49 -8.90 4.76
N MET F 138 -44.17 -9.14 4.85
CA MET F 138 -43.21 -8.78 3.82
C MET F 138 -43.31 -9.66 2.62
N HIS F 139 -43.56 -10.95 2.83
CA HIS F 139 -43.76 -11.89 1.74
C HIS F 139 -45.08 -11.64 1.02
N THR F 140 -46.16 -11.32 1.78
CA THR F 140 -47.47 -11.03 1.19
C THR F 140 -47.44 -9.75 0.36
N LEU F 141 -46.84 -8.70 0.91
CA LEU F 141 -46.74 -7.42 0.25
C LEU F 141 -46.13 -7.55 -1.14
N LEU F 142 -45.07 -8.38 -1.28
CA LEU F 142 -44.38 -8.62 -2.53
C LEU F 142 -45.22 -9.48 -3.48
N LEU F 143 -45.95 -10.47 -2.94
CA LEU F 143 -46.87 -11.32 -3.70
C LEU F 143 -47.99 -10.45 -4.30
N ARG F 144 -48.51 -9.47 -3.53
CA ARG F 144 -49.54 -8.54 -4.00
C ARG F 144 -48.92 -7.57 -5.05
N GLU F 145 -47.64 -7.20 -4.85
CA GLU F 145 -46.90 -6.31 -5.75
C GLU F 145 -46.63 -6.94 -7.12
N HIS F 146 -46.36 -8.28 -7.17
CA HIS F 146 -46.15 -9.01 -8.43
C HIS F 146 -47.48 -9.08 -9.22
N ASN F 147 -48.60 -9.19 -8.49
CA ASN F 147 -49.90 -9.24 -9.14
C ASN F 147 -50.37 -7.88 -9.59
N ARG F 148 -49.96 -6.81 -8.87
CA ARG F 148 -50.24 -5.41 -9.25
C ARG F 148 -49.51 -5.09 -10.58
N LEU F 149 -48.26 -5.58 -10.72
CA LEU F 149 -47.47 -5.34 -11.92
C LEU F 149 -47.92 -6.20 -13.08
N ALA F 150 -48.39 -7.43 -12.84
CA ALA F 150 -48.86 -8.32 -13.91
C ALA F 150 -50.24 -7.90 -14.45
N THR F 151 -50.96 -7.06 -13.68
CA THR F 151 -52.26 -6.49 -14.04
C THR F 151 -52.05 -5.16 -14.80
N GLU F 152 -51.12 -4.30 -14.31
CA GLU F 152 -50.74 -3.01 -14.92
C GLU F 152 -50.04 -3.24 -16.29
N LEU F 153 -49.26 -4.32 -16.42
CA LEU F 153 -48.59 -4.74 -17.64
C LEU F 153 -49.55 -5.45 -18.59
N LYS F 154 -50.69 -5.95 -18.10
CA LYS F 154 -51.64 -6.60 -19.01
C LYS F 154 -52.47 -5.55 -19.75
N SER F 155 -52.74 -4.40 -19.12
CA SER F 155 -53.49 -3.30 -19.73
C SER F 155 -52.65 -2.58 -20.78
N LEU F 156 -51.31 -2.51 -20.57
CA LEU F 156 -50.41 -1.86 -21.51
C LEU F 156 -50.07 -2.76 -22.69
N ASN F 157 -49.94 -4.05 -22.44
CA ASN F 157 -49.61 -5.03 -23.49
C ASN F 157 -50.59 -6.22 -23.47
N PRO F 158 -51.85 -6.04 -23.97
CA PRO F 158 -52.80 -7.17 -23.96
C PRO F 158 -52.33 -8.34 -24.84
N ARG F 159 -51.44 -8.04 -25.81
CA ARG F 159 -50.84 -9.03 -26.73
C ARG F 159 -49.89 -10.02 -26.03
N TRP F 160 -49.30 -9.63 -24.86
CA TRP F 160 -48.38 -10.49 -24.08
C TRP F 160 -49.14 -11.67 -23.45
N ASP F 161 -48.45 -12.79 -23.27
CA ASP F 161 -49.00 -14.04 -22.74
C ASP F 161 -48.68 -14.29 -21.24
N GLY F 162 -49.00 -15.50 -20.77
CA GLY F 162 -48.77 -15.95 -19.40
C GLY F 162 -47.31 -15.95 -18.97
N GLU F 163 -46.40 -16.48 -19.83
CA GLU F 163 -44.96 -16.52 -19.54
C GLU F 163 -44.34 -15.12 -19.47
N ARG F 164 -44.46 -14.32 -20.53
CA ARG F 164 -43.92 -12.97 -20.64
C ARG F 164 -44.31 -12.07 -19.47
N LEU F 165 -45.62 -11.97 -19.16
CA LEU F 165 -46.14 -11.10 -18.08
C LEU F 165 -45.52 -11.43 -16.74
N TYR F 166 -45.56 -12.74 -16.32
CA TYR F 166 -44.98 -13.29 -15.08
C TYR F 166 -43.50 -13.00 -15.00
N GLN F 167 -42.75 -13.26 -16.08
CA GLN F 167 -41.32 -13.03 -16.17
C GLN F 167 -40.94 -11.55 -16.13
N GLU F 168 -41.80 -10.67 -16.68
CA GLU F 168 -41.54 -9.23 -16.64
C GLU F 168 -41.83 -8.69 -15.23
N ALA F 169 -42.89 -9.19 -14.58
CA ALA F 169 -43.23 -8.75 -13.23
C ALA F 169 -42.15 -9.26 -12.27
N ARG F 170 -41.70 -10.53 -12.46
CA ARG F 170 -40.59 -11.14 -11.71
C ARG F 170 -39.34 -10.28 -11.89
N LYS F 171 -39.06 -9.80 -13.12
CA LYS F 171 -37.96 -8.90 -13.42
C LYS F 171 -38.01 -7.59 -12.58
N ILE F 172 -39.23 -7.00 -12.40
CA ILE F 172 -39.44 -5.74 -11.65
C ILE F 172 -39.43 -5.93 -10.13
N VAL F 173 -40.00 -7.03 -9.62
CA VAL F 173 -39.95 -7.30 -8.18
C VAL F 173 -38.46 -7.48 -7.79
N GLY F 174 -37.72 -8.28 -8.58
CA GLY F 174 -36.28 -8.49 -8.44
C GLY F 174 -35.49 -7.20 -8.33
N ALA F 175 -35.69 -6.25 -9.30
CA ALA F 175 -35.04 -4.94 -9.32
C ALA F 175 -35.41 -4.09 -8.08
N MET F 176 -36.68 -4.19 -7.60
CA MET F 176 -37.15 -3.48 -6.40
C MET F 176 -36.39 -4.01 -5.17
N VAL F 177 -36.22 -5.33 -5.10
CA VAL F 177 -35.48 -6.02 -4.06
C VAL F 177 -34.01 -5.55 -4.12
N GLN F 178 -33.43 -5.41 -5.34
CA GLN F 178 -32.04 -4.97 -5.53
C GLN F 178 -31.81 -3.49 -5.16
N ILE F 179 -32.75 -2.61 -5.51
CA ILE F 179 -32.63 -1.17 -5.20
C ILE F 179 -32.80 -0.92 -3.69
N ILE F 180 -33.91 -1.39 -3.11
CA ILE F 180 -34.15 -1.21 -1.67
C ILE F 180 -32.99 -1.69 -0.81
N THR F 181 -32.36 -2.84 -1.19
CA THR F 181 -31.22 -3.43 -0.48
C THR F 181 -29.96 -2.56 -0.63
N TYR F 182 -29.59 -2.27 -1.86
CA TYR F 182 -28.37 -1.52 -2.12
C TYR F 182 -28.42 0.00 -1.90
N ARG F 183 -29.55 0.64 -2.24
CA ARG F 183 -29.73 2.08 -2.10
C ARG F 183 -30.22 2.51 -0.70
N ASP F 184 -31.09 1.69 -0.05
CA ASP F 184 -31.67 2.06 1.23
C ASP F 184 -31.16 1.26 2.44
N TYR F 185 -31.21 -0.07 2.35
CA TYR F 185 -30.81 -0.96 3.45
C TYR F 185 -29.30 -0.95 3.82
N LEU F 186 -28.39 -1.53 2.98
CA LEU F 186 -26.93 -1.60 3.18
C LEU F 186 -26.21 -0.31 3.62
N PRO F 187 -26.54 0.92 3.13
CA PRO F 187 -25.82 2.10 3.64
C PRO F 187 -26.07 2.30 5.12
N LEU F 188 -27.22 1.80 5.60
CA LEU F 188 -27.65 1.90 7.01
C LEU F 188 -27.08 0.76 7.86
N VAL F 189 -26.73 -0.36 7.22
CA VAL F 189 -26.06 -1.49 7.88
C VAL F 189 -24.58 -1.16 8.05
N LEU F 190 -23.88 -0.83 6.94
CA LEU F 190 -22.44 -0.59 6.92
C LEU F 190 -21.98 0.77 7.40
N GLY F 191 -22.75 1.79 7.06
CA GLY F 191 -22.38 3.18 7.32
C GLY F 191 -21.77 3.73 6.05
N PRO F 192 -21.62 5.07 5.89
CA PRO F 192 -21.05 5.60 4.64
C PRO F 192 -19.65 5.11 4.22
N THR F 193 -18.59 5.34 5.04
CA THR F 193 -17.21 4.93 4.73
C THR F 193 -17.04 3.47 4.27
N ALA F 194 -17.69 2.52 4.96
CA ALA F 194 -17.64 1.10 4.60
C ALA F 194 -18.31 0.88 3.28
N MET F 195 -19.48 1.54 3.07
CA MET F 195 -20.28 1.48 1.83
C MET F 195 -19.41 1.95 0.64
N ARG F 196 -18.56 3.00 0.85
CA ARG F 196 -17.61 3.54 -0.13
C ARG F 196 -16.50 2.48 -0.37
N LYS F 197 -15.83 2.01 0.72
CA LYS F 197 -14.77 0.98 0.73
C LYS F 197 -15.19 -0.32 0.08
N TYR F 198 -16.41 -0.80 0.38
CA TYR F 198 -16.93 -2.09 -0.11
C TYR F 198 -17.78 -2.08 -1.36
N LEU F 199 -18.59 -1.04 -1.54
CA LEU F 199 -19.50 -0.95 -2.69
C LEU F 199 -19.29 0.34 -3.53
N PRO F 200 -18.11 0.48 -4.20
CA PRO F 200 -17.90 1.69 -5.02
C PRO F 200 -18.89 1.66 -6.17
N THR F 201 -19.20 2.82 -6.80
CA THR F 201 -20.17 2.94 -7.93
C THR F 201 -20.13 1.72 -8.86
N TYR F 202 -21.29 1.20 -9.22
CA TYR F 202 -21.38 0.07 -10.15
C TYR F 202 -20.75 0.51 -11.47
N ARG F 203 -19.89 -0.34 -12.05
CA ARG F 203 -19.24 -0.06 -13.34
C ARG F 203 -20.03 -0.83 -14.40
N SER F 204 -19.93 -2.15 -14.40
CA SER F 204 -20.70 -3.09 -15.22
C SER F 204 -20.43 -4.53 -14.71
N TYR F 205 -21.19 -5.51 -15.23
CA TYR F 205 -21.05 -6.90 -14.82
C TYR F 205 -19.64 -7.44 -15.14
N ASN F 206 -19.16 -8.38 -14.32
CA ASN F 206 -17.87 -9.03 -14.43
C ASN F 206 -18.08 -10.55 -14.37
N ASP F 207 -17.66 -11.30 -15.40
CA ASP F 207 -17.86 -12.77 -15.41
C ASP F 207 -16.87 -13.49 -14.49
N SER F 208 -15.90 -12.72 -13.94
CA SER F 208 -14.81 -13.20 -13.10
C SER F 208 -15.02 -12.86 -11.63
N VAL F 209 -16.26 -12.50 -11.30
CA VAL F 209 -16.69 -12.24 -9.93
C VAL F 209 -17.58 -13.41 -9.59
N ASP F 210 -17.08 -14.27 -8.66
CA ASP F 210 -17.76 -15.45 -8.09
C ASP F 210 -18.90 -14.86 -7.21
N PRO F 211 -20.18 -15.07 -7.61
CA PRO F 211 -21.27 -14.44 -6.85
C PRO F 211 -21.97 -15.36 -5.84
N ARG F 212 -21.31 -16.49 -5.46
CA ARG F 212 -21.87 -17.50 -4.52
C ARG F 212 -21.86 -16.97 -3.10
N ILE F 213 -22.76 -17.51 -2.24
CA ILE F 213 -22.75 -17.14 -0.81
C ILE F 213 -21.58 -17.89 -0.15
N ALA F 214 -20.79 -17.16 0.66
CA ALA F 214 -19.65 -17.73 1.37
C ALA F 214 -20.19 -18.31 2.65
N ASN F 215 -19.57 -19.39 3.17
CA ASN F 215 -20.04 -20.03 4.40
C ASN F 215 -20.11 -19.04 5.58
N VAL F 216 -19.12 -18.16 5.74
CA VAL F 216 -19.09 -17.19 6.83
C VAL F 216 -20.29 -16.22 6.84
N PHE F 217 -20.81 -15.89 5.66
CA PHE F 217 -21.89 -14.92 5.58
C PHE F 217 -23.18 -15.44 6.17
N THR F 218 -23.39 -16.76 6.11
CA THR F 218 -24.58 -17.38 6.72
C THR F 218 -24.61 -17.16 8.24
N ASN F 219 -23.45 -16.95 8.89
CA ASN F 219 -23.32 -16.66 10.33
C ASN F 219 -23.21 -15.15 10.58
N ALA F 220 -22.37 -14.48 9.80
CA ALA F 220 -22.14 -13.04 9.87
C ALA F 220 -23.44 -12.30 9.63
N PHE F 221 -24.25 -12.75 8.63
CA PHE F 221 -25.55 -12.12 8.39
C PHE F 221 -26.57 -12.22 9.54
N ARG F 222 -26.37 -13.19 10.46
CA ARG F 222 -27.20 -13.34 11.68
C ARG F 222 -26.95 -12.19 12.68
N TYR F 223 -26.26 -11.08 12.24
CA TYR F 223 -26.04 -9.87 13.03
C TYR F 223 -27.43 -9.27 13.40
N GLY F 224 -28.39 -9.49 12.52
CA GLY F 224 -29.76 -9.03 12.64
C GLY F 224 -30.45 -9.52 13.90
N HIS F 225 -29.91 -10.61 14.49
CA HIS F 225 -30.47 -11.16 15.72
C HIS F 225 -30.39 -10.14 16.86
N THR F 226 -29.39 -9.24 16.78
CA THR F 226 -29.19 -8.16 17.76
C THR F 226 -30.19 -7.01 17.59
N LEU F 227 -30.86 -6.95 16.44
CA LEU F 227 -31.82 -5.91 16.08
C LEU F 227 -33.24 -6.28 16.53
N ILE F 228 -33.49 -7.58 16.81
CA ILE F 228 -34.79 -8.18 17.19
C ILE F 228 -35.42 -7.63 18.49
N GLN F 229 -36.71 -7.17 18.41
CA GLN F 229 -37.50 -6.63 19.54
C GLN F 229 -38.29 -7.76 20.20
N PRO F 230 -38.52 -7.73 21.54
CA PRO F 230 -39.22 -8.85 22.20
C PRO F 230 -40.67 -9.11 21.85
N PHE F 231 -41.38 -8.16 21.24
CA PHE F 231 -42.79 -8.35 20.83
C PHE F 231 -43.00 -8.06 19.36
N MET F 232 -44.16 -8.47 18.85
CA MET F 232 -44.63 -8.10 17.53
C MET F 232 -45.54 -6.91 17.86
N PHE F 233 -45.41 -5.78 17.13
CA PHE F 233 -46.16 -4.55 17.40
C PHE F 233 -47.24 -4.29 16.37
N ARG F 234 -48.51 -4.28 16.80
CA ARG F 234 -49.66 -4.02 15.92
C ARG F 234 -50.25 -2.64 16.17
N LEU F 235 -50.49 -1.85 15.10
CA LEU F 235 -51.04 -0.50 15.17
C LEU F 235 -52.25 -0.29 14.22
N ASP F 236 -53.17 0.61 14.57
CA ASP F 236 -54.35 0.94 13.76
C ASP F 236 -54.08 2.08 12.77
N ASN F 237 -55.13 2.53 12.03
CA ASN F 237 -55.10 3.60 11.03
C ASN F 237 -54.43 4.91 11.51
N ARG F 238 -54.52 5.18 12.82
CA ARG F 238 -53.96 6.39 13.45
C ARG F 238 -52.55 6.16 14.04
N TYR F 239 -51.95 4.96 13.77
CA TYR F 239 -50.62 4.53 14.26
C TYR F 239 -50.54 4.38 15.79
N GLN F 240 -51.69 4.11 16.40
CA GLN F 240 -51.87 3.94 17.83
C GLN F 240 -52.03 2.45 18.14
N PRO F 241 -51.54 1.93 19.31
CA PRO F 241 -51.67 0.48 19.60
C PRO F 241 -53.02 -0.18 19.30
N MET F 242 -52.99 -1.36 18.66
CA MET F 242 -54.18 -2.08 18.26
C MET F 242 -54.65 -3.09 19.31
N GLU F 243 -55.75 -2.72 20.02
CA GLU F 243 -56.36 -3.53 21.07
C GLU F 243 -57.23 -4.66 20.49
N PRO F 244 -57.21 -5.89 21.10
CA PRO F 244 -56.41 -6.30 22.26
C PRO F 244 -55.07 -6.89 21.82
N ASN F 245 -54.14 -7.07 22.78
CA ASN F 245 -52.81 -7.60 22.54
C ASN F 245 -52.03 -6.96 21.34
N PRO F 246 -51.66 -5.65 21.41
CA PRO F 246 -50.85 -5.06 20.31
C PRO F 246 -49.40 -5.57 20.42
N ARG F 247 -48.77 -5.43 21.63
CA ARG F 247 -47.43 -5.89 22.02
C ARG F 247 -47.50 -7.37 22.44
N VAL F 248 -47.58 -8.29 21.44
CA VAL F 248 -47.64 -9.76 21.69
C VAL F 248 -46.25 -10.43 21.67
N PRO F 249 -45.83 -11.12 22.77
CA PRO F 249 -44.47 -11.69 22.81
C PRO F 249 -44.11 -12.58 21.65
N LEU F 250 -42.84 -12.52 21.26
CA LEU F 250 -42.29 -13.29 20.15
C LEU F 250 -42.50 -14.79 20.29
N SER F 251 -42.27 -15.34 21.51
CA SER F 251 -42.45 -16.77 21.82
C SER F 251 -43.87 -17.25 21.50
N ARG F 252 -44.79 -16.30 21.32
CA ARG F 252 -46.20 -16.56 21.01
C ARG F 252 -46.58 -16.33 19.53
N VAL F 253 -45.68 -15.66 18.76
CA VAL F 253 -45.87 -15.36 17.33
C VAL F 253 -45.18 -16.36 16.31
N PHE F 254 -44.12 -17.13 16.73
CA PHE F 254 -43.38 -18.05 15.83
C PHE F 254 -44.26 -19.13 15.19
N PHE F 255 -44.32 -19.13 13.84
CA PHE F 255 -45.16 -19.99 12.99
C PHE F 255 -46.64 -19.68 13.19
N ALA F 256 -46.97 -18.50 13.70
CA ALA F 256 -48.38 -18.19 13.98
C ALA F 256 -49.10 -17.50 12.82
N SER F 257 -49.30 -18.29 11.74
CA SER F 257 -49.98 -17.95 10.50
C SER F 257 -51.44 -17.53 10.76
N TRP F 258 -52.04 -18.03 11.85
CA TRP F 258 -53.40 -17.66 12.29
C TRP F 258 -53.51 -16.18 12.71
N ARG F 259 -52.40 -15.57 13.22
CA ARG F 259 -52.35 -14.17 13.65
C ARG F 259 -52.44 -13.28 12.44
N VAL F 260 -52.10 -13.81 11.25
CA VAL F 260 -52.14 -13.05 10.00
C VAL F 260 -53.56 -13.12 9.49
N VAL F 261 -54.10 -14.36 9.34
CA VAL F 261 -55.44 -14.66 8.84
C VAL F 261 -56.52 -14.11 9.76
N LEU F 262 -56.60 -14.64 11.00
CA LEU F 262 -57.61 -14.33 12.00
C LEU F 262 -57.30 -13.26 13.05
N GLU F 263 -56.39 -12.28 12.81
CA GLU F 263 -56.07 -11.21 13.81
C GLU F 263 -55.70 -9.84 13.25
N GLY F 264 -56.17 -9.52 12.05
CA GLY F 264 -55.99 -8.21 11.42
C GLY F 264 -55.33 -8.12 10.05
N GLY F 265 -54.65 -9.18 9.62
CA GLY F 265 -53.96 -9.19 8.34
C GLY F 265 -52.59 -8.54 8.41
N ILE F 266 -52.01 -8.22 7.23
CA ILE F 266 -50.66 -7.63 7.11
C ILE F 266 -50.54 -6.14 7.49
N ASP F 267 -51.64 -5.36 7.32
CA ASP F 267 -51.68 -3.92 7.62
C ASP F 267 -51.28 -3.52 9.05
N PRO F 268 -51.81 -4.13 10.16
CA PRO F 268 -51.36 -3.71 11.51
C PRO F 268 -49.89 -4.03 11.77
N ILE F 269 -49.37 -5.16 11.22
CA ILE F 269 -47.99 -5.62 11.40
C ILE F 269 -46.99 -4.68 10.69
N LEU F 270 -47.36 -4.14 9.51
CA LEU F 270 -46.52 -3.23 8.74
C LEU F 270 -46.38 -1.87 9.39
N ARG F 271 -47.48 -1.37 9.98
CA ARG F 271 -47.55 -0.10 10.67
C ARG F 271 -46.60 -0.15 11.85
N GLY F 272 -46.66 -1.26 12.58
CA GLY F 272 -45.77 -1.52 13.70
C GLY F 272 -44.31 -1.52 13.31
N LEU F 273 -43.92 -2.22 12.19
CA LEU F 273 -42.50 -2.24 11.74
C LEU F 273 -42.02 -0.82 11.36
N MET F 274 -42.87 -0.04 10.65
CA MET F 274 -42.59 1.33 10.23
C MET F 274 -42.41 2.22 11.46
N ALA F 275 -43.40 2.22 12.39
CA ALA F 275 -43.42 3.06 13.59
C ALA F 275 -42.70 2.56 14.85
N THR F 276 -42.27 1.31 14.88
CA THR F 276 -41.56 0.85 16.07
C THR F 276 -40.04 0.87 15.84
N PRO F 277 -39.29 1.55 16.74
CA PRO F 277 -37.82 1.51 16.63
C PRO F 277 -37.31 0.08 16.86
N ALA F 278 -36.28 -0.30 16.10
CA ALA F 278 -35.68 -1.62 16.22
C ALA F 278 -34.81 -1.66 17.49
N LYS F 279 -34.51 -2.86 18.02
CA LYS F 279 -33.65 -3.01 19.20
C LYS F 279 -32.25 -2.58 18.78
N LEU F 280 -31.58 -1.79 19.62
CA LEU F 280 -30.21 -1.35 19.35
C LEU F 280 -29.25 -2.40 19.91
N ASN F 281 -28.19 -2.70 19.17
CA ASN F 281 -27.16 -3.61 19.65
C ASN F 281 -26.24 -2.81 20.60
N ARG F 282 -26.07 -3.34 21.83
CA ARG F 282 -25.20 -2.79 22.86
C ARG F 282 -24.39 -3.95 23.44
N GLN F 283 -23.20 -3.67 23.99
CA GLN F 283 -22.29 -4.70 24.49
C GLN F 283 -22.80 -5.45 25.70
N ASN F 284 -23.70 -4.81 26.47
CA ASN F 284 -24.37 -5.38 27.63
C ASN F 284 -25.86 -5.70 27.31
N GLN F 285 -26.25 -5.51 26.01
CA GLN F 285 -27.61 -5.72 25.50
C GLN F 285 -27.58 -6.28 24.05
N ILE F 286 -26.86 -7.39 23.85
CA ILE F 286 -26.67 -8.04 22.55
C ILE F 286 -27.97 -8.55 21.93
N ALA F 287 -28.62 -9.59 22.51
CA ALA F 287 -29.90 -10.14 22.01
C ALA F 287 -30.89 -10.43 23.14
N VAL F 288 -32.21 -10.24 22.87
CA VAL F 288 -33.33 -10.46 23.82
C VAL F 288 -33.51 -11.92 24.25
N ASP F 289 -34.13 -12.15 25.45
CA ASP F 289 -34.41 -13.49 25.96
C ASP F 289 -35.57 -14.22 25.23
N GLU F 290 -36.34 -13.50 24.38
CA GLU F 290 -37.43 -14.06 23.56
C GLU F 290 -36.91 -15.02 22.50
N ILE F 291 -35.68 -14.75 22.00
CA ILE F 291 -34.96 -15.56 21.02
C ILE F 291 -33.92 -16.43 21.75
N ARG F 292 -33.28 -15.87 22.82
CA ARG F 292 -32.23 -16.49 23.67
C ARG F 292 -32.73 -17.56 24.67
N GLU F 293 -34.05 -17.65 24.90
CA GLU F 293 -34.61 -18.56 25.90
C GLU F 293 -35.87 -19.23 25.43
N ARG F 294 -36.67 -18.53 24.60
CA ARG F 294 -38.00 -18.97 24.20
C ARG F 294 -38.20 -19.06 22.71
N LEU F 295 -37.18 -19.50 21.97
CA LEU F 295 -37.24 -19.62 20.51
C LEU F 295 -37.90 -20.94 20.19
N PHE F 296 -39.03 -20.86 19.45
CA PHE F 296 -39.90 -21.98 19.04
C PHE F 296 -40.52 -22.74 20.22
N GLU F 297 -40.38 -22.14 21.42
CA GLU F 297 -40.86 -22.55 22.75
C GLU F 297 -42.18 -23.33 22.69
N GLN F 298 -43.19 -22.80 21.96
CA GLN F 298 -44.54 -23.34 21.76
C GLN F 298 -44.55 -24.73 21.12
N VAL F 299 -43.89 -24.83 19.95
CA VAL F 299 -43.82 -26.01 19.10
C VAL F 299 -42.63 -26.92 19.37
N MET F 300 -41.92 -26.71 20.46
CA MET F 300 -40.75 -27.53 20.76
C MET F 300 -40.80 -28.17 22.15
N ARG F 301 -39.90 -29.15 22.41
CA ARG F 301 -39.76 -29.88 23.67
C ARG F 301 -39.02 -29.03 24.73
N ILE F 302 -38.42 -27.92 24.30
CA ILE F 302 -37.62 -26.99 25.10
C ILE F 302 -37.46 -25.73 24.28
N GLY F 303 -37.18 -24.60 24.95
CA GLY F 303 -36.94 -23.34 24.27
C GLY F 303 -35.53 -23.30 23.70
N LEU F 304 -35.36 -22.64 22.54
CA LEU F 304 -34.03 -22.56 21.92
C LEU F 304 -33.30 -21.29 22.33
N ASP F 305 -31.97 -21.25 22.13
CA ASP F 305 -31.11 -20.08 22.40
C ASP F 305 -30.46 -19.65 21.04
N LEU F 306 -31.07 -18.67 20.34
CA LEU F 306 -30.58 -18.21 19.02
C LEU F 306 -29.03 -17.85 19.00
N PRO F 307 -28.53 -16.91 19.84
CA PRO F 307 -27.07 -16.69 19.88
C PRO F 307 -26.29 -17.98 20.03
N ALA F 308 -26.69 -18.87 20.94
CA ALA F 308 -25.98 -20.13 21.15
C ALA F 308 -26.10 -21.02 19.93
N LEU F 309 -27.28 -21.14 19.32
CA LEU F 309 -27.45 -21.91 18.10
C LEU F 309 -26.49 -21.40 16.98
N ASN F 310 -26.34 -20.03 16.83
CA ASN F 310 -25.46 -19.34 15.89
C ASN F 310 -24.04 -19.83 16.05
N MET F 311 -23.55 -19.80 17.32
CA MET F 311 -22.20 -20.22 17.69
C MET F 311 -22.02 -21.71 17.51
N GLN F 312 -23.05 -22.50 17.82
CA GLN F 312 -22.92 -23.94 17.61
C GLN F 312 -22.85 -24.22 16.09
N ARG F 313 -23.65 -23.48 15.29
CA ARG F 313 -23.68 -23.57 13.83
C ARG F 313 -22.33 -23.28 13.14
N SER F 314 -21.62 -22.19 13.57
CA SER F 314 -20.33 -21.78 13.03
C SER F 314 -19.25 -22.83 13.29
N ARG F 315 -19.31 -23.50 14.45
CA ARG F 315 -18.41 -24.60 14.82
C ARG F 315 -18.74 -25.80 13.94
N ASP F 316 -20.05 -26.04 13.65
CA ASP F 316 -20.55 -27.11 12.78
C ASP F 316 -19.99 -26.94 11.36
N HIS F 317 -20.01 -25.68 10.88
CA HIS F 317 -19.57 -25.21 9.56
C HIS F 317 -18.04 -25.01 9.43
N GLY F 318 -17.27 -25.44 10.43
CA GLY F 318 -15.81 -25.35 10.47
C GLY F 318 -15.31 -23.94 10.34
N LEU F 319 -16.05 -22.98 10.89
CA LEU F 319 -15.64 -21.60 10.72
C LEU F 319 -14.46 -21.22 11.52
N PRO F 320 -13.40 -20.72 10.86
CA PRO F 320 -12.27 -20.13 11.60
C PRO F 320 -12.76 -19.09 12.63
N GLY F 321 -11.93 -18.84 13.63
CA GLY F 321 -12.28 -17.89 14.68
C GLY F 321 -12.16 -16.44 14.31
N TYR F 322 -12.56 -15.59 15.23
CA TYR F 322 -12.51 -14.14 15.15
C TYR F 322 -11.23 -13.52 14.57
N ASN F 323 -10.06 -13.88 15.11
CA ASN F 323 -8.78 -13.34 14.66
C ASN F 323 -8.41 -13.73 13.25
N ALA F 324 -8.85 -14.94 12.80
CA ALA F 324 -8.63 -15.44 11.44
C ALA F 324 -9.44 -14.56 10.47
N TRP F 325 -10.66 -14.15 10.92
CA TRP F 325 -11.53 -13.27 10.16
C TRP F 325 -11.05 -11.83 10.16
N ARG F 326 -10.40 -11.37 11.26
CA ARG F 326 -9.83 -10.04 11.35
C ARG F 326 -8.75 -9.96 10.30
N ARG F 327 -7.79 -10.91 10.30
CA ARG F 327 -6.70 -11.01 9.34
C ARG F 327 -7.22 -11.01 7.88
N PHE F 328 -8.27 -11.79 7.62
CA PHE F 328 -8.87 -11.86 6.30
C PHE F 328 -9.38 -10.51 5.82
N CYS F 329 -9.90 -9.70 6.75
CA CYS F 329 -10.42 -8.36 6.49
C CYS F 329 -9.33 -7.30 6.45
N GLY F 330 -8.09 -7.67 6.72
CA GLY F 330 -7.00 -6.70 6.81
C GLY F 330 -7.09 -5.89 8.10
N LEU F 331 -7.68 -6.52 9.15
CA LEU F 331 -7.92 -5.92 10.47
C LEU F 331 -6.95 -6.43 11.57
N PRO F 332 -6.37 -5.52 12.39
CA PRO F 332 -5.43 -5.95 13.45
C PRO F 332 -5.96 -7.10 14.30
N GLN F 333 -5.09 -8.09 14.62
CA GLN F 333 -5.49 -9.28 15.39
C GLN F 333 -5.05 -9.23 16.86
N PRO F 334 -6.00 -8.96 17.81
CA PRO F 334 -5.63 -8.91 19.25
C PRO F 334 -5.14 -10.22 19.86
N GLU F 335 -4.06 -10.14 20.68
CA GLU F 335 -3.45 -11.27 21.35
C GLU F 335 -3.87 -11.36 22.80
N THR F 336 -3.87 -10.21 23.53
CA THR F 336 -4.20 -10.11 24.96
C THR F 336 -5.62 -9.61 25.25
N VAL F 337 -5.98 -9.57 26.55
CA VAL F 337 -7.26 -9.08 27.06
C VAL F 337 -7.34 -7.55 26.90
N GLY F 338 -6.21 -6.88 27.13
CA GLY F 338 -6.06 -5.44 26.94
C GLY F 338 -6.17 -5.09 25.47
N GLN F 339 -5.55 -5.89 24.60
CA GLN F 339 -5.61 -5.72 23.15
C GLN F 339 -7.05 -5.85 22.64
N LEU F 340 -7.79 -6.91 23.07
CA LEU F 340 -9.20 -7.11 22.71
C LEU F 340 -10.04 -5.95 23.26
N GLY F 341 -9.66 -5.47 24.45
CA GLY F 341 -10.27 -4.31 25.12
C GLY F 341 -10.16 -3.03 24.33
N THR F 342 -9.07 -2.87 23.55
CA THR F 342 -8.81 -1.71 22.68
C THR F 342 -9.75 -1.77 21.43
N VAL F 343 -9.92 -2.98 20.87
CA VAL F 343 -10.76 -3.24 19.71
C VAL F 343 -12.22 -3.06 20.11
N LEU F 344 -12.62 -3.63 21.26
CA LEU F 344 -13.99 -3.53 21.73
C LEU F 344 -14.31 -2.21 22.41
N ARG F 345 -13.28 -1.43 22.87
CA ARG F 345 -13.45 -0.18 23.65
C ARG F 345 -14.23 -0.55 24.93
N ASN F 346 -13.96 -1.76 25.48
CA ASN F 346 -14.67 -2.36 26.60
C ASN F 346 -13.84 -3.51 27.18
N LEU F 347 -13.05 -3.18 28.20
CA LEU F 347 -12.18 -4.11 28.93
C LEU F 347 -13.03 -5.10 29.78
N LYS F 348 -14.27 -4.70 30.19
CA LYS F 348 -15.18 -5.58 30.94
C LYS F 348 -15.64 -6.75 30.04
N LEU F 349 -16.11 -6.45 28.83
CA LEU F 349 -16.52 -7.47 27.87
C LEU F 349 -15.29 -8.25 27.35
N ALA F 350 -14.13 -7.55 27.24
CA ALA F 350 -12.87 -8.18 26.81
C ALA F 350 -12.56 -9.29 27.80
N ARG F 351 -12.58 -8.96 29.12
CA ARG F 351 -12.38 -9.90 30.23
C ARG F 351 -13.35 -11.06 30.14
N LYS F 352 -14.67 -10.74 30.06
CA LYS F 352 -15.75 -11.71 29.98
C LYS F 352 -15.59 -12.70 28.81
N LEU F 353 -15.27 -12.17 27.60
CA LEU F 353 -15.06 -12.99 26.40
C LEU F 353 -13.84 -13.88 26.54
N MET F 354 -12.73 -13.33 27.09
CA MET F 354 -11.46 -14.03 27.32
C MET F 354 -11.66 -15.22 28.25
N GLU F 355 -12.48 -15.04 29.33
CA GLU F 355 -12.78 -16.06 30.33
C GLU F 355 -13.46 -17.30 29.76
N GLN F 356 -14.09 -17.17 28.57
CA GLN F 356 -14.81 -18.25 27.90
C GLN F 356 -13.95 -18.94 26.86
N TYR F 357 -13.36 -18.13 25.96
CA TYR F 357 -12.58 -18.58 24.80
C TYR F 357 -11.10 -18.87 25.01
N GLY F 358 -10.45 -18.13 25.89
CA GLY F 358 -9.04 -18.28 26.24
C GLY F 358 -8.16 -17.28 25.50
N THR F 359 -8.35 -17.22 24.20
CA THR F 359 -7.66 -16.33 23.26
C THR F 359 -8.69 -15.68 22.32
N PRO F 360 -8.47 -14.43 21.82
CA PRO F 360 -9.43 -13.86 20.85
C PRO F 360 -9.58 -14.73 19.60
N ASN F 361 -8.56 -15.56 19.29
CA ASN F 361 -8.51 -16.51 18.18
C ASN F 361 -9.71 -17.46 18.16
N ASN F 362 -10.12 -17.95 19.33
CA ASN F 362 -11.19 -18.93 19.43
C ASN F 362 -12.57 -18.36 19.45
N ILE F 363 -12.70 -17.01 19.59
CA ILE F 363 -14.00 -16.32 19.65
C ILE F 363 -14.79 -16.70 18.40
N ASP F 364 -16.02 -17.22 18.62
CA ASP F 364 -16.94 -17.63 17.55
C ASP F 364 -17.32 -16.40 16.73
N ILE F 365 -17.26 -16.52 15.40
CA ILE F 365 -17.56 -15.43 14.47
C ILE F 365 -18.70 -14.50 14.89
N TRP F 366 -19.98 -15.00 14.99
CA TRP F 366 -21.12 -14.15 15.38
C TRP F 366 -20.85 -13.43 16.70
N MET F 367 -20.33 -14.17 17.70
CA MET F 367 -19.98 -13.61 19.01
C MET F 367 -18.93 -12.50 18.92
N GLY F 368 -17.91 -12.68 18.10
CA GLY F 368 -16.88 -11.67 17.95
C GLY F 368 -17.38 -10.48 17.17
N GLY F 369 -18.10 -10.77 16.09
CA GLY F 369 -18.69 -9.78 15.21
C GLY F 369 -19.65 -8.86 15.94
N VAL F 370 -20.76 -9.44 16.48
CA VAL F 370 -21.82 -8.70 17.19
C VAL F 370 -21.37 -7.91 18.44
N SER F 371 -20.20 -8.31 19.07
CA SER F 371 -19.57 -7.69 20.27
C SER F 371 -19.00 -6.34 19.92
N GLU F 372 -18.25 -6.29 18.80
CA GLU F 372 -17.50 -5.16 18.25
C GLU F 372 -18.34 -3.89 18.20
N PRO F 373 -17.76 -2.74 18.63
CA PRO F 373 -18.52 -1.48 18.56
C PRO F 373 -19.03 -1.16 17.15
N LEU F 374 -20.29 -0.64 17.07
CA LEU F 374 -21.02 -0.26 15.85
C LEU F 374 -20.30 0.91 15.13
N LYS F 375 -20.17 0.84 13.79
CA LYS F 375 -19.54 1.89 13.00
C LYS F 375 -20.39 3.17 13.01
N ARG F 376 -19.79 4.37 12.81
CA ARG F 376 -20.51 5.66 12.73
C ARG F 376 -21.60 5.53 11.63
N LYS F 377 -22.87 5.88 11.96
CA LYS F 377 -24.03 5.79 11.04
C LYS F 377 -24.20 4.35 10.44
N GLY F 378 -23.65 3.36 11.16
CA GLY F 378 -23.70 1.95 10.81
C GLY F 378 -24.15 1.04 11.95
N ARG F 379 -24.83 -0.06 11.60
CA ARG F 379 -25.31 -1.01 12.57
C ARG F 379 -24.47 -2.28 12.75
N VAL F 380 -23.19 -2.26 12.28
CA VAL F 380 -22.21 -3.37 12.40
C VAL F 380 -20.84 -2.86 12.72
N GLY F 381 -19.99 -3.75 13.26
CA GLY F 381 -18.61 -3.47 13.60
C GLY F 381 -17.68 -3.64 12.42
N PRO F 382 -16.40 -3.17 12.51
CA PRO F 382 -15.47 -3.29 11.38
C PRO F 382 -15.35 -4.65 10.70
N LEU F 383 -15.40 -5.76 11.47
CA LEU F 383 -15.31 -7.12 10.94
C LEU F 383 -16.50 -7.49 10.07
N LEU F 384 -17.69 -7.37 10.66
CA LEU F 384 -18.96 -7.67 10.00
C LEU F 384 -19.18 -6.80 8.75
N ALA F 385 -18.74 -5.53 8.82
CA ALA F 385 -18.79 -4.55 7.72
C ALA F 385 -18.10 -5.17 6.51
N CYS F 386 -16.93 -5.82 6.75
CA CYS F 386 -16.14 -6.45 5.71
C CYS F 386 -16.79 -7.66 5.10
N ILE F 387 -17.19 -8.64 5.93
CA ILE F 387 -17.85 -9.86 5.41
C ILE F 387 -19.11 -9.45 4.66
N ILE F 388 -20.02 -8.70 5.32
CA ILE F 388 -21.26 -8.20 4.74
C ILE F 388 -21.04 -7.42 3.40
N GLY F 389 -20.22 -6.37 3.43
CA GLY F 389 -19.87 -5.59 2.24
C GLY F 389 -19.29 -6.38 1.08
N THR F 390 -18.16 -7.12 1.32
CA THR F 390 -17.52 -8.01 0.35
C THR F 390 -18.57 -8.94 -0.31
N GLN F 391 -19.44 -9.61 0.50
CA GLN F 391 -20.47 -10.50 -0.01
C GLN F 391 -21.43 -9.75 -0.90
N PHE F 392 -21.94 -8.58 -0.46
CA PHE F 392 -22.83 -7.76 -1.30
C PHE F 392 -22.19 -7.17 -2.56
N ARG F 393 -20.87 -6.93 -2.55
CA ARG F 393 -20.19 -6.46 -3.76
C ARG F 393 -20.13 -7.57 -4.77
N LYS F 394 -19.89 -8.81 -4.31
CA LYS F 394 -19.85 -10.01 -5.15
C LYS F 394 -21.24 -10.39 -5.73
N LEU F 395 -22.33 -10.15 -4.99
CA LEU F 395 -23.71 -10.39 -5.48
C LEU F 395 -24.11 -9.34 -6.53
N ARG F 396 -23.68 -8.08 -6.31
CA ARG F 396 -23.92 -6.94 -7.16
C ARG F 396 -23.16 -7.16 -8.48
N ASP F 397 -21.79 -7.16 -8.42
CA ASP F 397 -20.89 -7.26 -9.57
C ASP F 397 -20.82 -8.61 -10.27
N GLY F 398 -21.31 -9.67 -9.62
CA GLY F 398 -21.31 -11.02 -10.19
C GLY F 398 -22.63 -11.50 -10.77
N ASP F 399 -23.59 -10.58 -10.90
CA ASP F 399 -24.92 -10.84 -11.40
C ASP F 399 -25.03 -10.24 -12.80
N ARG F 400 -25.19 -11.13 -13.80
CA ARG F 400 -25.35 -10.79 -15.21
C ARG F 400 -26.73 -10.10 -15.39
N PHE F 401 -27.70 -10.41 -14.48
CA PHE F 401 -29.07 -9.88 -14.47
C PHE F 401 -29.30 -8.69 -13.50
N TRP F 402 -28.21 -8.04 -13.02
CA TRP F 402 -28.27 -6.90 -12.10
C TRP F 402 -28.95 -5.74 -12.82
N TRP F 403 -30.01 -5.18 -12.23
CA TRP F 403 -30.83 -4.11 -12.79
C TRP F 403 -30.09 -3.01 -13.57
N GLU F 404 -28.91 -2.60 -13.08
CA GLU F 404 -28.14 -1.54 -13.71
C GLU F 404 -27.31 -2.04 -14.91
N ASN F 405 -27.08 -3.35 -15.00
CA ASN F 405 -26.31 -3.94 -16.09
C ASN F 405 -27.03 -3.73 -17.42
N GLU F 406 -26.26 -3.37 -18.47
CA GLU F 406 -26.82 -3.13 -19.79
C GLU F 406 -27.42 -4.41 -20.37
N GLY F 407 -28.62 -4.29 -20.93
CA GLY F 407 -29.36 -5.39 -21.54
C GLY F 407 -30.44 -5.97 -20.64
N VAL F 408 -30.38 -5.62 -19.34
CA VAL F 408 -31.36 -6.10 -18.38
C VAL F 408 -32.62 -5.21 -18.51
N PHE F 409 -32.48 -3.89 -18.22
CA PHE F 409 -33.54 -2.87 -18.30
C PHE F 409 -33.02 -1.66 -19.10
N SER F 410 -33.80 -1.20 -20.11
CA SER F 410 -33.43 -0.05 -20.96
C SER F 410 -33.22 1.24 -20.13
N MET F 411 -32.51 2.24 -20.69
CA MET F 411 -32.23 3.51 -20.01
C MET F 411 -33.50 4.08 -19.39
N GLN F 412 -34.59 4.15 -20.19
CA GLN F 412 -35.91 4.64 -19.80
C GLN F 412 -36.51 3.82 -18.64
N GLN F 413 -36.47 2.46 -18.74
CA GLN F 413 -36.92 1.53 -17.70
C GLN F 413 -36.17 1.77 -16.39
N ARG F 414 -34.83 2.01 -16.44
CA ARG F 414 -33.96 2.29 -15.29
C ARG F 414 -34.30 3.63 -14.62
N GLN F 415 -34.55 4.68 -15.45
CA GLN F 415 -34.94 6.04 -14.98
C GLN F 415 -36.26 5.95 -14.21
N ALA F 416 -37.17 5.04 -14.67
CA ALA F 416 -38.44 4.76 -14.02
C ALA F 416 -38.24 3.98 -12.71
N LEU F 417 -37.42 2.91 -12.75
CA LEU F 417 -37.14 2.02 -11.60
C LEU F 417 -36.40 2.67 -10.45
N ALA F 418 -35.69 3.78 -10.72
CA ALA F 418 -34.92 4.51 -9.74
C ALA F 418 -35.83 5.24 -8.76
N GLN F 419 -37.11 5.41 -9.17
CA GLN F 419 -38.14 6.13 -8.42
C GLN F 419 -38.92 5.26 -7.42
N ILE F 420 -38.59 3.95 -7.34
CA ILE F 420 -39.26 3.07 -6.40
C ILE F 420 -38.73 3.27 -4.97
N SER F 421 -39.52 2.79 -4.00
CA SER F 421 -39.24 2.84 -2.57
C SER F 421 -40.16 1.81 -1.88
N LEU F 422 -39.74 1.32 -0.69
CA LEU F 422 -40.54 0.40 0.10
C LEU F 422 -41.81 1.09 0.66
N PRO F 423 -41.80 2.37 1.12
CA PRO F 423 -43.08 2.97 1.57
C PRO F 423 -44.13 2.97 0.47
N ARG F 424 -43.72 3.23 -0.80
CA ARG F 424 -44.60 3.22 -1.97
C ARG F 424 -45.16 1.82 -2.31
N ILE F 425 -44.41 0.75 -2.04
CA ILE F 425 -44.86 -0.62 -2.33
C ILE F 425 -46.04 -0.95 -1.40
N ILE F 426 -45.93 -0.48 -0.14
CA ILE F 426 -46.94 -0.63 0.91
C ILE F 426 -48.28 0.05 0.47
N CYS F 427 -48.17 1.27 -0.09
CA CYS F 427 -49.28 2.07 -0.59
C CYS F 427 -50.12 1.31 -1.58
N ASP F 428 -49.48 0.89 -2.68
CA ASP F 428 -50.06 0.17 -3.81
C ASP F 428 -50.62 -1.22 -3.48
N ASN F 429 -50.31 -1.79 -2.29
CA ASN F 429 -50.74 -3.14 -1.91
C ASN F 429 -51.41 -3.36 -0.55
N THR F 430 -51.57 -2.30 0.26
CA THR F 430 -52.22 -2.35 1.57
C THR F 430 -53.26 -1.22 1.70
N GLY F 431 -54.04 -1.25 2.78
CA GLY F 431 -55.02 -0.22 3.09
C GLY F 431 -54.36 1.06 3.60
N ILE F 432 -53.04 0.97 3.88
CA ILE F 432 -52.20 2.05 4.42
C ILE F 432 -52.11 3.29 3.49
N THR F 433 -52.31 4.47 4.11
CA THR F 433 -52.33 5.79 3.46
C THR F 433 -51.16 6.65 3.95
N THR F 434 -50.80 6.52 5.24
CA THR F 434 -49.68 7.23 5.84
C THR F 434 -48.54 6.23 6.02
N VAL F 435 -47.49 6.38 5.18
CA VAL F 435 -46.27 5.55 5.15
C VAL F 435 -45.05 6.34 5.60
N SER F 436 -43.91 5.64 5.79
CA SER F 436 -42.64 6.23 6.22
C SER F 436 -42.10 7.24 5.23
N LYS F 437 -41.46 8.30 5.73
CA LYS F 437 -40.76 9.27 4.91
C LYS F 437 -39.39 8.60 4.65
N ASN F 438 -38.85 8.68 3.42
CA ASN F 438 -37.57 8.04 3.08
C ASN F 438 -36.46 8.60 3.98
N ASN F 439 -35.56 7.77 4.58
CA ASN F 439 -35.41 6.31 4.43
C ASN F 439 -36.33 5.55 5.41
N ILE F 440 -37.08 4.54 4.89
CA ILE F 440 -37.98 3.66 5.65
C ILE F 440 -37.28 3.00 6.85
N PHE F 441 -36.03 2.59 6.67
CA PHE F 441 -35.21 1.92 7.69
C PHE F 441 -34.78 2.80 8.87
N MET F 442 -34.82 4.14 8.70
CA MET F 442 -34.47 5.12 9.74
C MET F 442 -35.74 5.68 10.41
N SER F 443 -36.83 5.82 9.60
CA SER F 443 -38.13 6.40 9.99
C SER F 443 -38.85 5.53 11.00
N ASN F 444 -38.78 5.92 12.28
CA ASN F 444 -39.34 5.16 13.39
C ASN F 444 -40.29 5.93 14.34
N SER F 445 -40.51 7.22 14.08
CA SER F 445 -41.41 7.99 14.94
C SER F 445 -42.63 8.55 14.19
N TYR F 446 -43.81 8.40 14.83
CA TYR F 446 -45.06 8.91 14.29
C TYR F 446 -45.55 10.18 15.05
N PRO F 447 -46.08 11.23 14.38
CA PRO F 447 -46.25 11.44 12.93
C PRO F 447 -45.10 12.24 12.30
N ARG F 448 -43.97 12.24 13.02
CA ARG F 448 -42.72 12.93 12.75
C ARG F 448 -42.08 12.42 11.45
N ASP F 449 -41.70 11.13 11.41
CA ASP F 449 -41.02 10.53 10.27
C ASP F 449 -41.97 9.90 9.23
N PHE F 450 -43.27 10.27 9.26
CA PHE F 450 -44.31 9.73 8.37
C PHE F 450 -45.01 10.78 7.52
N VAL F 451 -45.41 10.38 6.29
CA VAL F 451 -46.11 11.18 5.28
C VAL F 451 -47.17 10.37 4.51
N ASN F 452 -48.12 11.06 3.87
CA ASN F 452 -49.20 10.44 3.10
C ASN F 452 -48.74 9.88 1.73
N CYS F 453 -49.44 8.83 1.25
CA CYS F 453 -49.23 8.13 -0.01
C CYS F 453 -49.06 9.05 -1.21
N SER F 454 -49.91 10.11 -1.28
CA SER F 454 -49.94 11.12 -2.36
C SER F 454 -48.62 11.84 -2.60
N THR F 455 -47.83 12.08 -1.54
CA THR F 455 -46.53 12.76 -1.60
C THR F 455 -45.52 11.93 -2.39
N LEU F 456 -45.52 10.63 -2.18
CA LEU F 456 -44.62 9.74 -2.87
C LEU F 456 -45.18 9.33 -4.23
N PRO F 457 -44.50 9.69 -5.34
CA PRO F 457 -45.00 9.28 -6.66
C PRO F 457 -44.80 7.78 -6.90
N ALA F 458 -45.73 7.16 -7.63
CA ALA F 458 -45.70 5.74 -7.95
C ALA F 458 -44.65 5.37 -9.03
N LEU F 459 -44.79 4.19 -9.67
CA LEU F 459 -43.86 3.68 -10.69
C LEU F 459 -44.49 3.76 -12.08
N ASN F 460 -43.80 4.45 -13.00
CA ASN F 460 -44.29 4.59 -14.37
C ASN F 460 -43.82 3.45 -15.27
N LEU F 461 -44.77 2.66 -15.80
CA LEU F 461 -44.50 1.53 -16.68
C LEU F 461 -44.65 1.87 -18.17
N ALA F 462 -44.58 3.18 -18.52
CA ALA F 462 -44.70 3.68 -19.91
C ALA F 462 -43.59 3.13 -20.81
N SER F 463 -42.41 2.87 -20.22
CA SER F 463 -41.22 2.33 -20.88
C SER F 463 -41.37 0.84 -21.12
N TRP F 464 -42.27 0.17 -20.38
CA TRP F 464 -42.55 -1.25 -20.53
C TRP F 464 -43.55 -1.53 -21.67
N ARG F 465 -44.18 -0.46 -22.22
CA ARG F 465 -45.13 -0.52 -23.33
C ARG F 465 -44.40 -0.92 -24.61
N GLU F 466 -44.93 -1.94 -25.31
CA GLU F 466 -44.36 -2.50 -26.54
C GLU F 466 -45.14 -2.02 -27.78
N CYS G 1 -4.17 -32.70 17.49
CA CYS G 1 -2.80 -32.50 17.04
C CYS G 1 -1.87 -32.38 18.24
N PRO G 2 -0.66 -33.00 18.20
CA PRO G 2 0.29 -32.84 19.32
C PRO G 2 0.72 -31.38 19.52
N GLU G 3 0.22 -30.78 20.64
CA GLU G 3 0.43 -29.40 21.11
C GLU G 3 1.82 -28.81 20.78
N GLN G 4 2.89 -29.62 20.94
CA GLN G 4 4.28 -29.31 20.62
C GLN G 4 4.90 -30.52 19.88
N ASP G 5 5.78 -30.28 18.86
CA ASP G 5 6.43 -31.34 18.06
C ASP G 5 7.76 -30.89 17.45
N LYS G 6 8.62 -31.86 17.10
CA LYS G 6 9.94 -31.62 16.52
C LYS G 6 10.07 -32.09 15.07
N TYR G 7 9.23 -33.05 14.63
CA TYR G 7 9.29 -33.57 13.26
C TYR G 7 7.96 -33.54 12.55
N ARG G 8 7.98 -33.65 11.20
CA ARG G 8 6.78 -33.69 10.37
C ARG G 8 6.19 -35.07 10.45
N THR G 9 4.90 -35.19 10.14
CA THR G 9 4.22 -36.47 10.00
C THR G 9 4.54 -36.93 8.57
N ILE G 10 4.24 -38.17 8.24
CA ILE G 10 4.49 -38.66 6.88
C ILE G 10 3.39 -38.17 5.90
N THR G 11 2.10 -38.19 6.36
CA THR G 11 0.93 -37.76 5.58
C THR G 11 0.83 -36.26 5.32
N GLY G 12 1.58 -35.46 6.06
CA GLY G 12 1.54 -34.01 5.94
C GLY G 12 0.63 -33.35 6.94
N MET G 13 -0.25 -34.16 7.61
CA MET G 13 -1.20 -33.76 8.65
C MET G 13 -0.54 -32.96 9.78
N CYS G 14 -1.30 -32.10 10.46
CA CYS G 14 -0.89 -31.27 11.59
C CYS G 14 0.22 -30.25 11.34
N ASN G 15 0.58 -30.02 10.07
CA ASN G 15 1.58 -29.01 9.75
C ASN G 15 0.90 -27.70 10.10
N ASN G 16 -0.31 -27.46 9.52
CA ASN G 16 -1.14 -26.32 9.87
C ASN G 16 -2.01 -26.80 11.04
N ARG G 17 -1.83 -26.18 12.19
CA ARG G 17 -2.55 -26.62 13.37
C ARG G 17 -4.01 -26.27 13.41
N ARG G 18 -4.39 -25.09 12.87
CA ARG G 18 -5.77 -24.59 12.80
C ARG G 18 -6.61 -25.45 11.86
N SER G 19 -6.06 -25.81 10.68
CA SER G 19 -6.68 -26.69 9.70
C SER G 19 -5.65 -27.81 9.39
N PRO G 20 -5.74 -28.93 10.16
CA PRO G 20 -4.70 -29.98 10.06
C PRO G 20 -4.58 -30.80 8.78
N THR G 21 -5.54 -30.71 7.84
CA THR G 21 -5.47 -31.44 6.57
C THR G 21 -4.81 -30.58 5.44
N LEU G 22 -4.31 -29.35 5.75
CA LEU G 22 -3.72 -28.46 4.73
C LEU G 22 -2.33 -28.89 4.28
N GLY G 23 -2.26 -29.43 3.07
CA GLY G 23 -1.04 -29.93 2.48
C GLY G 23 -0.84 -31.40 2.72
N ALA G 24 -1.85 -32.05 3.30
CA ALA G 24 -1.85 -33.47 3.64
C ALA G 24 -2.19 -34.31 2.42
N SER G 25 -1.71 -35.57 2.39
CA SER G 25 -2.00 -36.44 1.25
C SER G 25 -3.47 -36.88 1.23
N ASN G 26 -3.95 -37.34 0.07
CA ASN G 26 -5.32 -37.81 -0.13
C ASN G 26 -6.45 -36.84 0.22
N ARG G 27 -6.21 -35.58 -0.07
CA ARG G 27 -7.16 -34.51 0.14
C ARG G 27 -7.31 -33.86 -1.24
N ALA G 28 -8.45 -33.15 -1.49
CA ALA G 28 -8.69 -32.44 -2.77
C ALA G 28 -7.75 -31.25 -2.88
N PHE G 29 -7.40 -30.85 -4.10
CA PHE G 29 -6.54 -29.69 -4.30
C PHE G 29 -7.36 -28.44 -4.00
N VAL G 30 -6.69 -27.30 -3.74
CA VAL G 30 -7.42 -26.03 -3.62
C VAL G 30 -7.75 -25.54 -5.07
N ARG G 31 -8.67 -24.58 -5.22
CA ARG G 31 -8.97 -24.03 -6.53
C ARG G 31 -8.77 -22.54 -6.47
N TRP G 32 -7.86 -22.00 -7.30
CA TRP G 32 -7.66 -20.55 -7.32
C TRP G 32 -8.79 -19.79 -8.05
N LEU G 33 -9.47 -20.46 -9.03
CA LEU G 33 -10.64 -19.95 -9.75
C LEU G 33 -11.69 -21.06 -9.77
N PRO G 34 -13.01 -20.76 -9.79
CA PRO G 34 -14.00 -21.86 -9.87
C PRO G 34 -13.81 -22.66 -11.14
N ALA G 35 -13.95 -23.97 -11.04
CA ALA G 35 -13.85 -24.89 -12.16
C ALA G 35 -14.82 -24.49 -13.32
N GLU G 36 -14.61 -25.09 -14.50
CA GLU G 36 -15.35 -24.82 -15.73
C GLU G 36 -15.50 -26.14 -16.49
N TYR G 37 -16.73 -26.62 -16.53
CA TYR G 37 -17.14 -27.86 -17.15
C TYR G 37 -18.37 -27.58 -18.03
N GLU G 38 -18.63 -28.48 -18.96
CA GLU G 38 -19.77 -28.40 -19.89
C GLU G 38 -21.10 -28.20 -19.15
N ASP G 39 -21.35 -29.03 -18.10
CA ASP G 39 -22.55 -29.00 -17.26
C ASP G 39 -22.43 -28.12 -16.00
N GLY G 40 -21.26 -27.51 -15.80
CA GLY G 40 -20.93 -26.66 -14.67
C GLY G 40 -20.51 -27.39 -13.41
N PHE G 41 -20.37 -28.73 -13.46
CA PHE G 41 -20.03 -29.52 -12.26
C PHE G 41 -19.20 -30.80 -12.47
N SER G 42 -19.19 -31.40 -13.68
CA SER G 42 -18.47 -32.66 -13.86
C SER G 42 -17.96 -32.96 -15.25
N LEU G 43 -18.76 -32.66 -16.28
CA LEU G 43 -18.40 -33.01 -17.66
C LEU G 43 -17.31 -32.14 -18.24
N PRO G 44 -16.26 -32.71 -18.88
CA PRO G 44 -15.18 -31.85 -19.41
C PRO G 44 -15.49 -31.32 -20.81
N TYR G 45 -14.89 -30.18 -21.19
CA TYR G 45 -15.08 -29.66 -22.53
C TYR G 45 -14.43 -30.59 -23.54
N GLY G 46 -15.25 -31.10 -24.44
CA GLY G 46 -14.85 -32.08 -25.45
C GLY G 46 -15.59 -33.40 -25.31
N TRP G 47 -16.38 -33.54 -24.22
CA TRP G 47 -17.14 -34.75 -23.90
C TRP G 47 -18.31 -34.88 -24.86
N THR G 48 -19.24 -33.92 -24.80
CA THR G 48 -20.45 -33.89 -25.61
C THR G 48 -20.10 -33.25 -26.96
N PRO G 49 -20.27 -34.02 -28.07
CA PRO G 49 -19.97 -33.48 -29.40
C PRO G 49 -21.00 -32.43 -29.79
N GLY G 50 -20.52 -31.34 -30.36
CA GLY G 50 -21.36 -30.24 -30.78
C GLY G 50 -21.60 -29.24 -29.68
N VAL G 51 -20.79 -29.31 -28.62
CA VAL G 51 -20.90 -28.38 -27.49
C VAL G 51 -19.70 -27.44 -27.42
N LYS G 52 -19.94 -26.19 -27.84
CA LYS G 52 -18.99 -25.09 -27.81
C LYS G 52 -18.61 -24.75 -26.36
N ARG G 53 -17.60 -23.89 -26.19
CA ARG G 53 -17.08 -23.37 -24.94
C ARG G 53 -16.88 -21.90 -25.25
N ASN G 54 -17.64 -21.02 -24.62
CA ASN G 54 -17.54 -19.59 -24.90
C ASN G 54 -17.86 -19.27 -26.36
N GLY G 55 -18.83 -19.98 -26.90
CA GLY G 55 -19.27 -19.83 -28.29
C GLY G 55 -18.32 -20.29 -29.38
N PHE G 56 -17.34 -21.14 -29.04
CA PHE G 56 -16.39 -21.71 -29.98
C PHE G 56 -16.24 -23.21 -29.74
N PRO G 57 -16.17 -24.02 -30.83
CA PRO G 57 -16.03 -25.48 -30.65
C PRO G 57 -14.71 -25.89 -29.98
N VAL G 58 -14.74 -27.03 -29.28
CA VAL G 58 -13.59 -27.52 -28.55
C VAL G 58 -12.63 -28.27 -29.51
N ALA G 59 -11.37 -27.75 -29.62
CA ALA G 59 -10.30 -28.32 -30.44
C ALA G 59 -9.85 -29.67 -29.86
N LEU G 60 -9.61 -30.71 -30.70
CA LEU G 60 -9.16 -31.99 -30.14
C LEU G 60 -7.74 -31.83 -29.67
N ALA G 61 -7.42 -32.20 -28.40
CA ALA G 61 -6.07 -32.04 -27.82
C ALA G 61 -4.93 -32.49 -28.75
N ARG G 62 -5.17 -33.58 -29.48
CA ARG G 62 -4.21 -34.11 -30.45
C ARG G 62 -3.99 -33.10 -31.59
N ALA G 63 -5.09 -32.47 -32.09
CA ALA G 63 -5.05 -31.52 -33.20
C ALA G 63 -4.18 -30.30 -32.87
N VAL G 64 -4.35 -29.76 -31.66
CA VAL G 64 -3.59 -28.63 -31.13
C VAL G 64 -2.15 -29.07 -31.07
N SER G 65 -1.89 -30.25 -30.51
CA SER G 65 -0.53 -30.83 -30.44
C SER G 65 0.15 -30.88 -31.85
N ASN G 66 -0.57 -31.41 -32.87
CA ASN G 66 -0.15 -31.57 -34.26
C ASN G 66 0.16 -30.28 -35.00
N GLU G 67 -0.62 -29.22 -34.73
CA GLU G 67 -0.47 -27.94 -35.42
C GLU G 67 0.45 -26.92 -34.72
N ILE G 68 0.42 -26.91 -33.37
CA ILE G 68 1.12 -25.93 -32.54
C ILE G 68 2.44 -26.39 -31.95
N VAL G 69 2.45 -27.62 -31.44
CA VAL G 69 3.57 -28.25 -30.73
C VAL G 69 4.50 -29.01 -31.69
N ARG G 70 3.97 -29.92 -32.52
CA ARG G 70 4.73 -30.70 -33.51
C ARG G 70 5.77 -29.81 -34.22
N PHE G 71 7.04 -30.28 -34.21
CA PHE G 71 8.20 -29.59 -34.77
C PHE G 71 9.32 -30.60 -35.15
N PRO G 72 10.19 -30.32 -36.18
CA PRO G 72 11.26 -31.28 -36.53
C PRO G 72 12.32 -31.42 -35.45
N THR G 73 12.68 -32.66 -35.12
CA THR G 73 13.69 -32.94 -34.09
C THR G 73 15.07 -32.37 -34.42
N ASP G 74 15.38 -32.25 -35.75
CA ASP G 74 16.63 -31.68 -36.25
C ASP G 74 16.80 -30.23 -35.77
N GLN G 75 15.74 -29.42 -35.93
CA GLN G 75 15.67 -27.99 -35.60
C GLN G 75 16.05 -27.59 -34.17
N LEU G 76 15.81 -28.48 -33.17
CA LEU G 76 16.04 -28.28 -31.71
C LEU G 76 17.17 -27.29 -31.34
N THR G 77 16.85 -26.29 -30.49
CA THR G 77 17.83 -25.31 -30.01
C THR G 77 18.27 -25.67 -28.59
N PRO G 78 19.48 -26.22 -28.36
CA PRO G 78 19.91 -26.49 -26.98
C PRO G 78 20.11 -25.22 -26.17
N ASP G 79 19.81 -25.31 -24.88
CA ASP G 79 19.94 -24.15 -24.00
C ASP G 79 21.40 -23.85 -23.72
N GLN G 80 21.80 -22.62 -24.06
CA GLN G 80 23.15 -22.11 -23.80
C GLN G 80 23.38 -21.95 -22.29
N GLU G 81 22.31 -21.57 -21.54
CA GLU G 81 22.36 -21.33 -20.11
C GLU G 81 21.75 -22.42 -19.21
N ARG G 82 21.36 -23.60 -19.74
CA ARG G 82 20.75 -24.62 -18.87
C ARG G 82 21.24 -26.06 -19.07
N SER G 83 21.46 -26.79 -17.95
CA SER G 83 21.83 -28.21 -17.91
C SER G 83 20.54 -29.05 -17.84
N LEU G 84 20.58 -30.35 -18.25
CA LEU G 84 19.39 -31.22 -18.18
C LEU G 84 18.98 -31.50 -16.72
N MET G 85 19.90 -31.26 -15.78
CA MET G 85 19.68 -31.40 -14.35
C MET G 85 18.51 -30.47 -13.94
N PHE G 86 18.35 -29.33 -14.64
CA PHE G 86 17.30 -28.35 -14.45
C PHE G 86 15.94 -28.99 -14.72
N MET G 87 15.78 -29.61 -15.92
CA MET G 87 14.64 -30.39 -16.38
C MET G 87 14.35 -31.55 -15.39
N GLN G 88 15.36 -32.35 -15.05
CA GLN G 88 15.19 -33.51 -14.17
C GLN G 88 14.87 -33.15 -12.70
N TRP G 89 15.38 -32.00 -12.20
CA TRP G 89 15.09 -31.55 -10.84
C TRP G 89 13.63 -31.08 -10.78
N GLY G 90 13.16 -30.50 -11.88
CA GLY G 90 11.77 -30.07 -12.02
C GLY G 90 10.81 -31.23 -11.87
N GLN G 91 11.01 -32.30 -12.67
CA GLN G 91 10.21 -33.53 -12.61
C GLN G 91 10.25 -34.15 -11.21
N LEU G 92 11.45 -34.23 -10.62
CA LEU G 92 11.67 -34.75 -9.28
C LEU G 92 10.92 -33.92 -8.24
N LEU G 93 11.08 -32.59 -8.25
CA LEU G 93 10.44 -31.65 -7.33
C LEU G 93 8.91 -31.78 -7.42
N ASP G 94 8.40 -31.90 -8.64
CA ASP G 94 6.99 -32.09 -8.96
C ASP G 94 6.46 -33.36 -8.26
N HIS G 95 7.36 -34.34 -8.01
CA HIS G 95 7.05 -35.62 -7.37
C HIS G 95 7.12 -35.56 -5.85
N ASP G 96 7.61 -34.44 -5.32
CA ASP G 96 7.57 -34.13 -3.90
C ASP G 96 6.28 -33.28 -3.69
N LEU G 97 5.67 -32.73 -4.78
CA LEU G 97 4.52 -31.87 -4.61
C LEU G 97 3.18 -32.47 -4.99
N ASP G 98 3.05 -33.02 -6.23
CA ASP G 98 1.76 -33.52 -6.68
C ASP G 98 1.70 -34.79 -7.49
N PHE G 99 0.74 -35.67 -7.13
CA PHE G 99 0.32 -36.88 -7.86
C PHE G 99 -1.20 -36.93 -7.88
N THR G 100 -1.79 -36.94 -9.08
CA THR G 100 -3.23 -36.96 -9.22
C THR G 100 -3.59 -38.38 -9.59
N PRO G 101 -4.25 -39.13 -8.68
CA PRO G 101 -4.59 -40.52 -8.99
C PRO G 101 -5.65 -40.72 -10.07
N GLU G 102 -5.49 -41.84 -10.80
CA GLU G 102 -6.39 -42.38 -11.82
C GLU G 102 -7.03 -43.64 -11.20
N PRO G 103 -8.23 -44.08 -11.65
CA PRO G 103 -8.83 -45.31 -11.08
C PRO G 103 -8.03 -46.61 -11.33
N VAL H 2 -15.53 -50.34 -17.51
CA VAL H 2 -14.87 -50.05 -18.78
C VAL H 2 -13.33 -49.95 -18.71
N ASN H 3 -12.68 -50.27 -19.84
CA ASN H 3 -11.24 -50.35 -20.02
C ASN H 3 -10.70 -49.22 -20.90
N CYS H 4 -10.26 -48.13 -20.26
CA CYS H 4 -9.73 -46.91 -20.89
C CYS H 4 -8.55 -47.21 -21.79
N GLU H 5 -7.62 -48.04 -21.28
CA GLU H 5 -6.39 -48.48 -21.93
C GLU H 5 -6.60 -49.22 -23.26
N THR H 6 -7.74 -49.94 -23.42
CA THR H 6 -8.02 -50.74 -24.62
C THR H 6 -9.28 -50.33 -25.40
N SER H 7 -10.07 -49.39 -24.90
CA SER H 7 -11.31 -49.01 -25.59
C SER H 7 -11.46 -47.51 -25.89
N CYS H 8 -12.01 -47.18 -27.04
CA CYS H 8 -12.24 -45.80 -27.43
C CYS H 8 -13.66 -45.36 -27.12
N VAL H 9 -14.34 -46.15 -26.31
CA VAL H 9 -15.65 -45.79 -25.79
C VAL H 9 -15.50 -44.73 -24.71
N GLN H 10 -16.40 -43.74 -24.75
CA GLN H 10 -16.41 -42.64 -23.81
C GLN H 10 -17.46 -42.87 -22.74
N GLN H 11 -17.19 -43.83 -21.86
CA GLN H 11 -18.00 -44.20 -20.71
C GLN H 11 -17.11 -43.88 -19.51
N PRO H 12 -17.60 -43.21 -18.45
CA PRO H 12 -16.70 -42.88 -17.31
C PRO H 12 -15.90 -44.08 -16.78
N PRO H 13 -14.62 -43.97 -16.35
CA PRO H 13 -13.77 -42.78 -16.24
C PRO H 13 -12.97 -42.50 -17.49
N CYS H 14 -13.35 -43.10 -18.65
CA CYS H 14 -12.66 -42.92 -19.94
C CYS H 14 -12.96 -41.60 -20.58
N PHE H 15 -11.94 -40.77 -20.76
CA PHE H 15 -12.11 -39.54 -21.53
C PHE H 15 -11.09 -39.65 -22.67
N PRO H 16 -11.28 -40.57 -23.66
CA PRO H 16 -10.24 -40.74 -24.68
C PRO H 16 -10.08 -39.52 -25.56
N LEU H 17 -8.90 -39.43 -26.15
CA LEU H 17 -8.57 -38.35 -27.06
C LEU H 17 -8.82 -38.88 -28.46
N LYS H 18 -9.82 -38.32 -29.17
CA LYS H 18 -10.12 -38.75 -30.55
C LYS H 18 -8.95 -38.38 -31.48
N ILE H 19 -8.95 -38.94 -32.71
CA ILE H 19 -7.86 -38.71 -33.68
C ILE H 19 -8.31 -37.84 -34.86
N PRO H 20 -7.73 -36.62 -35.02
CA PRO H 20 -8.13 -35.74 -36.13
C PRO H 20 -7.76 -36.29 -37.50
N PRO H 21 -8.41 -35.83 -38.59
CA PRO H 21 -8.02 -36.33 -39.92
C PRO H 21 -6.67 -35.74 -40.32
N ASN H 22 -5.93 -36.45 -41.22
CA ASN H 22 -4.58 -36.06 -41.70
C ASN H 22 -3.51 -36.18 -40.58
N ASP H 23 -3.71 -37.09 -39.63
CA ASP H 23 -2.78 -37.33 -38.52
C ASP H 23 -1.43 -37.90 -38.99
N PRO H 24 -0.28 -37.40 -38.42
CA PRO H 24 1.04 -37.86 -38.88
C PRO H 24 1.45 -39.27 -38.48
N ARG H 25 0.76 -39.84 -37.47
CA ARG H 25 1.06 -41.18 -36.96
C ARG H 25 -0.18 -42.09 -36.91
N ILE H 26 -1.29 -41.63 -36.29
CA ILE H 26 -2.52 -42.44 -36.15
C ILE H 26 -3.40 -42.51 -37.39
N LYS H 27 -3.22 -43.58 -38.16
CA LYS H 27 -3.92 -43.88 -39.41
C LYS H 27 -5.39 -44.25 -39.13
N ASN H 28 -5.61 -45.14 -38.15
CA ASN H 28 -6.96 -45.58 -37.85
C ASN H 28 -7.73 -44.49 -37.12
N GLN H 29 -8.67 -43.83 -37.82
CA GLN H 29 -9.48 -42.76 -37.22
C GLN H 29 -10.51 -43.27 -36.20
N ALA H 30 -10.79 -44.59 -36.23
CA ALA H 30 -11.66 -45.30 -35.28
C ALA H 30 -10.93 -45.40 -33.93
N ASP H 31 -9.59 -45.49 -33.98
CA ASP H 31 -8.67 -45.57 -32.83
C ASP H 31 -8.61 -44.22 -32.06
N CYS H 32 -7.95 -44.23 -30.89
CA CYS H 32 -7.82 -43.08 -30.02
C CYS H 32 -6.53 -43.16 -29.19
N ILE H 33 -6.28 -42.13 -28.37
CA ILE H 33 -5.20 -42.07 -27.40
C ILE H 33 -5.90 -42.26 -26.03
N PRO H 34 -5.56 -43.37 -25.30
CA PRO H 34 -6.25 -43.66 -24.02
C PRO H 34 -6.12 -42.62 -22.93
N PHE H 35 -7.21 -42.44 -22.14
CA PHE H 35 -7.27 -41.46 -21.04
C PHE H 35 -8.33 -41.83 -19.98
N PHE H 36 -7.87 -41.92 -18.72
CA PHE H 36 -8.67 -42.17 -17.52
C PHE H 36 -8.76 -40.80 -16.78
N ARG H 37 -10.00 -40.30 -16.58
CA ARG H 37 -10.28 -39.06 -15.82
C ARG H 37 -9.78 -39.26 -14.41
N SER H 38 -9.11 -38.26 -13.87
CA SER H 38 -8.54 -38.29 -12.54
C SER H 38 -9.63 -38.57 -11.51
N CYS H 39 -9.25 -39.32 -10.45
CA CYS H 39 -10.15 -39.72 -9.39
C CYS H 39 -10.83 -38.52 -8.68
N PRO H 40 -12.18 -38.43 -8.69
CA PRO H 40 -12.83 -37.30 -8.00
C PRO H 40 -12.74 -37.37 -6.48
N ALA H 41 -12.74 -36.19 -5.84
CA ALA H 41 -12.70 -36.01 -4.40
C ALA H 41 -14.07 -36.40 -3.82
N CYS H 42 -15.16 -36.07 -4.57
CA CYS H 42 -16.55 -36.39 -4.24
C CYS H 42 -17.11 -37.35 -5.29
N PRO H 43 -16.83 -38.68 -5.21
CA PRO H 43 -17.32 -39.60 -6.25
C PRO H 43 -18.83 -39.64 -6.34
N GLY H 44 -19.33 -39.48 -7.57
CA GLY H 44 -20.75 -39.48 -7.89
C GLY H 44 -21.53 -38.43 -7.14
N SER H 45 -21.61 -37.21 -7.71
CA SER H 45 -22.30 -36.11 -7.06
C SER H 45 -22.84 -35.10 -8.02
N ASN H 46 -24.14 -34.84 -7.90
CA ASN H 46 -24.80 -33.81 -8.66
C ASN H 46 -24.99 -32.61 -7.71
N ILE H 47 -23.98 -32.35 -6.80
CA ILE H 47 -23.96 -31.25 -5.81
C ILE H 47 -22.67 -30.43 -5.84
N THR H 48 -21.53 -31.08 -5.59
CA THR H 48 -20.24 -30.42 -5.55
C THR H 48 -19.67 -30.20 -6.92
N ILE H 49 -18.90 -29.10 -7.10
CA ILE H 49 -18.23 -28.90 -8.37
C ILE H 49 -16.96 -29.79 -8.39
N ARG H 50 -16.94 -30.80 -9.31
CA ARG H 50 -15.86 -31.77 -9.44
C ARG H 50 -14.50 -31.20 -9.23
N ASN H 51 -13.78 -31.84 -8.34
CA ASN H 51 -12.40 -31.54 -8.05
C ASN H 51 -11.64 -32.87 -8.03
N GLN H 52 -10.31 -32.81 -8.07
CA GLN H 52 -9.42 -33.98 -8.15
C GLN H 52 -8.61 -34.12 -6.88
N ILE H 53 -7.79 -35.17 -6.77
CA ILE H 53 -7.05 -35.47 -5.55
C ILE H 53 -5.54 -35.35 -5.70
N ASN H 54 -4.87 -34.98 -4.61
CA ASN H 54 -3.42 -35.00 -4.49
C ASN H 54 -3.07 -36.10 -3.46
N ALA H 55 -2.43 -37.17 -3.94
CA ALA H 55 -2.04 -38.32 -3.14
C ALA H 55 -0.71 -38.09 -2.39
N LEU H 56 -0.11 -36.89 -2.56
CA LEU H 56 1.17 -36.50 -1.94
C LEU H 56 1.05 -35.31 -1.04
N THR H 57 2.08 -35.08 -0.22
CA THR H 57 2.14 -33.93 0.66
C THR H 57 2.52 -32.76 -0.23
N SER H 58 1.86 -31.61 -0.05
CA SER H 58 2.19 -30.46 -0.88
C SER H 58 3.58 -29.91 -0.55
N PHE H 59 3.98 -29.93 0.72
CA PHE H 59 5.25 -29.40 1.23
C PHE H 59 6.49 -29.93 0.53
N VAL H 60 7.58 -29.14 0.58
CA VAL H 60 8.85 -29.59 0.04
C VAL H 60 9.44 -30.31 1.24
N ASP H 61 9.08 -31.60 1.36
CA ASP H 61 9.47 -32.43 2.50
C ASP H 61 10.12 -33.75 2.13
N ALA H 62 10.51 -33.89 0.84
CA ALA H 62 11.14 -35.08 0.25
C ALA H 62 10.21 -36.32 0.27
N SER H 63 8.90 -36.10 0.04
CA SER H 63 7.92 -37.18 0.04
C SER H 63 8.11 -38.20 -1.10
N MET H 64 8.85 -37.84 -2.14
CA MET H 64 9.18 -38.78 -3.20
C MET H 64 10.12 -39.88 -2.71
N VAL H 65 10.86 -39.55 -1.65
CA VAL H 65 11.85 -40.42 -1.03
C VAL H 65 11.17 -41.20 0.12
N TYR H 66 10.63 -40.48 1.12
CA TYR H 66 10.04 -41.05 2.32
C TYR H 66 8.64 -41.65 2.20
N GLY H 67 7.77 -40.99 1.44
CA GLY H 67 6.38 -41.38 1.27
C GLY H 67 5.44 -40.38 1.90
N SER H 68 4.17 -40.43 1.49
CA SER H 68 3.12 -39.52 1.96
C SER H 68 2.04 -40.27 2.72
N GLU H 69 2.27 -41.59 2.93
CA GLU H 69 1.40 -42.49 3.66
C GLU H 69 2.26 -43.25 4.65
N GLU H 70 1.84 -43.29 5.95
CA GLU H 70 2.55 -43.96 7.04
C GLU H 70 2.97 -45.42 6.75
N PRO H 71 2.10 -46.32 6.18
CA PRO H 71 2.57 -47.69 5.88
C PRO H 71 3.79 -47.72 4.96
N LEU H 72 3.69 -47.07 3.78
CA LEU H 72 4.78 -46.99 2.79
C LEU H 72 6.11 -46.60 3.44
N ALA H 73 6.09 -45.56 4.32
CA ALA H 73 7.27 -45.05 5.03
C ALA H 73 8.01 -46.14 5.77
N ARG H 74 7.28 -46.99 6.53
CA ARG H 74 7.81 -48.14 7.27
C ARG H 74 8.32 -49.19 6.27
N ASN H 75 7.45 -49.59 5.29
CA ASN H 75 7.79 -50.54 4.23
C ASN H 75 8.93 -50.09 3.28
N LEU H 76 9.43 -48.84 3.45
CA LEU H 76 10.56 -48.28 2.72
C LEU H 76 11.76 -48.19 3.65
N ARG H 77 11.51 -48.17 4.98
CA ARG H 77 12.54 -48.09 6.02
C ARG H 77 13.28 -49.43 6.21
N ASN H 78 14.48 -49.37 6.81
CA ASN H 78 15.28 -50.56 7.10
C ASN H 78 14.87 -51.05 8.49
N MET H 79 13.82 -51.88 8.51
CA MET H 79 13.21 -52.43 9.72
C MET H 79 13.90 -53.71 10.25
N SER H 80 15.23 -53.62 10.42
CA SER H 80 16.10 -54.68 10.94
C SER H 80 17.01 -54.15 12.07
N ASN H 81 17.64 -52.97 11.87
CA ASN H 81 18.56 -52.37 12.83
C ASN H 81 18.19 -50.96 13.33
N GLN H 82 18.91 -50.47 14.36
CA GLN H 82 18.71 -49.14 14.95
C GLN H 82 19.71 -48.07 14.45
N LEU H 83 20.20 -48.23 13.19
CA LEU H 83 21.07 -47.24 12.52
C LEU H 83 20.22 -46.15 11.85
N GLY H 84 18.90 -46.41 11.77
CA GLY H 84 17.86 -45.53 11.26
C GLY H 84 18.03 -45.11 9.82
N LEU H 85 17.97 -46.07 8.90
CA LEU H 85 18.03 -45.77 7.48
C LEU H 85 16.94 -46.48 6.69
N LEU H 86 16.98 -46.34 5.37
CA LEU H 86 15.93 -46.85 4.50
C LEU H 86 16.40 -48.12 3.78
N ALA H 87 15.48 -49.08 3.62
CA ALA H 87 15.70 -50.38 2.97
C ALA H 87 16.21 -50.22 1.54
N VAL H 88 17.28 -50.97 1.20
CA VAL H 88 17.91 -50.96 -0.12
C VAL H 88 17.58 -52.23 -0.95
N ASN H 89 18.05 -52.26 -2.21
CA ASN H 89 17.85 -53.39 -3.12
C ASN H 89 18.71 -54.55 -2.65
N GLN H 90 18.07 -55.67 -2.29
CA GLN H 90 18.75 -56.87 -1.77
C GLN H 90 19.56 -57.67 -2.81
N ARG H 91 19.22 -57.54 -4.10
CA ARG H 91 19.90 -58.21 -5.21
C ARG H 91 21.11 -57.41 -5.72
N PHE H 92 20.91 -56.15 -6.15
CA PHE H 92 21.96 -55.33 -6.79
C PHE H 92 22.61 -54.22 -5.98
N GLN H 93 23.71 -53.66 -6.55
CA GLN H 93 24.54 -52.57 -6.02
C GLN H 93 25.42 -51.94 -7.14
N ASP H 94 25.14 -50.65 -7.49
CA ASP H 94 25.84 -49.88 -8.52
C ASP H 94 27.28 -49.59 -8.08
N ASN H 95 28.19 -50.55 -8.41
CA ASN H 95 29.60 -50.54 -8.04
C ASN H 95 29.78 -50.53 -6.52
N GLY H 96 29.00 -51.36 -5.83
CA GLY H 96 29.02 -51.50 -4.38
C GLY H 96 28.55 -50.27 -3.61
N ARG H 97 27.42 -49.69 -4.08
CA ARG H 97 26.75 -48.50 -3.53
C ARG H 97 25.24 -48.83 -3.49
N ALA H 98 24.49 -48.18 -2.57
CA ALA H 98 23.05 -48.38 -2.36
C ALA H 98 22.14 -48.20 -3.59
N LEU H 99 21.15 -49.09 -3.76
CA LEU H 99 20.17 -49.03 -4.84
C LEU H 99 18.74 -49.04 -4.31
N LEU H 100 17.75 -48.81 -5.19
CA LEU H 100 16.33 -48.77 -4.84
C LEU H 100 15.70 -50.17 -4.84
N PRO H 101 15.10 -50.61 -3.71
CA PRO H 101 14.46 -51.92 -3.70
C PRO H 101 13.34 -52.00 -4.73
N PHE H 102 13.20 -53.18 -5.35
CA PHE H 102 12.17 -53.39 -6.36
C PHE H 102 10.75 -53.36 -5.77
N ASP H 103 9.78 -53.11 -6.64
CA ASP H 103 8.38 -53.02 -6.30
C ASP H 103 7.68 -54.34 -6.60
N ASN H 104 6.64 -54.67 -5.81
CA ASN H 104 5.84 -55.85 -6.08
C ASN H 104 4.55 -55.43 -6.76
N LEU H 105 4.58 -55.34 -8.09
CA LEU H 105 3.42 -54.93 -8.85
C LEU H 105 2.69 -56.12 -9.45
N HIS H 106 1.38 -55.95 -9.62
CA HIS H 106 0.52 -56.96 -10.21
C HIS H 106 0.69 -56.87 -11.72
N ASP H 107 0.95 -55.64 -12.23
CA ASP H 107 1.21 -55.30 -13.62
C ASP H 107 2.36 -54.28 -13.61
N ASP H 108 3.59 -54.78 -13.84
CA ASP H 108 4.81 -53.98 -13.84
C ASP H 108 5.19 -53.59 -15.28
N PRO H 109 5.26 -52.27 -15.63
CA PRO H 109 5.62 -51.90 -17.00
C PRO H 109 7.12 -51.95 -17.33
N CYS H 110 8.01 -51.90 -16.30
CA CYS H 110 9.48 -52.00 -16.45
C CYS H 110 9.94 -53.35 -17.00
N LEU H 111 9.08 -54.38 -16.92
CA LEU H 111 9.34 -55.74 -17.43
C LEU H 111 9.03 -55.83 -18.92
N LEU H 112 8.15 -54.92 -19.41
CA LEU H 112 7.79 -54.84 -20.82
C LEU H 112 8.89 -54.11 -21.61
N THR H 113 9.74 -53.33 -20.89
CA THR H 113 10.84 -52.57 -21.49
C THR H 113 11.86 -53.53 -22.12
N ASN H 114 12.32 -54.52 -21.34
CA ASN H 114 13.19 -55.59 -21.81
C ASN H 114 12.74 -56.90 -21.20
N ARG H 115 12.27 -57.82 -22.07
CA ARG H 115 11.80 -59.16 -21.70
C ARG H 115 12.89 -59.97 -20.97
N SER H 116 14.05 -60.18 -21.64
CA SER H 116 15.19 -60.97 -21.15
C SER H 116 15.70 -60.55 -19.77
N ALA H 117 15.99 -59.24 -19.60
CA ALA H 117 16.51 -58.61 -18.38
C ALA H 117 15.75 -58.95 -17.10
N ARG H 118 14.39 -59.05 -17.20
CA ARG H 118 13.47 -59.31 -16.08
C ARG H 118 13.62 -58.31 -14.92
N ILE H 119 14.14 -57.07 -15.20
CA ILE H 119 14.35 -56.01 -14.20
C ILE H 119 13.04 -55.24 -13.96
N PRO H 120 12.47 -55.32 -12.73
CA PRO H 120 11.20 -54.61 -12.45
C PRO H 120 11.35 -53.16 -11.97
N CYS H 121 10.20 -52.51 -11.69
CA CYS H 121 10.10 -51.14 -11.20
C CYS H 121 10.66 -51.06 -9.82
N PHE H 122 11.22 -49.90 -9.48
CA PHE H 122 11.77 -49.60 -8.17
C PHE H 122 10.64 -49.07 -7.30
N LEU H 123 10.76 -49.26 -5.98
CA LEU H 123 9.79 -48.78 -5.00
C LEU H 123 10.43 -47.65 -4.21
N ALA H 124 9.91 -46.42 -4.39
CA ALA H 124 10.35 -45.20 -3.69
C ALA H 124 9.12 -44.49 -3.09
N GLY H 125 9.36 -43.43 -2.31
CA GLY H 125 8.31 -42.62 -1.69
C GLY H 125 7.17 -42.17 -2.60
N ASP H 126 7.39 -42.28 -3.93
CA ASP H 126 6.41 -41.96 -4.97
C ASP H 126 6.55 -42.95 -6.12
N THR H 127 5.41 -43.35 -6.70
CA THR H 127 5.28 -44.31 -7.80
C THR H 127 6.03 -43.97 -9.11
N ARG H 128 6.40 -42.70 -9.35
CA ARG H 128 7.05 -42.32 -10.61
C ARG H 128 8.56 -42.49 -10.68
N SER H 129 9.17 -43.16 -9.70
CA SER H 129 10.62 -43.37 -9.67
C SER H 129 11.18 -44.07 -10.92
N SER H 130 10.54 -45.17 -11.34
CA SER H 130 10.98 -45.98 -12.49
C SER H 130 10.50 -45.47 -13.87
N GLU H 131 9.85 -44.28 -13.92
CA GLU H 131 9.29 -43.63 -15.11
C GLU H 131 10.37 -43.38 -16.17
N MET H 132 11.41 -42.64 -15.83
CA MET H 132 12.54 -42.43 -16.74
C MET H 132 13.84 -42.66 -15.93
N PRO H 133 14.89 -43.30 -16.51
CA PRO H 133 16.10 -43.62 -15.73
C PRO H 133 16.82 -42.46 -15.05
N GLU H 134 16.69 -41.22 -15.63
CA GLU H 134 17.29 -39.99 -15.07
C GLU H 134 16.63 -39.64 -13.74
N LEU H 135 15.34 -39.99 -13.59
CA LEU H 135 14.57 -39.76 -12.38
C LEU H 135 14.91 -40.83 -11.33
N THR H 136 15.05 -42.11 -11.76
CA THR H 136 15.45 -43.20 -10.87
C THR H 136 16.76 -42.84 -10.20
N SER H 137 17.74 -42.30 -10.99
CA SER H 137 19.08 -41.87 -10.53
C SER H 137 18.94 -40.86 -9.41
N MET H 138 18.02 -39.87 -9.64
CA MET H 138 17.69 -38.78 -8.72
C MET H 138 17.10 -39.33 -7.44
N HIS H 139 16.20 -40.32 -7.56
CA HIS H 139 15.61 -40.99 -6.42
C HIS H 139 16.71 -41.78 -5.67
N THR H 140 17.58 -42.48 -6.43
CA THR H 140 18.70 -43.27 -5.92
C THR H 140 19.73 -42.41 -5.18
N LEU H 141 20.11 -41.25 -5.77
CA LEU H 141 21.09 -40.34 -5.19
C LEU H 141 20.69 -39.93 -3.74
N LEU H 142 19.41 -39.53 -3.58
CA LEU H 142 18.78 -39.10 -2.33
C LEU H 142 18.60 -40.25 -1.36
N LEU H 143 18.37 -41.49 -1.87
CA LEU H 143 18.21 -42.70 -1.05
C LEU H 143 19.50 -42.98 -0.23
N ARG H 144 20.66 -42.81 -0.89
CA ARG H 144 22.00 -42.99 -0.32
C ARG H 144 22.29 -41.89 0.70
N GLU H 145 21.98 -40.61 0.33
CA GLU H 145 22.20 -39.40 1.14
C GLU H 145 21.56 -39.47 2.52
N HIS H 146 20.40 -40.16 2.62
CA HIS H 146 19.68 -40.38 3.87
C HIS H 146 20.51 -41.34 4.68
N ASN H 147 20.70 -42.57 4.16
CA ASN H 147 21.49 -43.64 4.76
C ASN H 147 22.89 -43.17 5.16
N ARG H 148 23.51 -42.29 4.34
CA ARG H 148 24.83 -41.66 4.56
C ARG H 148 24.79 -40.75 5.79
N LEU H 149 23.75 -39.88 5.87
CA LEU H 149 23.55 -38.95 6.98
C LEU H 149 23.26 -39.71 8.27
N ALA H 150 22.33 -40.69 8.21
CA ALA H 150 21.91 -41.56 9.33
C ALA H 150 23.11 -42.29 9.98
N THR H 151 24.12 -42.64 9.16
CA THR H 151 25.37 -43.26 9.61
C THR H 151 26.28 -42.16 10.19
N GLU H 152 26.54 -41.07 9.42
CA GLU H 152 27.35 -39.92 9.85
C GLU H 152 26.87 -39.30 11.18
N LEU H 153 25.53 -39.36 11.45
CA LEU H 153 24.89 -38.85 12.68
C LEU H 153 25.31 -39.68 13.90
N LYS H 154 25.22 -41.03 13.79
CA LYS H 154 25.58 -42.02 14.81
C LYS H 154 27.00 -41.81 15.36
N SER H 155 27.99 -41.48 14.49
CA SER H 155 29.39 -41.26 14.87
C SER H 155 29.59 -40.07 15.84
N LEU H 156 28.65 -39.11 15.81
CA LEU H 156 28.68 -37.93 16.69
C LEU H 156 27.75 -38.14 17.89
N ASN H 157 26.65 -38.90 17.71
CA ASN H 157 25.68 -39.19 18.75
C ASN H 157 25.20 -40.66 18.69
N PRO H 158 25.93 -41.61 19.33
CA PRO H 158 25.50 -43.03 19.28
C PRO H 158 24.28 -43.35 20.16
N ARG H 159 23.95 -42.44 21.12
CA ARG H 159 22.84 -42.54 22.07
C ARG H 159 21.45 -42.54 21.41
N TRP H 160 21.34 -41.92 20.21
CA TRP H 160 20.11 -41.82 19.41
C TRP H 160 19.72 -43.20 18.85
N ASP H 161 18.40 -43.54 18.88
CA ASP H 161 17.88 -44.80 18.37
C ASP H 161 17.53 -44.71 16.88
N GLY H 162 17.03 -45.80 16.29
CA GLY H 162 16.65 -45.88 14.89
C GLY H 162 15.66 -44.80 14.48
N GLU H 163 14.56 -44.68 15.23
CA GLU H 163 13.49 -43.70 15.04
C GLU H 163 14.01 -42.26 15.09
N ARG H 164 14.86 -41.92 16.08
CA ARG H 164 15.50 -40.61 16.24
C ARG H 164 16.48 -40.32 15.10
N LEU H 165 17.17 -41.38 14.60
CA LEU H 165 18.15 -41.33 13.52
C LEU H 165 17.46 -41.07 12.18
N TYR H 166 16.39 -41.83 11.90
CA TYR H 166 15.57 -41.74 10.68
C TYR H 166 14.92 -40.38 10.58
N GLN H 167 14.40 -39.86 11.70
CA GLN H 167 13.72 -38.57 11.76
C GLN H 167 14.64 -37.38 11.54
N GLU H 168 15.78 -37.33 12.27
CA GLU H 168 16.77 -36.25 12.14
C GLU H 168 17.39 -36.16 10.72
N ALA H 169 17.58 -37.33 10.03
CA ALA H 169 18.16 -37.45 8.69
C ALA H 169 17.17 -37.01 7.59
N ARG H 170 15.87 -37.28 7.80
CA ARG H 170 14.72 -36.90 6.94
C ARG H 170 14.58 -35.38 6.97
N LYS H 171 14.84 -34.77 8.16
CA LYS H 171 14.84 -33.34 8.44
C LYS H 171 15.96 -32.64 7.68
N ILE H 172 17.13 -33.31 7.52
CA ILE H 172 18.28 -32.78 6.77
C ILE H 172 17.97 -32.91 5.29
N VAL H 173 17.52 -34.11 4.87
CA VAL H 173 17.18 -34.42 3.48
C VAL H 173 16.08 -33.48 2.95
N GLY H 174 15.05 -33.25 3.76
CA GLY H 174 13.94 -32.36 3.45
C GLY H 174 14.40 -30.94 3.26
N ALA H 175 15.20 -30.45 4.24
CA ALA H 175 15.79 -29.11 4.25
C ALA H 175 16.72 -28.94 3.05
N MET H 176 17.25 -30.07 2.55
CA MET H 176 18.15 -30.11 1.40
C MET H 176 17.40 -29.92 0.10
N VAL H 177 16.17 -30.47 -0.04
CA VAL H 177 15.37 -30.27 -1.26
C VAL H 177 14.98 -28.79 -1.33
N GLN H 178 14.59 -28.21 -0.18
CA GLN H 178 14.16 -26.82 -0.03
C GLN H 178 15.19 -25.81 -0.46
N ILE H 179 16.46 -25.97 -0.06
CA ILE H 179 17.54 -25.03 -0.41
C ILE H 179 17.90 -25.13 -1.91
N ILE H 180 18.04 -26.34 -2.46
CA ILE H 180 18.35 -26.56 -3.89
C ILE H 180 17.21 -25.99 -4.78
N THR H 181 15.95 -26.07 -4.31
CA THR H 181 14.77 -25.53 -5.00
C THR H 181 14.77 -23.99 -4.97
N TYR H 182 14.69 -23.42 -3.77
CA TYR H 182 14.59 -21.98 -3.55
C TYR H 182 15.84 -21.14 -3.82
N ARG H 183 17.01 -21.65 -3.45
CA ARG H 183 18.28 -20.96 -3.70
C ARG H 183 18.77 -21.17 -5.16
N ASP H 184 18.63 -22.40 -5.71
CA ASP H 184 19.17 -22.70 -7.05
C ASP H 184 18.20 -23.03 -8.18
N TYR H 185 17.02 -23.65 -7.92
CA TYR H 185 16.07 -24.03 -8.98
C TYR H 185 15.08 -22.93 -9.43
N LEU H 186 14.30 -22.40 -8.49
CA LEU H 186 13.28 -21.37 -8.75
C LEU H 186 13.80 -20.04 -9.32
N PRO H 187 14.97 -19.47 -8.87
CA PRO H 187 15.42 -18.19 -9.45
C PRO H 187 15.67 -18.27 -10.95
N LEU H 188 16.06 -19.48 -11.42
CA LEU H 188 16.34 -19.82 -12.82
C LEU H 188 15.09 -20.21 -13.63
N VAL H 189 13.91 -20.25 -13.00
CA VAL H 189 12.67 -20.58 -13.71
C VAL H 189 11.93 -19.29 -13.96
N LEU H 190 11.71 -18.54 -12.89
CA LEU H 190 10.97 -17.27 -12.87
C LEU H 190 11.75 -16.08 -13.43
N GLY H 191 13.06 -16.06 -13.17
CA GLY H 191 13.92 -14.95 -13.53
C GLY H 191 14.13 -14.06 -12.32
N PRO H 192 15.09 -13.11 -12.34
CA PRO H 192 15.34 -12.31 -11.12
C PRO H 192 14.27 -11.32 -10.69
N THR H 193 13.37 -10.84 -11.61
CA THR H 193 12.31 -9.91 -11.20
C THR H 193 11.17 -10.65 -10.55
N ALA H 194 10.63 -11.69 -11.25
CA ALA H 194 9.50 -12.51 -10.79
C ALA H 194 9.85 -13.23 -9.49
N MET H 195 11.14 -13.54 -9.27
CA MET H 195 11.61 -14.18 -8.06
C MET H 195 11.29 -13.25 -6.88
N ARG H 196 11.46 -11.94 -7.08
CA ARG H 196 11.23 -10.89 -6.08
C ARG H 196 9.72 -10.53 -6.02
N LYS H 197 9.00 -10.66 -7.16
CA LYS H 197 7.59 -10.32 -7.23
C LYS H 197 6.77 -11.39 -6.57
N TYR H 198 7.16 -12.66 -6.78
CA TYR H 198 6.41 -13.80 -6.28
C TYR H 198 7.04 -14.48 -5.05
N LEU H 199 8.32 -14.17 -4.73
CA LEU H 199 9.07 -14.75 -3.59
C LEU H 199 9.98 -13.72 -2.85
N PRO H 200 9.40 -12.80 -2.05
CA PRO H 200 10.25 -11.84 -1.33
C PRO H 200 10.98 -12.52 -0.17
N THR H 201 12.06 -11.90 0.36
CA THR H 201 12.87 -12.47 1.46
C THR H 201 11.96 -13.01 2.56
N TYR H 202 12.20 -14.29 2.95
CA TYR H 202 11.44 -15.00 3.98
C TYR H 202 11.51 -14.32 5.34
N ARG H 203 10.33 -14.11 5.98
CA ARG H 203 10.21 -13.54 7.32
C ARG H 203 10.06 -14.67 8.35
N SER H 204 8.89 -15.33 8.40
CA SER H 204 8.63 -16.47 9.30
C SER H 204 7.37 -17.22 8.90
N TYR H 205 7.12 -18.37 9.56
CA TYR H 205 5.92 -19.17 9.33
C TYR H 205 4.64 -18.32 9.59
N ASN H 206 3.67 -18.50 8.70
CA ASN H 206 2.39 -17.81 8.74
C ASN H 206 1.33 -18.88 8.63
N ASP H 207 0.58 -19.11 9.75
CA ASP H 207 -0.45 -20.14 9.87
C ASP H 207 -1.71 -19.92 9.01
N SER H 208 -1.85 -18.71 8.43
CA SER H 208 -2.95 -18.27 7.57
C SER H 208 -2.64 -18.47 6.06
N VAL H 209 -1.39 -18.87 5.74
CA VAL H 209 -0.94 -19.09 4.38
C VAL H 209 -1.27 -20.54 4.01
N ASP H 210 -2.27 -20.73 3.11
CA ASP H 210 -2.72 -22.05 2.66
C ASP H 210 -1.58 -22.75 1.90
N PRO H 211 -1.08 -23.90 2.41
CA PRO H 211 0.07 -24.55 1.77
C PRO H 211 -0.26 -25.54 0.66
N ARG H 212 -1.55 -25.80 0.40
CA ARG H 212 -2.03 -26.72 -0.63
C ARG H 212 -1.57 -26.41 -2.06
N ILE H 213 -1.45 -27.43 -2.90
CA ILE H 213 -1.11 -27.29 -4.31
C ILE H 213 -2.48 -27.03 -4.93
N ALA H 214 -2.59 -25.98 -5.74
CA ALA H 214 -3.85 -25.69 -6.40
C ALA H 214 -4.01 -26.65 -7.56
N ASN H 215 -5.22 -26.79 -8.10
CA ASN H 215 -5.42 -27.67 -9.25
C ASN H 215 -4.56 -27.21 -10.45
N VAL H 216 -4.62 -25.90 -10.81
CA VAL H 216 -3.88 -25.21 -11.88
C VAL H 216 -2.37 -25.51 -11.95
N PHE H 217 -1.67 -25.48 -10.80
CA PHE H 217 -0.24 -25.81 -10.74
C PHE H 217 0.08 -27.17 -11.38
N THR H 218 -0.78 -28.19 -11.21
CA THR H 218 -0.57 -29.54 -11.73
C THR H 218 -0.44 -29.64 -13.25
N ASN H 219 -0.92 -28.62 -13.98
CA ASN H 219 -0.89 -28.53 -15.45
C ASN H 219 0.06 -27.36 -15.81
N ALA H 220 0.13 -26.32 -14.96
CA ALA H 220 1.02 -25.17 -15.17
C ALA H 220 2.49 -25.57 -15.03
N PHE H 221 2.82 -26.43 -14.03
CA PHE H 221 4.18 -26.89 -13.78
C PHE H 221 4.72 -27.85 -14.81
N ARG H 222 3.84 -28.32 -15.68
CA ARG H 222 4.19 -29.21 -16.77
C ARG H 222 4.88 -28.43 -17.93
N TYR H 223 5.41 -27.22 -17.62
CA TYR H 223 6.19 -26.37 -18.53
C TYR H 223 7.52 -27.11 -18.82
N GLY H 224 7.89 -28.03 -17.91
CA GLY H 224 9.08 -28.85 -17.96
C GLY H 224 9.11 -29.79 -19.16
N HIS H 225 7.94 -30.01 -19.79
CA HIS H 225 7.85 -30.89 -20.94
C HIS H 225 8.51 -30.25 -22.17
N THR H 226 8.68 -28.91 -22.11
CA THR H 226 9.29 -28.12 -23.17
C THR H 226 10.81 -28.23 -23.12
N LEU H 227 11.33 -28.68 -21.97
CA LEU H 227 12.76 -28.86 -21.65
C LEU H 227 13.32 -30.25 -22.01
N ILE H 228 12.45 -31.23 -22.21
CA ILE H 228 12.85 -32.60 -22.49
C ILE H 228 13.72 -32.79 -23.72
N GLN H 229 14.91 -33.36 -23.51
CA GLN H 229 15.82 -33.72 -24.59
C GLN H 229 15.33 -35.06 -25.19
N PRO H 230 15.35 -35.22 -26.54
CA PRO H 230 14.81 -36.46 -27.13
C PRO H 230 15.58 -37.75 -26.90
N PHE H 231 16.72 -37.67 -26.20
CA PHE H 231 17.58 -38.81 -25.87
C PHE H 231 18.04 -38.76 -24.41
N MET H 232 18.46 -39.93 -23.88
CA MET H 232 19.10 -40.03 -22.59
C MET H 232 20.58 -40.09 -22.96
N PHE H 233 21.38 -39.17 -22.39
CA PHE H 233 22.82 -38.98 -22.62
C PHE H 233 23.65 -39.68 -21.52
N ARG H 234 24.57 -40.60 -21.92
CA ARG H 234 25.44 -41.33 -20.98
C ARG H 234 26.89 -40.88 -21.14
N LEU H 235 27.59 -40.62 -20.02
CA LEU H 235 28.98 -40.17 -20.08
C LEU H 235 29.93 -40.94 -19.12
N ASP H 236 31.17 -41.26 -19.60
CA ASP H 236 32.20 -41.99 -18.84
C ASP H 236 32.91 -41.10 -17.78
N ASN H 237 33.87 -41.68 -17.00
CA ASN H 237 34.62 -40.96 -15.95
C ASN H 237 35.35 -39.70 -16.45
N ARG H 238 35.62 -39.65 -17.75
CA ARG H 238 36.27 -38.53 -18.41
C ARG H 238 35.26 -37.55 -18.97
N TYR H 239 33.94 -37.88 -18.90
CA TYR H 239 32.77 -37.15 -19.41
C TYR H 239 32.71 -37.20 -20.93
N GLN H 240 32.85 -38.40 -21.49
CA GLN H 240 32.84 -38.61 -22.93
C GLN H 240 31.75 -39.61 -23.33
N PRO H 241 31.29 -39.65 -24.61
CA PRO H 241 30.21 -40.59 -24.97
C PRO H 241 30.40 -42.03 -24.49
N MET H 242 29.42 -42.58 -23.77
CA MET H 242 29.50 -43.95 -23.26
C MET H 242 28.98 -44.96 -24.28
N GLU H 243 29.93 -45.65 -24.96
CA GLU H 243 29.64 -46.68 -25.96
C GLU H 243 29.46 -48.05 -25.27
N PRO H 244 28.47 -48.89 -25.68
CA PRO H 244 27.49 -48.68 -26.75
C PRO H 244 26.28 -47.82 -26.34
N ASN H 245 25.61 -47.22 -27.36
CA ASN H 245 24.41 -46.37 -27.27
C ASN H 245 24.55 -45.18 -26.30
N PRO H 246 25.32 -44.10 -26.65
CA PRO H 246 25.45 -42.96 -25.74
C PRO H 246 24.20 -42.10 -25.66
N ARG H 247 23.46 -42.00 -26.78
CA ARG H 247 22.23 -41.23 -26.93
C ARG H 247 21.06 -42.17 -27.28
N VAL H 248 20.28 -42.55 -26.26
CA VAL H 248 19.13 -43.47 -26.38
C VAL H 248 17.82 -42.67 -26.52
N PRO H 249 17.05 -42.85 -27.62
CA PRO H 249 15.77 -42.13 -27.75
C PRO H 249 14.93 -42.37 -26.53
N LEU H 250 14.24 -41.32 -26.01
CA LEU H 250 13.43 -41.41 -24.81
C LEU H 250 12.39 -42.52 -24.89
N SER H 251 11.90 -42.83 -26.11
CA SER H 251 10.91 -43.88 -26.38
C SER H 251 11.47 -45.32 -26.19
N ARG H 252 12.67 -45.41 -25.61
CA ARG H 252 13.35 -46.65 -25.27
C ARG H 252 13.75 -46.64 -23.79
N VAL H 253 13.76 -45.45 -23.15
CA VAL H 253 14.08 -45.27 -21.72
C VAL H 253 12.83 -45.21 -20.77
N PHE H 254 11.62 -44.95 -21.34
CA PHE H 254 10.38 -44.89 -20.54
C PHE H 254 10.13 -46.23 -19.86
N PHE H 255 10.32 -46.25 -18.53
CA PHE H 255 10.24 -47.39 -17.62
C PHE H 255 11.46 -48.29 -17.58
N ALA H 256 12.35 -48.18 -18.58
CA ALA H 256 13.58 -48.96 -18.67
C ALA H 256 14.44 -48.86 -17.38
N SER H 257 14.06 -49.65 -16.36
CA SER H 257 14.75 -49.70 -15.07
C SER H 257 16.01 -50.55 -15.23
N TRP H 258 16.04 -51.39 -16.28
CA TRP H 258 17.17 -52.26 -16.61
C TRP H 258 18.39 -51.45 -17.06
N ARG H 259 18.17 -50.30 -17.74
CA ARG H 259 19.23 -49.39 -18.20
C ARG H 259 20.02 -48.77 -17.01
N VAL H 260 19.52 -49.02 -15.77
CA VAL H 260 20.12 -48.56 -14.52
C VAL H 260 20.94 -49.73 -13.93
N VAL H 261 20.28 -50.86 -13.61
CA VAL H 261 20.91 -52.05 -13.01
C VAL H 261 21.98 -52.67 -13.93
N LEU H 262 21.60 -52.97 -15.18
CA LEU H 262 22.48 -53.60 -16.17
C LEU H 262 23.44 -52.67 -16.89
N GLU H 263 22.94 -51.51 -17.38
CA GLU H 263 23.72 -50.57 -18.20
C GLU H 263 24.60 -49.48 -17.54
N GLY H 264 25.27 -49.82 -16.43
CA GLY H 264 26.23 -48.93 -15.79
C GLY H 264 25.84 -48.17 -14.54
N GLY H 265 24.58 -48.26 -14.14
CA GLY H 265 24.10 -47.57 -12.95
C GLY H 265 23.78 -46.10 -13.13
N ILE H 266 23.67 -45.40 -11.99
CA ILE H 266 23.30 -43.99 -11.87
C ILE H 266 24.37 -42.97 -12.30
N ASP H 267 25.67 -43.31 -12.12
CA ASP H 267 26.83 -42.45 -12.43
C ASP H 267 26.88 -41.85 -13.85
N PRO H 268 26.84 -42.63 -14.96
CA PRO H 268 26.85 -42.01 -16.30
C PRO H 268 25.63 -41.12 -16.56
N ILE H 269 24.44 -41.56 -16.09
CA ILE H 269 23.17 -40.82 -16.19
C ILE H 269 23.31 -39.46 -15.52
N LEU H 270 23.79 -39.42 -14.26
CA LEU H 270 24.02 -38.19 -13.48
C LEU H 270 24.95 -37.24 -14.19
N ARG H 271 25.96 -37.77 -14.91
CA ARG H 271 26.93 -36.98 -15.67
C ARG H 271 26.23 -36.43 -16.91
N GLY H 272 25.46 -37.29 -17.56
CA GLY H 272 24.69 -36.97 -18.75
C GLY H 272 23.73 -35.81 -18.57
N LEU H 273 23.15 -35.66 -17.37
CA LEU H 273 22.24 -34.53 -17.06
C LEU H 273 23.07 -33.27 -16.73
N MET H 274 24.20 -33.45 -16.01
CA MET H 274 25.13 -32.41 -15.56
C MET H 274 25.87 -31.71 -16.69
N ALA H 275 26.30 -32.48 -17.72
CA ALA H 275 27.11 -32.01 -18.86
C ALA H 275 26.41 -31.83 -20.23
N THR H 276 25.10 -32.12 -20.32
CA THR H 276 24.34 -31.96 -21.56
C THR H 276 23.43 -30.72 -21.49
N PRO H 277 23.25 -29.95 -22.60
CA PRO H 277 22.34 -28.82 -22.54
C PRO H 277 20.87 -29.27 -22.54
N ALA H 278 20.04 -28.62 -21.73
CA ALA H 278 18.60 -28.90 -21.68
C ALA H 278 17.97 -28.29 -22.95
N LYS H 279 16.81 -28.82 -23.40
CA LYS H 279 16.13 -28.27 -24.56
C LYS H 279 15.61 -26.87 -24.24
N LEU H 280 15.83 -25.90 -25.15
CA LEU H 280 15.32 -24.54 -24.98
C LEU H 280 13.96 -24.48 -25.63
N ASN H 281 12.97 -23.99 -24.86
CA ASN H 281 11.58 -23.80 -25.31
C ASN H 281 11.54 -22.62 -26.31
N ARG H 282 10.91 -22.82 -27.46
CA ARG H 282 10.74 -21.75 -28.47
C ARG H 282 9.33 -21.82 -29.03
N GLN H 283 8.76 -20.66 -29.41
CA GLN H 283 7.37 -20.54 -29.90
C GLN H 283 7.00 -21.38 -31.13
N ASN H 284 7.98 -22.15 -31.65
CA ASN H 284 7.85 -23.03 -32.82
C ASN H 284 8.56 -24.37 -32.56
N GLN H 285 9.16 -24.50 -31.36
CA GLN H 285 9.91 -25.67 -30.86
C GLN H 285 9.43 -26.02 -29.43
N ILE H 286 8.09 -26.17 -29.27
CA ILE H 286 7.44 -26.44 -27.98
C ILE H 286 7.83 -27.82 -27.34
N ALA H 287 7.49 -28.95 -28.01
CA ALA H 287 7.85 -30.29 -27.49
C ALA H 287 8.22 -31.33 -28.55
N VAL H 288 9.33 -32.10 -28.27
CA VAL H 288 9.90 -33.17 -29.13
C VAL H 288 9.00 -34.38 -29.29
N ASP H 289 8.88 -34.90 -30.51
CA ASP H 289 8.04 -36.06 -30.82
C ASP H 289 8.26 -37.35 -29.99
N GLU H 290 9.33 -37.41 -29.20
CA GLU H 290 9.63 -38.56 -28.34
C GLU H 290 8.64 -38.68 -27.20
N ILE H 291 7.94 -37.58 -26.91
CA ILE H 291 6.90 -37.49 -25.90
C ILE H 291 5.58 -37.14 -26.57
N ARG H 292 5.66 -36.44 -27.73
CA ARG H 292 4.54 -35.99 -28.55
C ARG H 292 3.90 -37.09 -29.42
N GLU H 293 4.74 -38.03 -29.89
CA GLU H 293 4.30 -39.12 -30.75
C GLU H 293 4.53 -40.49 -30.12
N ARG H 294 5.63 -40.62 -29.35
CA ARG H 294 6.08 -41.88 -28.79
C ARG H 294 6.19 -41.94 -27.28
N LEU H 295 5.20 -41.41 -26.55
CA LEU H 295 5.28 -41.54 -25.10
C LEU H 295 4.80 -42.93 -24.68
N PHE H 296 5.63 -43.63 -23.89
CA PHE H 296 5.39 -44.96 -23.34
C PHE H 296 5.10 -46.02 -24.44
N GLU H 297 5.87 -45.96 -25.54
CA GLU H 297 5.80 -46.80 -26.74
C GLU H 297 5.93 -48.30 -26.44
N GLN H 298 7.00 -48.66 -25.69
CA GLN H 298 7.40 -50.01 -25.32
C GLN H 298 6.46 -50.75 -24.37
N VAL H 299 5.62 -50.00 -23.62
CA VAL H 299 4.70 -50.55 -22.61
C VAL H 299 3.21 -50.58 -22.99
N MET H 300 2.78 -49.75 -23.95
CA MET H 300 1.38 -49.65 -24.35
C MET H 300 1.05 -50.25 -25.71
N ARG H 301 -0.24 -50.15 -26.12
CA ARG H 301 -0.81 -50.58 -27.39
C ARG H 301 -0.67 -49.47 -28.45
N ILE H 302 -0.32 -48.25 -27.98
CA ILE H 302 -0.18 -47.03 -28.76
C ILE H 302 0.71 -46.05 -28.01
N GLY H 303 1.49 -45.26 -28.74
CA GLY H 303 2.32 -44.21 -28.18
C GLY H 303 1.44 -43.07 -27.72
N LEU H 304 1.77 -42.43 -26.59
CA LEU H 304 0.91 -41.34 -26.14
C LEU H 304 1.44 -39.96 -26.58
N ASP H 305 0.51 -38.98 -26.68
CA ASP H 305 0.83 -37.59 -27.02
C ASP H 305 0.86 -36.77 -25.73
N LEU H 306 2.07 -36.55 -25.18
CA LEU H 306 2.18 -35.81 -23.93
C LEU H 306 1.52 -34.43 -23.93
N PRO H 307 1.83 -33.47 -24.84
CA PRO H 307 1.14 -32.17 -24.78
C PRO H 307 -0.36 -32.31 -24.88
N ALA H 308 -0.86 -33.33 -25.64
CA ALA H 308 -2.30 -33.58 -25.80
C ALA H 308 -2.91 -34.19 -24.53
N LEU H 309 -2.14 -35.03 -23.79
CA LEU H 309 -2.58 -35.56 -22.50
C LEU H 309 -2.83 -34.38 -21.56
N ASN H 310 -1.83 -33.49 -21.44
CA ASN H 310 -1.79 -32.27 -20.63
C ASN H 310 -3.03 -31.41 -20.83
N MET H 311 -3.42 -31.23 -22.09
CA MET H 311 -4.54 -30.37 -22.44
C MET H 311 -5.87 -30.97 -22.07
N GLN H 312 -6.07 -32.26 -22.40
CA GLN H 312 -7.27 -33.03 -22.09
C GLN H 312 -7.42 -33.11 -20.54
N ARG H 313 -6.26 -33.14 -19.84
CA ARG H 313 -6.19 -33.16 -18.39
C ARG H 313 -6.71 -31.86 -17.77
N SER H 314 -6.40 -30.69 -18.38
CA SER H 314 -6.89 -29.40 -17.88
C SER H 314 -8.38 -29.28 -18.08
N ARG H 315 -8.90 -30.02 -19.06
CA ARG H 315 -10.32 -30.02 -19.37
C ARG H 315 -10.96 -30.96 -18.42
N ASP H 316 -10.26 -32.07 -18.10
CA ASP H 316 -10.70 -33.09 -17.14
C ASP H 316 -10.86 -32.42 -15.78
N HIS H 317 -9.85 -31.66 -15.38
CA HIS H 317 -9.74 -30.92 -14.14
C HIS H 317 -10.63 -29.69 -14.16
N GLY H 318 -11.33 -29.50 -15.26
CA GLY H 318 -12.22 -28.39 -15.52
C GLY H 318 -11.61 -27.02 -15.35
N LEU H 319 -10.27 -26.91 -15.50
CA LEU H 319 -9.57 -25.64 -15.32
C LEU H 319 -10.01 -24.55 -16.32
N PRO H 320 -10.13 -23.27 -15.87
CA PRO H 320 -10.43 -22.18 -16.82
C PRO H 320 -9.35 -22.00 -17.88
N GLY H 321 -9.68 -21.27 -18.94
CA GLY H 321 -8.77 -21.00 -20.06
C GLY H 321 -7.72 -19.94 -19.80
N TYR H 322 -6.89 -19.68 -20.83
CA TYR H 322 -5.79 -18.71 -20.83
C TYR H 322 -6.07 -17.30 -20.23
N ASN H 323 -7.10 -16.60 -20.75
CA ASN H 323 -7.46 -15.24 -20.28
C ASN H 323 -7.90 -15.20 -18.85
N ALA H 324 -8.74 -16.15 -18.42
CA ALA H 324 -9.22 -16.25 -17.04
C ALA H 324 -8.03 -16.31 -16.12
N TRP H 325 -6.99 -17.08 -16.53
CA TRP H 325 -5.73 -17.21 -15.78
C TRP H 325 -4.86 -15.97 -15.85
N ARG H 326 -4.88 -15.28 -16.99
CA ARG H 326 -4.13 -14.04 -17.12
C ARG H 326 -4.77 -13.06 -16.18
N ARG H 327 -6.13 -12.96 -16.19
CA ARG H 327 -6.93 -12.07 -15.35
C ARG H 327 -6.55 -12.22 -13.87
N PHE H 328 -6.66 -13.45 -13.33
CA PHE H 328 -6.31 -13.87 -11.98
C PHE H 328 -4.93 -13.35 -11.56
N CYS H 329 -3.95 -13.46 -12.49
CA CYS H 329 -2.56 -13.01 -12.31
C CYS H 329 -2.40 -11.51 -12.35
N GLY H 330 -3.39 -10.82 -12.90
CA GLY H 330 -3.37 -9.36 -13.01
C GLY H 330 -2.63 -8.94 -14.25
N LEU H 331 -2.88 -9.69 -15.35
CA LEU H 331 -2.27 -9.52 -16.66
C LEU H 331 -3.33 -9.26 -17.73
N PRO H 332 -3.03 -8.42 -18.77
CA PRO H 332 -4.00 -8.18 -19.85
C PRO H 332 -4.48 -9.46 -20.54
N GLN H 333 -5.76 -9.49 -20.87
CA GLN H 333 -6.43 -10.66 -21.43
C GLN H 333 -6.74 -10.37 -22.90
N PRO H 334 -5.92 -10.88 -23.86
CA PRO H 334 -6.18 -10.59 -25.28
C PRO H 334 -7.57 -10.97 -25.77
N GLU H 335 -8.32 -9.99 -26.32
CA GLU H 335 -9.67 -10.25 -26.84
C GLU H 335 -9.61 -10.96 -28.19
N THR H 336 -8.63 -10.55 -29.04
CA THR H 336 -8.44 -11.05 -30.41
C THR H 336 -6.98 -11.36 -30.81
N VAL H 337 -6.84 -12.05 -31.97
CA VAL H 337 -5.61 -12.49 -32.65
C VAL H 337 -4.48 -11.44 -32.75
N GLY H 338 -4.86 -10.18 -32.96
CA GLY H 338 -3.92 -9.06 -33.00
C GLY H 338 -3.43 -8.69 -31.61
N GLN H 339 -4.31 -8.84 -30.61
CA GLN H 339 -3.99 -8.54 -29.21
C GLN H 339 -3.10 -9.64 -28.66
N LEU H 340 -3.45 -10.92 -28.97
CA LEU H 340 -2.70 -12.12 -28.58
C LEU H 340 -1.29 -12.00 -29.15
N GLY H 341 -1.20 -11.53 -30.40
CA GLY H 341 0.04 -11.28 -31.11
C GLY H 341 0.97 -10.47 -30.24
N THR H 342 0.51 -9.29 -29.78
CA THR H 342 1.29 -8.38 -28.91
C THR H 342 1.76 -9.06 -27.60
N VAL H 343 0.85 -9.76 -26.91
CA VAL H 343 1.12 -10.48 -25.65
C VAL H 343 2.22 -11.51 -25.93
N LEU H 344 1.97 -12.37 -26.94
CA LEU H 344 2.91 -13.42 -27.33
C LEU H 344 4.20 -12.94 -28.03
N ARG H 345 4.17 -11.71 -28.69
CA ARG H 345 5.25 -11.09 -29.50
C ARG H 345 5.60 -12.02 -30.68
N ASN H 346 4.57 -12.69 -31.25
CA ASN H 346 4.69 -13.67 -32.34
C ASN H 346 3.34 -13.85 -33.05
N LEU H 347 3.11 -13.07 -34.13
CA LEU H 347 1.84 -13.15 -34.87
C LEU H 347 1.57 -14.52 -35.45
N LYS H 348 2.63 -15.26 -35.81
CA LYS H 348 2.51 -16.59 -36.39
C LYS H 348 1.78 -17.50 -35.40
N LEU H 349 2.28 -17.57 -34.14
CA LEU H 349 1.68 -18.38 -33.08
C LEU H 349 0.25 -17.96 -32.73
N ALA H 350 0.02 -16.65 -32.56
CA ALA H 350 -1.29 -16.10 -32.25
C ALA H 350 -2.30 -16.56 -33.30
N ARG H 351 -1.95 -16.44 -34.60
CA ARG H 351 -2.80 -16.88 -35.71
C ARG H 351 -3.02 -18.40 -35.70
N LYS H 352 -1.96 -19.19 -35.40
CA LYS H 352 -2.01 -20.65 -35.29
C LYS H 352 -2.93 -21.05 -34.14
N LEU H 353 -2.76 -20.40 -32.95
CA LEU H 353 -3.57 -20.65 -31.76
C LEU H 353 -5.04 -20.28 -31.98
N MET H 354 -5.30 -19.08 -32.56
CA MET H 354 -6.67 -18.62 -32.86
C MET H 354 -7.37 -19.52 -33.89
N GLU H 355 -6.59 -20.15 -34.82
CA GLU H 355 -7.13 -21.06 -35.82
C GLU H 355 -7.75 -22.24 -35.10
N GLN H 356 -7.01 -22.83 -34.15
CA GLN H 356 -7.41 -23.98 -33.35
C GLN H 356 -8.48 -23.59 -32.35
N TYR H 357 -8.18 -22.57 -31.53
CA TYR H 357 -9.06 -22.17 -30.45
C TYR H 357 -10.30 -21.40 -30.82
N GLY H 358 -10.15 -20.27 -31.48
CA GLY H 358 -11.27 -19.42 -31.85
C GLY H 358 -11.22 -18.13 -31.06
N THR H 359 -10.81 -18.22 -29.77
CA THR H 359 -10.69 -17.11 -28.83
C THR H 359 -9.68 -17.45 -27.73
N PRO H 360 -8.84 -16.46 -27.27
CA PRO H 360 -7.86 -16.76 -26.22
C PRO H 360 -8.51 -17.36 -24.99
N ASN H 361 -9.74 -16.88 -24.64
CA ASN H 361 -10.60 -17.34 -23.55
C ASN H 361 -10.59 -18.87 -23.38
N ASN H 362 -10.61 -19.64 -24.50
CA ASN H 362 -10.59 -21.11 -24.52
C ASN H 362 -9.19 -21.77 -24.71
N ILE H 363 -8.08 -20.99 -24.69
CA ILE H 363 -6.76 -21.61 -24.86
C ILE H 363 -6.39 -22.41 -23.60
N ASP H 364 -6.25 -23.75 -23.75
CA ASP H 364 -5.87 -24.68 -22.68
C ASP H 364 -4.66 -24.11 -21.92
N ILE H 365 -4.76 -24.01 -20.60
CA ILE H 365 -3.72 -23.42 -19.76
C ILE H 365 -2.27 -23.79 -20.12
N TRP H 366 -1.93 -25.11 -20.21
CA TRP H 366 -0.56 -25.51 -20.58
C TRP H 366 -0.15 -24.85 -21.89
N MET H 367 -1.00 -24.96 -22.95
CA MET H 367 -0.77 -24.38 -24.28
C MET H 367 -0.47 -22.88 -24.26
N GLY H 368 -1.41 -22.08 -23.75
CA GLY H 368 -1.26 -20.63 -23.65
C GLY H 368 -0.06 -20.16 -22.85
N GLY H 369 0.24 -20.89 -21.77
CA GLY H 369 1.36 -20.59 -20.90
C GLY H 369 2.72 -20.91 -21.52
N VAL H 370 2.86 -22.07 -22.21
CA VAL H 370 4.14 -22.49 -22.81
C VAL H 370 4.45 -21.69 -24.07
N SER H 371 3.39 -21.06 -24.64
CA SER H 371 3.38 -20.23 -25.84
C SER H 371 3.92 -18.86 -25.55
N GLU H 372 3.70 -18.38 -24.31
CA GLU H 372 4.18 -17.08 -23.86
C GLU H 372 5.71 -16.92 -23.96
N PRO H 373 6.19 -15.72 -24.39
CA PRO H 373 7.63 -15.52 -24.47
C PRO H 373 8.27 -15.50 -23.09
N LEU H 374 9.43 -16.15 -22.99
CA LEU H 374 10.23 -16.35 -21.79
C LEU H 374 10.65 -15.01 -21.16
N LYS H 375 10.90 -15.01 -19.84
CA LYS H 375 11.35 -13.83 -19.09
C LYS H 375 12.89 -13.73 -19.16
N ARG H 376 13.46 -12.53 -18.91
CA ARG H 376 14.89 -12.27 -18.86
C ARG H 376 15.46 -13.14 -17.72
N LYS H 377 16.40 -14.06 -18.04
CA LYS H 377 17.01 -15.05 -17.11
C LYS H 377 15.99 -16.08 -16.57
N GLY H 378 14.94 -16.32 -17.34
CA GLY H 378 13.88 -17.23 -16.95
C GLY H 378 13.40 -18.11 -18.07
N ARG H 379 12.90 -19.30 -17.70
CA ARG H 379 12.41 -20.29 -18.65
C ARG H 379 10.88 -20.36 -18.73
N VAL H 380 10.18 -19.38 -18.09
CA VAL H 380 8.70 -19.25 -18.13
C VAL H 380 8.29 -17.81 -18.47
N GLY H 381 7.10 -17.68 -19.05
CA GLY H 381 6.54 -16.37 -19.38
C GLY H 381 5.88 -15.69 -18.19
N PRO H 382 5.23 -14.52 -18.39
CA PRO H 382 4.56 -13.86 -17.25
C PRO H 382 3.47 -14.71 -16.57
N LEU H 383 2.65 -15.46 -17.33
CA LEU H 383 1.57 -16.28 -16.76
C LEU H 383 2.08 -17.42 -15.89
N LEU H 384 2.94 -18.29 -16.47
CA LEU H 384 3.57 -19.41 -15.76
C LEU H 384 4.36 -18.96 -14.53
N ALA H 385 5.13 -17.83 -14.64
CA ALA H 385 5.90 -17.23 -13.54
C ALA H 385 4.98 -16.91 -12.39
N CYS H 386 3.78 -16.38 -12.73
CA CYS H 386 2.81 -16.04 -11.72
C CYS H 386 2.37 -17.25 -10.94
N ILE H 387 1.71 -18.23 -11.60
CA ILE H 387 1.20 -19.45 -10.98
C ILE H 387 2.29 -20.16 -10.18
N ILE H 388 3.42 -20.50 -10.86
CA ILE H 388 4.57 -21.19 -10.28
C ILE H 388 5.08 -20.46 -9.05
N GLY H 389 5.41 -19.19 -9.19
CA GLY H 389 5.91 -18.38 -8.07
C GLY H 389 4.93 -18.23 -6.92
N THR H 390 3.66 -18.00 -7.25
CA THR H 390 2.57 -17.87 -6.29
C THR H 390 2.46 -19.14 -5.42
N GLN H 391 2.45 -20.32 -6.08
CA GLN H 391 2.35 -21.63 -5.45
C GLN H 391 3.51 -21.86 -4.52
N PHE H 392 4.74 -21.62 -4.99
CA PHE H 392 5.93 -21.83 -4.18
C PHE H 392 5.99 -21.01 -2.92
N ARG H 393 5.61 -19.71 -2.98
CA ARG H 393 5.60 -18.87 -1.79
C ARG H 393 4.64 -19.43 -0.74
N LYS H 394 3.50 -19.94 -1.19
CA LYS H 394 2.46 -20.54 -0.34
C LYS H 394 2.98 -21.83 0.32
N LEU H 395 3.81 -22.62 -0.42
CA LEU H 395 4.44 -23.87 0.03
C LEU H 395 5.51 -23.60 1.05
N ARG H 396 6.21 -22.45 0.90
CA ARG H 396 7.29 -21.96 1.75
C ARG H 396 6.78 -21.30 3.04
N ASP H 397 5.98 -20.21 2.92
CA ASP H 397 5.48 -19.44 4.06
C ASP H 397 4.39 -20.12 4.88
N GLY H 398 3.76 -21.14 4.32
CA GLY H 398 2.72 -21.90 5.00
C GLY H 398 3.24 -23.23 5.49
N ASP H 399 4.58 -23.35 5.61
CA ASP H 399 5.26 -24.57 6.04
C ASP H 399 5.77 -24.36 7.45
N ARG H 400 5.17 -25.05 8.44
CA ARG H 400 5.59 -24.92 9.83
C ARG H 400 6.99 -25.50 10.10
N PHE H 401 7.46 -26.37 9.18
CA PHE H 401 8.77 -27.04 9.21
C PHE H 401 9.72 -26.52 8.12
N TRP H 402 9.58 -25.25 7.74
CA TRP H 402 10.48 -24.63 6.76
C TRP H 402 11.81 -24.44 7.45
N TRP H 403 12.90 -24.83 6.76
CA TRP H 403 14.27 -24.80 7.26
C TRP H 403 14.74 -23.49 7.94
N GLU H 404 14.21 -22.32 7.51
CA GLU H 404 14.57 -21.02 8.07
C GLU H 404 13.76 -20.64 9.31
N ASN H 405 12.67 -21.37 9.57
CA ASN H 405 11.77 -21.09 10.68
C ASN H 405 12.42 -21.46 12.02
N GLU H 406 12.24 -20.58 13.03
CA GLU H 406 12.77 -20.79 14.38
C GLU H 406 12.10 -22.01 15.04
N GLY H 407 12.89 -22.79 15.79
CA GLY H 407 12.43 -24.00 16.46
C GLY H 407 12.68 -25.29 15.70
N VAL H 408 12.76 -25.21 14.36
CA VAL H 408 13.04 -26.35 13.48
C VAL H 408 14.55 -26.65 13.57
N PHE H 409 15.39 -25.64 13.30
CA PHE H 409 16.85 -25.74 13.36
C PHE H 409 17.41 -24.55 14.17
N SER H 410 18.67 -24.68 14.66
CA SER H 410 19.37 -23.64 15.40
C SER H 410 20.17 -22.78 14.42
N MET H 411 20.62 -21.59 14.86
CA MET H 411 21.41 -20.62 14.07
C MET H 411 22.63 -21.36 13.49
N GLN H 412 23.17 -22.34 14.26
CA GLN H 412 24.33 -23.17 13.91
C GLN H 412 24.00 -24.20 12.84
N GLN H 413 22.96 -25.04 13.07
CA GLN H 413 22.49 -26.08 12.14
C GLN H 413 22.14 -25.47 10.77
N ARG H 414 21.55 -24.23 10.78
CA ARG H 414 21.16 -23.46 9.60
C ARG H 414 22.41 -22.98 8.86
N GLN H 415 23.32 -22.24 9.56
CA GLN H 415 24.59 -21.72 9.02
C GLN H 415 25.47 -22.84 8.42
N ALA H 416 25.22 -24.11 8.86
CA ALA H 416 25.85 -25.35 8.39
C ALA H 416 25.10 -25.87 7.16
N LEU H 417 23.73 -25.83 7.20
CA LEU H 417 22.86 -26.29 6.10
C LEU H 417 22.99 -25.40 4.86
N ALA H 418 23.36 -24.12 5.03
CA ALA H 418 23.52 -23.13 3.96
C ALA H 418 24.62 -23.53 2.97
N GLN H 419 25.68 -24.15 3.50
CA GLN H 419 26.84 -24.60 2.74
C GLN H 419 26.60 -25.77 1.79
N ILE H 420 25.41 -26.44 1.91
CA ILE H 420 25.02 -27.58 1.05
C ILE H 420 24.81 -27.20 -0.42
N SER H 421 24.77 -28.23 -1.29
CA SER H 421 24.56 -28.11 -2.73
C SER H 421 24.28 -29.49 -3.31
N LEU H 422 23.59 -29.53 -4.46
CA LEU H 422 23.31 -30.77 -5.19
C LEU H 422 24.67 -31.34 -5.68
N PRO H 423 25.61 -30.55 -6.29
CA PRO H 423 26.92 -31.13 -6.67
C PRO H 423 27.64 -31.88 -5.53
N ARG H 424 27.74 -31.26 -4.33
CA ARG H 424 28.35 -31.87 -3.14
C ARG H 424 27.65 -33.16 -2.72
N ILE H 425 26.32 -33.25 -2.91
CA ILE H 425 25.54 -34.45 -2.58
C ILE H 425 25.97 -35.60 -3.50
N ILE H 426 26.14 -35.30 -4.80
CA ILE H 426 26.54 -36.26 -5.83
C ILE H 426 27.84 -37.02 -5.48
N CYS H 427 28.87 -36.27 -5.05
CA CYS H 427 30.17 -36.80 -4.68
C CYS H 427 30.09 -37.72 -3.46
N ASP H 428 29.31 -37.29 -2.46
CA ASP H 428 29.10 -38.02 -1.21
C ASP H 428 28.25 -39.31 -1.38
N ASN H 429 27.75 -39.58 -2.61
CA ASN H 429 26.89 -40.73 -2.92
C ASN H 429 27.23 -41.46 -4.23
N THR H 430 28.28 -41.01 -4.96
CA THR H 430 28.72 -41.65 -6.23
C THR H 430 30.27 -41.76 -6.36
N GLY H 431 30.70 -42.35 -7.47
CA GLY H 431 32.11 -42.48 -7.82
C GLY H 431 32.54 -41.36 -8.75
N ILE H 432 31.78 -40.25 -8.76
CA ILE H 432 32.04 -39.07 -9.59
C ILE H 432 32.94 -38.07 -8.82
N THR H 433 34.05 -37.68 -9.46
CA THR H 433 35.05 -36.76 -8.91
C THR H 433 35.07 -35.39 -9.59
N THR H 434 34.31 -35.23 -10.67
CA THR H 434 34.23 -33.96 -11.40
C THR H 434 32.75 -33.64 -11.51
N VAL H 435 32.30 -32.60 -10.77
CA VAL H 435 30.89 -32.17 -10.72
C VAL H 435 30.71 -30.68 -11.05
N SER H 436 29.54 -30.33 -11.65
CA SER H 436 29.13 -28.98 -12.08
C SER H 436 29.39 -27.93 -11.00
N LYS H 437 30.05 -26.83 -11.36
CA LYS H 437 30.32 -25.72 -10.45
C LYS H 437 29.03 -24.94 -10.25
N ASN H 438 28.70 -24.61 -8.98
CA ASN H 438 27.50 -23.87 -8.59
C ASN H 438 27.31 -22.64 -9.48
N ASN H 439 26.15 -22.47 -10.15
CA ASN H 439 24.86 -23.18 -10.02
C ASN H 439 24.68 -24.33 -11.04
N ILE H 440 24.46 -25.57 -10.51
CA ILE H 440 24.26 -26.84 -11.24
C ILE H 440 23.32 -26.76 -12.48
N PHE H 441 22.19 -26.02 -12.34
CA PHE H 441 21.21 -25.88 -13.40
C PHE H 441 21.67 -25.01 -14.57
N MET H 442 22.70 -24.16 -14.35
CA MET H 442 23.26 -23.32 -15.41
C MET H 442 24.47 -24.01 -16.08
N SER H 443 25.33 -24.66 -15.26
CA SER H 443 26.54 -25.36 -15.70
C SER H 443 26.22 -26.51 -16.68
N ASN H 444 26.43 -26.26 -18.00
CA ASN H 444 26.10 -27.24 -19.04
C ASN H 444 27.27 -27.76 -19.92
N SER H 445 28.49 -27.22 -19.74
CA SER H 445 29.64 -27.61 -20.58
C SER H 445 30.82 -28.19 -19.84
N TYR H 446 31.30 -29.36 -20.30
CA TYR H 446 32.49 -30.01 -19.73
C TYR H 446 33.72 -29.75 -20.60
N PRO H 447 34.88 -29.37 -20.00
CA PRO H 447 35.15 -29.16 -18.58
C PRO H 447 35.04 -27.71 -18.11
N ARG H 448 34.58 -26.78 -19.00
CA ARG H 448 34.45 -25.33 -18.76
C ARG H 448 33.68 -25.01 -17.48
N ASP H 449 32.56 -25.69 -17.25
CA ASP H 449 31.68 -25.47 -16.10
C ASP H 449 31.77 -26.56 -15.01
N PHE H 450 32.82 -27.40 -15.07
CA PHE H 450 33.05 -28.48 -14.10
C PHE H 450 34.22 -28.22 -13.19
N VAL H 451 34.12 -28.72 -11.94
CA VAL H 451 35.12 -28.59 -10.87
C VAL H 451 35.27 -29.93 -10.12
N ASN H 452 36.36 -30.10 -9.38
CA ASN H 452 36.57 -31.32 -8.60
C ASN H 452 36.12 -31.11 -7.15
N CYS H 453 35.61 -32.18 -6.50
CA CYS H 453 35.08 -32.22 -5.12
C CYS H 453 35.93 -31.68 -4.00
N SER H 454 37.25 -31.96 -3.99
CA SER H 454 38.20 -31.52 -2.96
C SER H 454 37.97 -30.06 -2.57
N THR H 455 37.72 -29.22 -3.59
CA THR H 455 37.44 -27.78 -3.53
C THR H 455 36.06 -27.45 -2.88
N LEU H 456 35.03 -28.31 -3.14
CA LEU H 456 33.67 -28.16 -2.60
C LEU H 456 33.59 -28.62 -1.14
N PRO H 457 33.00 -27.80 -0.24
CA PRO H 457 32.90 -28.20 1.17
C PRO H 457 31.80 -29.23 1.44
N ALA H 458 31.87 -29.86 2.62
CA ALA H 458 30.90 -30.85 3.07
C ALA H 458 30.12 -30.29 4.25
N LEU H 459 28.94 -30.90 4.51
CA LEU H 459 28.05 -30.48 5.57
C LEU H 459 28.62 -30.81 6.95
N ASN H 460 28.91 -29.76 7.75
CA ASN H 460 29.48 -29.94 9.08
C ASN H 460 28.43 -30.19 10.17
N LEU H 461 28.10 -31.47 10.37
CA LEU H 461 27.12 -31.95 11.36
C LEU H 461 27.57 -31.74 12.84
N ALA H 462 28.53 -30.81 13.07
CA ALA H 462 29.05 -30.44 14.39
C ALA H 462 27.89 -29.90 15.23
N SER H 463 27.08 -29.02 14.61
CA SER H 463 25.89 -28.39 15.17
C SER H 463 24.80 -29.38 15.56
N TRP H 464 24.84 -30.62 15.00
CA TRP H 464 23.87 -31.67 15.31
C TRP H 464 24.26 -32.46 16.59
N ARG H 465 25.53 -32.34 17.05
CA ARG H 465 26.05 -33.02 18.24
C ARG H 465 25.41 -32.53 19.54
N GLU H 466 24.77 -33.46 20.27
CA GLU H 466 24.07 -33.21 21.53
C GLU H 466 24.96 -33.55 22.74
#